data_8HXS
# 
_entry.id   8HXS 
# 
_audit_conform.dict_name       mmcif_pdbx.dic 
_audit_conform.dict_version    5.398 
_audit_conform.dict_location   http://mmcif.pdb.org/dictionaries/ascii/mmcif_pdbx.dic 
# 
loop_
_database_2.database_id 
_database_2.database_code 
_database_2.pdbx_database_accession 
_database_2.pdbx_DOI 
PDB   8HXS         pdb_00008hxs 10.2210/pdb8hxs/pdb 
WWPDB D_1300034555 ?            ?                   
# 
loop_
_pdbx_audit_revision_history.ordinal 
_pdbx_audit_revision_history.data_content_type 
_pdbx_audit_revision_history.major_revision 
_pdbx_audit_revision_history.minor_revision 
_pdbx_audit_revision_history.revision_date 
1 'Structure model' 1 0 2023-02-22 
2 'Structure model' 1 1 2024-03-13 
3 'Structure model' 1 2 2024-04-17 
4 'Structure model' 1 3 2024-11-13 
# 
_pdbx_audit_revision_details.ordinal             1 
_pdbx_audit_revision_details.revision_ordinal    1 
_pdbx_audit_revision_details.data_content_type   'Structure model' 
_pdbx_audit_revision_details.provider            repository 
_pdbx_audit_revision_details.type                'Initial release' 
_pdbx_audit_revision_details.description         ? 
_pdbx_audit_revision_details.details             ? 
# 
loop_
_pdbx_audit_revision_group.ordinal 
_pdbx_audit_revision_group.revision_ordinal 
_pdbx_audit_revision_group.data_content_type 
_pdbx_audit_revision_group.group 
1 2 'Structure model' 'Data collection'      
2 2 'Structure model' 'Database references'  
3 3 'Structure model' 'Derived calculations' 
4 4 'Structure model' 'Structure summary'    
# 
loop_
_pdbx_audit_revision_category.ordinal 
_pdbx_audit_revision_category.revision_ordinal 
_pdbx_audit_revision_category.data_content_type 
_pdbx_audit_revision_category.category 
1  2 'Structure model' chem_comp_atom            
2  2 'Structure model' chem_comp_bond            
3  2 'Structure model' citation                  
4  2 'Structure model' citation_author           
5  3 'Structure model' pdbx_struct_assembly      
6  3 'Structure model' pdbx_struct_assembly_gen  
7  3 'Structure model' pdbx_struct_assembly_prop 
8  3 'Structure model' pdbx_struct_oper_list     
9  4 'Structure model' pdbx_entry_details        
10 4 'Structure model' pdbx_modification_feature 
# 
loop_
_pdbx_audit_revision_item.ordinal 
_pdbx_audit_revision_item.revision_ordinal 
_pdbx_audit_revision_item.data_content_type 
_pdbx_audit_revision_item.item 
1  2 'Structure model' '_citation.country'                         
2  2 'Structure model' '_citation.journal_abbrev'                  
3  2 'Structure model' '_citation.journal_id_CSD'                  
4  2 'Structure model' '_citation.journal_id_ISSN'                 
5  2 'Structure model' '_citation.journal_volume'                  
6  2 'Structure model' '_citation.page_first'                      
7  2 'Structure model' '_citation.page_last'                       
8  2 'Structure model' '_citation.pdbx_database_id_DOI'            
9  2 'Structure model' '_citation.pdbx_database_id_PubMed'         
10 2 'Structure model' '_citation.title'                           
11 2 'Structure model' '_citation.year'                            
12 3 'Structure model' '_pdbx_struct_assembly.details'             
13 3 'Structure model' '_pdbx_struct_assembly.method_details'      
14 3 'Structure model' '_pdbx_struct_assembly.oligomeric_count'    
15 3 'Structure model' '_pdbx_struct_assembly.oligomeric_details'  
16 3 'Structure model' '_pdbx_struct_assembly_gen.oper_expression' 
# 
_pdbx_database_status.status_code                     REL 
_pdbx_database_status.status_code_sf                  REL 
_pdbx_database_status.status_code_mr                  ? 
_pdbx_database_status.entry_id                        8HXS 
_pdbx_database_status.recvd_initial_deposition_date   2023-01-05 
_pdbx_database_status.SG_entry                        N 
_pdbx_database_status.deposit_site                    PDBJ 
_pdbx_database_status.process_site                    PDBJ 
_pdbx_database_status.status_code_cs                  ? 
_pdbx_database_status.status_code_nmr_data            ? 
_pdbx_database_status.methods_development_category    ? 
_pdbx_database_status.pdb_format_compatible           Y 
# 
_pdbx_contact_author.id                 2 
_pdbx_contact_author.email              jzou@shou.edu.cn 
_pdbx_contact_author.name_first         jun 
_pdbx_contact_author.name_last          zou 
_pdbx_contact_author.name_mi            ? 
_pdbx_contact_author.role               'principal investigator/group leader' 
_pdbx_contact_author.identifier_ORCID   0000-0003-1440-9029 
# 
loop_
_audit_author.name 
_audit_author.pdbx_ordinal 
_audit_author.identifier_ORCID 
'Wang, J.' 1 0000-0003-4440-9409 
'Zou, J.'  2 0000-0003-1440-9029 
# 
_citation.abstract                  ? 
_citation.abstract_id_CAS           ? 
_citation.book_id_ISBN              ? 
_citation.book_publisher            ? 
_citation.book_publisher_city       ? 
_citation.book_title                ? 
_citation.coordinate_linkage        ? 
_citation.country                   CH 
_citation.database_id_Medline       ? 
_citation.details                   ? 
_citation.id                        primary 
_citation.journal_abbrev            'Front Immunol' 
_citation.journal_id_ASTM           ? 
_citation.journal_id_CSD            ? 
_citation.journal_id_ISSN           1664-3224 
_citation.journal_full              ? 
_citation.journal_issue             ? 
_citation.journal_volume            14 
_citation.language                  ? 
_citation.page_first                1156219 
_citation.page_last                 1156219 
_citation.title                     'The first crystal structure of CD8 alpha alpha from a cartilaginous fish.' 
_citation.year                      2023 
_citation.database_id_CSD           ? 
_citation.pdbx_database_id_DOI      10.3389/fimmu.2023.1156219 
_citation.pdbx_database_id_PubMed   37122697 
_citation.pdbx_database_id_patent   ? 
_citation.unpublished_flag          ? 
# 
loop_
_citation_author.citation_id 
_citation_author.name 
_citation_author.ordinal 
_citation_author.identifier_ORCID 
primary 'Jia, Z.'    1 ? 
primary 'Feng, J.'   2 ? 
primary 'Dooley, H.' 3 ? 
primary 'Zou, J.'    4 ? 
primary 'Wang, J.'   5 ? 
# 
loop_
_entity.id 
_entity.type 
_entity.src_method 
_entity.pdbx_description 
_entity.formula_weight 
_entity.pdbx_number_of_molecules 
_entity.pdbx_ec 
_entity.pdbx_mutation 
_entity.pdbx_fragment 
_entity.details 
1 polymer man 'T-cell surface glycoprotein CD8 alpha chain' 11322.787 1   ? ? ? ? 
2 water   nat water                                         18.015    125 ? ? ? ? 
# 
_entity_poly.entity_id                      1 
_entity_poly.type                           'polypeptide(L)' 
_entity_poly.nstd_linkage                   no 
_entity_poly.nstd_monomer                   no 
_entity_poly.pdbx_seq_one_letter_code       
;QSTRVEEGSKVAISCSLMADEGVHWFRQGKKPNPEFLVYISGIGSQNPAAKDKYSADKSSQKVTLTVKDFRKEDSGKYYC
LMVKNRALTFGKPQDYYVEE
;
_entity_poly.pdbx_seq_one_letter_code_can   
;QSTRVEEGSKVAISCSLMADEGVHWFRQGKKPNPEFLVYISGIGSQNPAAKDKYSADKSSQKVTLTVKDFRKEDSGKYYC
LMVKNRALTFGKPQDYYVEE
;
_entity_poly.pdbx_strand_id                 A 
_entity_poly.pdbx_target_identifier         ? 
# 
_pdbx_entity_nonpoly.entity_id   2 
_pdbx_entity_nonpoly.name        water 
_pdbx_entity_nonpoly.comp_id     HOH 
# 
loop_
_entity_poly_seq.entity_id 
_entity_poly_seq.num 
_entity_poly_seq.mon_id 
_entity_poly_seq.hetero 
1 1   GLN n 
1 2   SER n 
1 3   THR n 
1 4   ARG n 
1 5   VAL n 
1 6   GLU n 
1 7   GLU n 
1 8   GLY n 
1 9   SER n 
1 10  LYS n 
1 11  VAL n 
1 12  ALA n 
1 13  ILE n 
1 14  SER n 
1 15  CYS n 
1 16  SER n 
1 17  LEU n 
1 18  MET n 
1 19  ALA n 
1 20  ASP n 
1 21  GLU n 
1 22  GLY n 
1 23  VAL n 
1 24  HIS n 
1 25  TRP n 
1 26  PHE n 
1 27  ARG n 
1 28  GLN n 
1 29  GLY n 
1 30  LYS n 
1 31  LYS n 
1 32  PRO n 
1 33  ASN n 
1 34  PRO n 
1 35  GLU n 
1 36  PHE n 
1 37  LEU n 
1 38  VAL n 
1 39  TYR n 
1 40  ILE n 
1 41  SER n 
1 42  GLY n 
1 43  ILE n 
1 44  GLY n 
1 45  SER n 
1 46  GLN n 
1 47  ASN n 
1 48  PRO n 
1 49  ALA n 
1 50  ALA n 
1 51  LYS n 
1 52  ASP n 
1 53  LYS n 
1 54  TYR n 
1 55  SER n 
1 56  ALA n 
1 57  ASP n 
1 58  LYS n 
1 59  SER n 
1 60  SER n 
1 61  GLN n 
1 62  LYS n 
1 63  VAL n 
1 64  THR n 
1 65  LEU n 
1 66  THR n 
1 67  VAL n 
1 68  LYS n 
1 69  ASP n 
1 70  PHE n 
1 71  ARG n 
1 72  LYS n 
1 73  GLU n 
1 74  ASP n 
1 75  SER n 
1 76  GLY n 
1 77  LYS n 
1 78  TYR n 
1 79  TYR n 
1 80  CYS n 
1 81  LEU n 
1 82  MET n 
1 83  VAL n 
1 84  LYS n 
1 85  ASN n 
1 86  ARG n 
1 87  ALA n 
1 88  LEU n 
1 89  THR n 
1 90  PHE n 
1 91  GLY n 
1 92  LYS n 
1 93  PRO n 
1 94  GLN n 
1 95  ASP n 
1 96  TYR n 
1 97  TYR n 
1 98  VAL n 
1 99  GLU n 
1 100 GLU n 
# 
_entity_src_gen.entity_id                          1 
_entity_src_gen.pdbx_src_id                        1 
_entity_src_gen.pdbx_alt_source_flag               sample 
_entity_src_gen.pdbx_seq_type                      'Biological sequence' 
_entity_src_gen.pdbx_beg_seq_num                   1 
_entity_src_gen.pdbx_end_seq_num                   100 
_entity_src_gen.gene_src_common_name               'smaller spotted catshark' 
_entity_src_gen.gene_src_genus                     ? 
_entity_src_gen.pdbx_gene_src_gene                 ? 
_entity_src_gen.gene_src_species                   ? 
_entity_src_gen.gene_src_strain                    ? 
_entity_src_gen.gene_src_tissue                    ? 
_entity_src_gen.gene_src_tissue_fraction           ? 
_entity_src_gen.gene_src_details                   ? 
_entity_src_gen.pdbx_gene_src_fragment             ? 
_entity_src_gen.pdbx_gene_src_scientific_name      'Scyliorhinus canicula' 
_entity_src_gen.pdbx_gene_src_ncbi_taxonomy_id     7830 
_entity_src_gen.pdbx_gene_src_variant              ? 
_entity_src_gen.pdbx_gene_src_cell_line            ? 
_entity_src_gen.pdbx_gene_src_atcc                 ? 
_entity_src_gen.pdbx_gene_src_organ                ? 
_entity_src_gen.pdbx_gene_src_organelle            ? 
_entity_src_gen.pdbx_gene_src_cell                 ? 
_entity_src_gen.pdbx_gene_src_cellular_location    ? 
_entity_src_gen.host_org_common_name               ? 
_entity_src_gen.pdbx_host_org_scientific_name      'Escherichia coli' 
_entity_src_gen.pdbx_host_org_ncbi_taxonomy_id     562 
_entity_src_gen.host_org_genus                     ? 
_entity_src_gen.pdbx_host_org_gene                 ? 
_entity_src_gen.pdbx_host_org_organ                ? 
_entity_src_gen.host_org_species                   ? 
_entity_src_gen.pdbx_host_org_tissue               ? 
_entity_src_gen.pdbx_host_org_tissue_fraction      ? 
_entity_src_gen.pdbx_host_org_strain               ? 
_entity_src_gen.pdbx_host_org_variant              ? 
_entity_src_gen.pdbx_host_org_cell_line            ? 
_entity_src_gen.pdbx_host_org_atcc                 ? 
_entity_src_gen.pdbx_host_org_culture_collection   ? 
_entity_src_gen.pdbx_host_org_cell                 ? 
_entity_src_gen.pdbx_host_org_organelle            ? 
_entity_src_gen.pdbx_host_org_cellular_location    ? 
_entity_src_gen.pdbx_host_org_vector_type          ? 
_entity_src_gen.pdbx_host_org_vector               ? 
_entity_src_gen.host_org_details                   ? 
_entity_src_gen.expression_system_id               ? 
_entity_src_gen.plasmid_name                       ? 
_entity_src_gen.plasmid_details                    ? 
_entity_src_gen.pdbx_description                   ? 
# 
loop_
_chem_comp.id 
_chem_comp.type 
_chem_comp.mon_nstd_flag 
_chem_comp.name 
_chem_comp.pdbx_synonyms 
_chem_comp.formula 
_chem_comp.formula_weight 
ALA 'L-peptide linking' y ALANINE         ? 'C3 H7 N O2'     89.093  
ARG 'L-peptide linking' y ARGININE        ? 'C6 H15 N4 O2 1' 175.209 
ASN 'L-peptide linking' y ASPARAGINE      ? 'C4 H8 N2 O3'    132.118 
ASP 'L-peptide linking' y 'ASPARTIC ACID' ? 'C4 H7 N O4'     133.103 
CYS 'L-peptide linking' y CYSTEINE        ? 'C3 H7 N O2 S'   121.158 
GLN 'L-peptide linking' y GLUTAMINE       ? 'C5 H10 N2 O3'   146.144 
GLU 'L-peptide linking' y 'GLUTAMIC ACID' ? 'C5 H9 N O4'     147.129 
GLY 'peptide linking'   y GLYCINE         ? 'C2 H5 N O2'     75.067  
HIS 'L-peptide linking' y HISTIDINE       ? 'C6 H10 N3 O2 1' 156.162 
HOH non-polymer         . WATER           ? 'H2 O'           18.015  
ILE 'L-peptide linking' y ISOLEUCINE      ? 'C6 H13 N O2'    131.173 
LEU 'L-peptide linking' y LEUCINE         ? 'C6 H13 N O2'    131.173 
LYS 'L-peptide linking' y LYSINE          ? 'C6 H15 N2 O2 1' 147.195 
MET 'L-peptide linking' y METHIONINE      ? 'C5 H11 N O2 S'  149.211 
PHE 'L-peptide linking' y PHENYLALANINE   ? 'C9 H11 N O2'    165.189 
PRO 'L-peptide linking' y PROLINE         ? 'C5 H9 N O2'     115.130 
SER 'L-peptide linking' y SERINE          ? 'C3 H7 N O3'     105.093 
THR 'L-peptide linking' y THREONINE       ? 'C4 H9 N O3'     119.119 
TRP 'L-peptide linking' y TRYPTOPHAN      ? 'C11 H12 N2 O2'  204.225 
TYR 'L-peptide linking' y TYROSINE        ? 'C9 H11 N O3'    181.189 
VAL 'L-peptide linking' y VALINE          ? 'C5 H11 N O2'    117.146 
# 
loop_
_pdbx_poly_seq_scheme.asym_id 
_pdbx_poly_seq_scheme.entity_id 
_pdbx_poly_seq_scheme.seq_id 
_pdbx_poly_seq_scheme.mon_id 
_pdbx_poly_seq_scheme.ndb_seq_num 
_pdbx_poly_seq_scheme.pdb_seq_num 
_pdbx_poly_seq_scheme.auth_seq_num 
_pdbx_poly_seq_scheme.pdb_mon_id 
_pdbx_poly_seq_scheme.auth_mon_id 
_pdbx_poly_seq_scheme.pdb_strand_id 
_pdbx_poly_seq_scheme.pdb_ins_code 
_pdbx_poly_seq_scheme.hetero 
A 1 1   GLN 1   5   5   GLN GLN A . n 
A 1 2   SER 2   6   6   SER SER A . n 
A 1 3   THR 3   7   7   THR THR A . n 
A 1 4   ARG 4   8   8   ARG ARG A . n 
A 1 5   VAL 5   9   9   VAL VAL A . n 
A 1 6   GLU 6   10  10  GLU GLU A . n 
A 1 7   GLU 7   11  11  GLU GLU A . n 
A 1 8   GLY 8   12  12  GLY GLY A . n 
A 1 9   SER 9   13  13  SER SER A . n 
A 1 10  LYS 10  14  14  LYS LYS A . n 
A 1 11  VAL 11  15  15  VAL VAL A . n 
A 1 12  ALA 12  16  16  ALA ALA A . n 
A 1 13  ILE 13  17  17  ILE ILE A . n 
A 1 14  SER 14  18  18  SER SER A . n 
A 1 15  CYS 15  19  19  CYS CYS A . n 
A 1 16  SER 16  20  20  SER SER A . n 
A 1 17  LEU 17  21  21  LEU LEU A . n 
A 1 18  MET 18  22  22  MET MET A . n 
A 1 19  ALA 19  23  23  ALA ALA A . n 
A 1 20  ASP 20  24  24  ASP ASP A . n 
A 1 21  GLU 21  25  25  GLU GLU A . n 
A 1 22  GLY 22  26  26  GLY GLY A . n 
A 1 23  VAL 23  27  27  VAL VAL A . n 
A 1 24  HIS 24  28  28  HIS HIS A . n 
A 1 25  TRP 25  29  29  TRP TRP A . n 
A 1 26  PHE 26  30  30  PHE PHE A . n 
A 1 27  ARG 27  31  31  ARG ARG A . n 
A 1 28  GLN 28  32  32  GLN GLN A . n 
A 1 29  GLY 29  33  33  GLY GLY A . n 
A 1 30  LYS 30  34  34  LYS LYS A . n 
A 1 31  LYS 31  35  35  LYS LYS A . n 
A 1 32  PRO 32  36  36  PRO PRO A . n 
A 1 33  ASN 33  37  37  ASN ASN A . n 
A 1 34  PRO 34  38  38  PRO PRO A . n 
A 1 35  GLU 35  39  39  GLU GLU A . n 
A 1 36  PHE 36  40  40  PHE PHE A . n 
A 1 37  LEU 37  41  41  LEU LEU A . n 
A 1 38  VAL 38  42  42  VAL VAL A . n 
A 1 39  TYR 39  43  43  TYR TYR A . n 
A 1 40  ILE 40  44  44  ILE ILE A . n 
A 1 41  SER 41  45  45  SER SER A . n 
A 1 42  GLY 42  46  46  GLY GLY A . n 
A 1 43  ILE 43  47  47  ILE ILE A . n 
A 1 44  GLY 44  48  48  GLY GLY A . n 
A 1 45  SER 45  49  49  SER SER A . n 
A 1 46  GLN 46  50  50  GLN GLN A . n 
A 1 47  ASN 47  51  51  ASN ASN A . n 
A 1 48  PRO 48  52  52  PRO PRO A . n 
A 1 49  ALA 49  53  53  ALA ALA A . n 
A 1 50  ALA 50  54  54  ALA ALA A . n 
A 1 51  LYS 51  55  55  LYS LYS A . n 
A 1 52  ASP 52  56  56  ASP ASP A . n 
A 1 53  LYS 53  57  57  LYS LYS A . n 
A 1 54  TYR 54  58  58  TYR TYR A . n 
A 1 55  SER 55  59  59  SER SER A . n 
A 1 56  ALA 56  60  60  ALA ALA A . n 
A 1 57  ASP 57  61  61  ASP ASP A . n 
A 1 58  LYS 58  62  62  LYS LYS A . n 
A 1 59  SER 59  63  63  SER SER A . n 
A 1 60  SER 60  64  64  SER SER A . n 
A 1 61  GLN 61  65  65  GLN GLN A . n 
A 1 62  LYS 62  66  66  LYS LYS A . n 
A 1 63  VAL 63  67  67  VAL VAL A . n 
A 1 64  THR 64  68  68  THR THR A . n 
A 1 65  LEU 65  69  69  LEU LEU A . n 
A 1 66  THR 66  70  70  THR THR A . n 
A 1 67  VAL 67  71  71  VAL VAL A . n 
A 1 68  LYS 68  72  72  LYS LYS A . n 
A 1 69  ASP 69  73  73  ASP ASP A . n 
A 1 70  PHE 70  74  74  PHE PHE A . n 
A 1 71  ARG 71  75  75  ARG ARG A . n 
A 1 72  LYS 72  76  76  LYS LYS A . n 
A 1 73  GLU 73  77  77  GLU GLU A . n 
A 1 74  ASP 74  78  78  ASP ASP A . n 
A 1 75  SER 75  79  79  SER SER A . n 
A 1 76  GLY 76  80  80  GLY GLY A . n 
A 1 77  LYS 77  81  81  LYS LYS A . n 
A 1 78  TYR 78  82  82  TYR TYR A . n 
A 1 79  TYR 79  83  83  TYR TYR A . n 
A 1 80  CYS 80  84  84  CYS CYS A . n 
A 1 81  LEU 81  85  85  LEU LEU A . n 
A 1 82  MET 82  86  86  MET MET A . n 
A 1 83  VAL 83  87  87  VAL VAL A . n 
A 1 84  LYS 84  88  88  LYS LYS A . n 
A 1 85  ASN 85  89  89  ASN ASN A . n 
A 1 86  ARG 86  90  90  ARG ARG A . n 
A 1 87  ALA 87  91  91  ALA ALA A . n 
A 1 88  LEU 88  92  92  LEU LEU A . n 
A 1 89  THR 89  93  93  THR THR A . n 
A 1 90  PHE 90  94  94  PHE PHE A . n 
A 1 91  GLY 91  95  95  GLY GLY A . n 
A 1 92  LYS 92  96  96  LYS LYS A . n 
A 1 93  PRO 93  97  97  PRO PRO A . n 
A 1 94  GLN 94  98  98  GLN GLN A . n 
A 1 95  ASP 95  99  99  ASP ASP A . n 
A 1 96  TYR 96  100 100 TYR TYR A . n 
A 1 97  TYR 97  101 101 TYR TYR A . n 
A 1 98  VAL 98  102 102 VAL VAL A . n 
A 1 99  GLU 99  103 103 GLU GLU A . n 
A 1 100 GLU 100 104 104 GLU GLU A . n 
# 
loop_
_pdbx_nonpoly_scheme.asym_id 
_pdbx_nonpoly_scheme.entity_id 
_pdbx_nonpoly_scheme.mon_id 
_pdbx_nonpoly_scheme.ndb_seq_num 
_pdbx_nonpoly_scheme.pdb_seq_num 
_pdbx_nonpoly_scheme.auth_seq_num 
_pdbx_nonpoly_scheme.pdb_mon_id 
_pdbx_nonpoly_scheme.auth_mon_id 
_pdbx_nonpoly_scheme.pdb_strand_id 
_pdbx_nonpoly_scheme.pdb_ins_code 
B 2 HOH 1   201 106 HOH HOH A . 
B 2 HOH 2   202 65  HOH HOH A . 
B 2 HOH 3   203 24  HOH HOH A . 
B 2 HOH 4   204 92  HOH HOH A . 
B 2 HOH 5   205 43  HOH HOH A . 
B 2 HOH 6   206 127 HOH HOH A . 
B 2 HOH 7   207 124 HOH HOH A . 
B 2 HOH 8   208 129 HOH HOH A . 
B 2 HOH 9   209 86  HOH HOH A . 
B 2 HOH 10  210 112 HOH HOH A . 
B 2 HOH 11  211 27  HOH HOH A . 
B 2 HOH 12  212 91  HOH HOH A . 
B 2 HOH 13  213 72  HOH HOH A . 
B 2 HOH 14  214 73  HOH HOH A . 
B 2 HOH 15  215 31  HOH HOH A . 
B 2 HOH 16  216 9   HOH HOH A . 
B 2 HOH 17  217 15  HOH HOH A . 
B 2 HOH 18  218 120 HOH HOH A . 
B 2 HOH 19  219 70  HOH HOH A . 
B 2 HOH 20  220 111 HOH HOH A . 
B 2 HOH 21  221 93  HOH HOH A . 
B 2 HOH 22  222 128 HOH HOH A . 
B 2 HOH 23  223 71  HOH HOH A . 
B 2 HOH 24  224 14  HOH HOH A . 
B 2 HOH 25  225 26  HOH HOH A . 
B 2 HOH 26  226 16  HOH HOH A . 
B 2 HOH 27  227 130 HOH HOH A . 
B 2 HOH 28  228 40  HOH HOH A . 
B 2 HOH 29  229 61  HOH HOH A . 
B 2 HOH 30  230 11  HOH HOH A . 
B 2 HOH 31  231 10  HOH HOH A . 
B 2 HOH 32  232 56  HOH HOH A . 
B 2 HOH 33  233 123 HOH HOH A . 
B 2 HOH 34  234 54  HOH HOH A . 
B 2 HOH 35  235 3   HOH HOH A . 
B 2 HOH 36  236 58  HOH HOH A . 
B 2 HOH 37  237 125 HOH HOH A . 
B 2 HOH 38  238 117 HOH HOH A . 
B 2 HOH 39  239 99  HOH HOH A . 
B 2 HOH 40  240 103 HOH HOH A . 
B 2 HOH 41  241 47  HOH HOH A . 
B 2 HOH 42  242 8   HOH HOH A . 
B 2 HOH 43  243 1   HOH HOH A . 
B 2 HOH 44  244 119 HOH HOH A . 
B 2 HOH 45  245 44  HOH HOH A . 
B 2 HOH 46  246 4   HOH HOH A . 
B 2 HOH 47  247 13  HOH HOH A . 
B 2 HOH 48  248 33  HOH HOH A . 
B 2 HOH 49  249 22  HOH HOH A . 
B 2 HOH 50  250 76  HOH HOH A . 
B 2 HOH 51  251 55  HOH HOH A . 
B 2 HOH 52  252 79  HOH HOH A . 
B 2 HOH 53  253 12  HOH HOH A . 
B 2 HOH 54  254 121 HOH HOH A . 
B 2 HOH 55  255 19  HOH HOH A . 
B 2 HOH 56  256 116 HOH HOH A . 
B 2 HOH 57  257 23  HOH HOH A . 
B 2 HOH 58  258 126 HOH HOH A . 
B 2 HOH 59  259 90  HOH HOH A . 
B 2 HOH 60  260 114 HOH HOH A . 
B 2 HOH 61  261 75  HOH HOH A . 
B 2 HOH 62  262 81  HOH HOH A . 
B 2 HOH 63  263 60  HOH HOH A . 
B 2 HOH 64  264 59  HOH HOH A . 
B 2 HOH 65  265 102 HOH HOH A . 
B 2 HOH 66  266 5   HOH HOH A . 
B 2 HOH 67  267 20  HOH HOH A . 
B 2 HOH 68  268 46  HOH HOH A . 
B 2 HOH 69  269 49  HOH HOH A . 
B 2 HOH 70  270 32  HOH HOH A . 
B 2 HOH 71  271 18  HOH HOH A . 
B 2 HOH 72  272 83  HOH HOH A . 
B 2 HOH 73  273 63  HOH HOH A . 
B 2 HOH 74  274 51  HOH HOH A . 
B 2 HOH 75  275 67  HOH HOH A . 
B 2 HOH 76  276 21  HOH HOH A . 
B 2 HOH 77  277 64  HOH HOH A . 
B 2 HOH 78  278 48  HOH HOH A . 
B 2 HOH 79  279 57  HOH HOH A . 
B 2 HOH 80  280 110 HOH HOH A . 
B 2 HOH 81  281 2   HOH HOH A . 
B 2 HOH 82  282 115 HOH HOH A . 
B 2 HOH 83  283 118 HOH HOH A . 
B 2 HOH 84  284 41  HOH HOH A . 
B 2 HOH 85  285 74  HOH HOH A . 
B 2 HOH 86  286 105 HOH HOH A . 
B 2 HOH 87  287 88  HOH HOH A . 
B 2 HOH 88  288 34  HOH HOH A . 
B 2 HOH 89  289 36  HOH HOH A . 
B 2 HOH 90  290 42  HOH HOH A . 
B 2 HOH 91  291 62  HOH HOH A . 
B 2 HOH 92  292 17  HOH HOH A . 
B 2 HOH 93  293 35  HOH HOH A . 
B 2 HOH 94  294 39  HOH HOH A . 
B 2 HOH 95  295 30  HOH HOH A . 
B 2 HOH 96  296 122 HOH HOH A . 
B 2 HOH 97  297 69  HOH HOH A . 
B 2 HOH 98  298 37  HOH HOH A . 
B 2 HOH 99  299 45  HOH HOH A . 
B 2 HOH 100 300 52  HOH HOH A . 
B 2 HOH 101 301 78  HOH HOH A . 
B 2 HOH 102 302 94  HOH HOH A . 
B 2 HOH 103 303 101 HOH HOH A . 
B 2 HOH 104 304 82  HOH HOH A . 
B 2 HOH 105 305 104 HOH HOH A . 
B 2 HOH 106 306 53  HOH HOH A . 
B 2 HOH 107 307 66  HOH HOH A . 
B 2 HOH 108 308 87  HOH HOH A . 
B 2 HOH 109 309 96  HOH HOH A . 
B 2 HOH 110 310 28  HOH HOH A . 
B 2 HOH 111 311 38  HOH HOH A . 
B 2 HOH 112 312 85  HOH HOH A . 
B 2 HOH 113 313 68  HOH HOH A . 
B 2 HOH 114 314 77  HOH HOH A . 
B 2 HOH 115 315 100 HOH HOH A . 
B 2 HOH 116 316 97  HOH HOH A . 
B 2 HOH 117 317 7   HOH HOH A . 
B 2 HOH 118 318 84  HOH HOH A . 
B 2 HOH 119 319 50  HOH HOH A . 
B 2 HOH 120 320 98  HOH HOH A . 
B 2 HOH 121 321 109 HOH HOH A . 
B 2 HOH 122 322 108 HOH HOH A . 
B 2 HOH 123 323 95  HOH HOH A . 
B 2 HOH 124 324 25  HOH HOH A . 
B 2 HOH 125 325 29  HOH HOH A . 
# 
loop_
_pdbx_unobs_or_zero_occ_atoms.id 
_pdbx_unobs_or_zero_occ_atoms.PDB_model_num 
_pdbx_unobs_or_zero_occ_atoms.polymer_flag 
_pdbx_unobs_or_zero_occ_atoms.occupancy_flag 
_pdbx_unobs_or_zero_occ_atoms.auth_asym_id 
_pdbx_unobs_or_zero_occ_atoms.auth_comp_id 
_pdbx_unobs_or_zero_occ_atoms.auth_seq_id 
_pdbx_unobs_or_zero_occ_atoms.PDB_ins_code 
_pdbx_unobs_or_zero_occ_atoms.auth_atom_id 
_pdbx_unobs_or_zero_occ_atoms.label_alt_id 
_pdbx_unobs_or_zero_occ_atoms.label_asym_id 
_pdbx_unobs_or_zero_occ_atoms.label_comp_id 
_pdbx_unobs_or_zero_occ_atoms.label_seq_id 
_pdbx_unobs_or_zero_occ_atoms.label_atom_id 
1 1 Y 1 A GLN 5   ? CG  ? A GLN 1   CG  
2 1 Y 1 A GLN 5   ? CD  ? A GLN 1   CD  
3 1 Y 1 A GLN 5   ? OE1 ? A GLN 1   OE1 
4 1 Y 1 A GLN 5   ? NE2 ? A GLN 1   NE2 
5 1 Y 1 A GLU 104 ? CG  ? A GLU 100 CG  
6 1 Y 1 A GLU 104 ? CD  ? A GLU 100 CD  
7 1 Y 1 A GLU 104 ? OE1 ? A GLU 100 OE1 
8 1 Y 1 A GLU 104 ? OE2 ? A GLU 100 OE2 
# 
loop_
_software.citation_id 
_software.classification 
_software.compiler_name 
_software.compiler_version 
_software.contact_author 
_software.contact_author_email 
_software.date 
_software.description 
_software.dependencies 
_software.hardware 
_software.language 
_software.location 
_software.mods 
_software.name 
_software.os 
_software.os_version 
_software.type 
_software.version 
_software.pdbx_ordinal 
? refinement       ? ? ? ? ? ? ? ? ? ? ? REFMAC   ? ? ? 5.8.0267 1 
? 'data reduction' ? ? ? ? ? ? ? ? ? ? ? HKL-3000 ? ? ? .        2 
? 'data scaling'   ? ? ? ? ? ? ? ? ? ? ? HKL-3000 ? ? ? .        3 
? phasing          ? ? ? ? ? ? ? ? ? ? ? PHENIX   ? ? ? .        4 
# 
_cell.angle_alpha                  90.000 
_cell.angle_alpha_esd              ? 
_cell.angle_beta                   92.556 
_cell.angle_beta_esd               ? 
_cell.angle_gamma                  90.000 
_cell.angle_gamma_esd              ? 
_cell.entry_id                     8HXS 
_cell.details                      ? 
_cell.formula_units_Z              ? 
_cell.length_a                     72.384 
_cell.length_a_esd                 ? 
_cell.length_b                     40.446 
_cell.length_b_esd                 ? 
_cell.length_c                     32.828 
_cell.length_c_esd                 ? 
_cell.volume                       ? 
_cell.volume_esd                   ? 
_cell.Z_PDB                        4 
_cell.reciprocal_angle_alpha       ? 
_cell.reciprocal_angle_beta        ? 
_cell.reciprocal_angle_gamma       ? 
_cell.reciprocal_angle_alpha_esd   ? 
_cell.reciprocal_angle_beta_esd    ? 
_cell.reciprocal_angle_gamma_esd   ? 
_cell.reciprocal_length_a          ? 
_cell.reciprocal_length_b          ? 
_cell.reciprocal_length_c          ? 
_cell.reciprocal_length_a_esd      ? 
_cell.reciprocal_length_b_esd      ? 
_cell.reciprocal_length_c_esd      ? 
_cell.pdbx_unique_axis             ? 
_cell.pdbx_esd_method              ? 
# 
_symmetry.entry_id                         8HXS 
_symmetry.cell_setting                     ? 
_symmetry.Int_Tables_number                5 
_symmetry.space_group_name_Hall            ? 
_symmetry.space_group_name_H-M             'C 1 2 1' 
_symmetry.pdbx_full_space_group_name_H-M   ? 
# 
_exptl.absorpt_coefficient_mu     ? 
_exptl.absorpt_correction_T_max   ? 
_exptl.absorpt_correction_T_min   ? 
_exptl.absorpt_correction_type    ? 
_exptl.absorpt_process_details    ? 
_exptl.entry_id                   8HXS 
_exptl.crystals_number            1 
_exptl.details                    ? 
_exptl.method                     'X-RAY DIFFRACTION' 
_exptl.method_details             ? 
# 
_exptl_crystal.colour                       ? 
_exptl_crystal.density_diffrn               ? 
_exptl_crystal.density_Matthews             2.12 
_exptl_crystal.density_method               ? 
_exptl_crystal.density_percent_sol          41.98 
_exptl_crystal.description                  ? 
_exptl_crystal.F_000                        ? 
_exptl_crystal.id                           1 
_exptl_crystal.preparation                  ? 
_exptl_crystal.size_max                     ? 
_exptl_crystal.size_mid                     ? 
_exptl_crystal.size_min                     ? 
_exptl_crystal.size_rad                     ? 
_exptl_crystal.colour_lustre                ? 
_exptl_crystal.colour_modifier              ? 
_exptl_crystal.colour_primary               ? 
_exptl_crystal.density_meas                 ? 
_exptl_crystal.density_meas_esd             ? 
_exptl_crystal.density_meas_gt              ? 
_exptl_crystal.density_meas_lt              ? 
_exptl_crystal.density_meas_temp            ? 
_exptl_crystal.density_meas_temp_esd        ? 
_exptl_crystal.density_meas_temp_gt         ? 
_exptl_crystal.density_meas_temp_lt         ? 
_exptl_crystal.pdbx_crystal_image_url       ? 
_exptl_crystal.pdbx_crystal_image_format    ? 
_exptl_crystal.pdbx_mosaicity               ? 
_exptl_crystal.pdbx_mosaicity_esd           ? 
_exptl_crystal.pdbx_mosaic_method           ? 
_exptl_crystal.pdbx_mosaic_block_size       ? 
_exptl_crystal.pdbx_mosaic_block_size_esd   ? 
# 
_exptl_crystal_grow.apparatus       ? 
_exptl_crystal_grow.atmosphere      ? 
_exptl_crystal_grow.crystal_id      1 
_exptl_crystal_grow.details         ? 
_exptl_crystal_grow.method          'VAPOR DIFFUSION, SITTING DROP' 
_exptl_crystal_grow.method_ref      ? 
_exptl_crystal_grow.pH              ? 
_exptl_crystal_grow.pressure        ? 
_exptl_crystal_grow.pressure_esd    ? 
_exptl_crystal_grow.seeding         ? 
_exptl_crystal_grow.seeding_ref     ? 
_exptl_crystal_grow.temp_details    ? 
_exptl_crystal_grow.temp_esd        ? 
_exptl_crystal_grow.time            ? 
_exptl_crystal_grow.pdbx_details    '30% (w/v) PEG3000 and 100mM CHES/Sodium hydroxide pH9.5' 
_exptl_crystal_grow.pdbx_pH_range   ? 
_exptl_crystal_grow.temp            291.5 
# 
_diffrn.ambient_environment              ? 
_diffrn.ambient_temp                     291.15 
_diffrn.ambient_temp_details             ? 
_diffrn.ambient_temp_esd                 ? 
_diffrn.crystal_id                       1 
_diffrn.crystal_support                  ? 
_diffrn.crystal_treatment                ? 
_diffrn.details                          ? 
_diffrn.id                               1 
_diffrn.ambient_pressure                 ? 
_diffrn.ambient_pressure_esd             ? 
_diffrn.ambient_pressure_gt              ? 
_diffrn.ambient_pressure_lt              ? 
_diffrn.ambient_temp_gt                  ? 
_diffrn.ambient_temp_lt                  ? 
_diffrn.pdbx_serial_crystal_experiment   N 
# 
_diffrn_detector.details                      ? 
_diffrn_detector.detector                     CCD 
_diffrn_detector.diffrn_id                    1 
_diffrn_detector.type                         'ADSC QUANTUM 315' 
_diffrn_detector.area_resol_mean              ? 
_diffrn_detector.dtime                        ? 
_diffrn_detector.pdbx_frames_total            ? 
_diffrn_detector.pdbx_collection_time_total   ? 
_diffrn_detector.pdbx_collection_date         2020-08-19 
_diffrn_detector.pdbx_frequency               ? 
# 
_diffrn_radiation.collimation                      ? 
_diffrn_radiation.diffrn_id                        1 
_diffrn_radiation.filter_edge                      ? 
_diffrn_radiation.inhomogeneity                    ? 
_diffrn_radiation.monochromator                    ? 
_diffrn_radiation.polarisn_norm                    ? 
_diffrn_radiation.polarisn_ratio                   ? 
_diffrn_radiation.probe                            ? 
_diffrn_radiation.type                             ? 
_diffrn_radiation.xray_symbol                      ? 
_diffrn_radiation.wavelength_id                    1 
_diffrn_radiation.pdbx_monochromatic_or_laue_m_l   M 
_diffrn_radiation.pdbx_wavelength_list             ? 
_diffrn_radiation.pdbx_wavelength                  ? 
_diffrn_radiation.pdbx_diffrn_protocol             'SINGLE WAVELENGTH' 
_diffrn_radiation.pdbx_analyzer                    ? 
_diffrn_radiation.pdbx_scattering_type             x-ray 
# 
_diffrn_radiation_wavelength.id           1 
_diffrn_radiation_wavelength.wavelength   0.9979 
_diffrn_radiation_wavelength.wt           1.0 
# 
_diffrn_source.current                     ? 
_diffrn_source.details                     ? 
_diffrn_source.diffrn_id                   1 
_diffrn_source.power                       ? 
_diffrn_source.size                        ? 
_diffrn_source.source                      SYNCHROTRON 
_diffrn_source.target                      ? 
_diffrn_source.type                        'SSRF BEAMLINE BL18U1' 
_diffrn_source.voltage                     ? 
_diffrn_source.take-off_angle              ? 
_diffrn_source.pdbx_wavelength_list        0.9979 
_diffrn_source.pdbx_wavelength             ? 
_diffrn_source.pdbx_synchrotron_beamline   BL18U1 
_diffrn_source.pdbx_synchrotron_site       SSRF 
# 
_reflns.B_iso_Wilson_estimate                          ? 
_reflns.entry_id                                       8HXS 
_reflns.data_reduction_details                         ? 
_reflns.data_reduction_method                          ? 
_reflns.d_resolution_high                              1.35 
_reflns.d_resolution_low                               50 
_reflns.details                                        ? 
_reflns.limit_h_max                                    ? 
_reflns.limit_h_min                                    ? 
_reflns.limit_k_max                                    ? 
_reflns.limit_k_min                                    ? 
_reflns.limit_l_max                                    ? 
_reflns.limit_l_min                                    ? 
_reflns.number_all                                     ? 
_reflns.number_obs                                     20802 
_reflns.observed_criterion                             ? 
_reflns.observed_criterion_F_max                       ? 
_reflns.observed_criterion_F_min                       ? 
_reflns.observed_criterion_I_max                       ? 
_reflns.observed_criterion_I_min                       ? 
_reflns.observed_criterion_sigma_F                     ? 
_reflns.observed_criterion_sigma_I                     ? 
_reflns.percent_possible_obs                           99.2 
_reflns.R_free_details                                 ? 
_reflns.Rmerge_F_all                                   ? 
_reflns.Rmerge_F_obs                                   ? 
_reflns.Friedel_coverage                               ? 
_reflns.number_gt                                      ? 
_reflns.threshold_expression                           ? 
_reflns.pdbx_redundancy                                12.4 
_reflns.pdbx_netI_over_av_sigmaI                       ? 
_reflns.pdbx_netI_over_sigmaI                          2.19 
_reflns.pdbx_res_netI_over_av_sigmaI_2                 ? 
_reflns.pdbx_res_netI_over_sigmaI_2                    ? 
_reflns.pdbx_chi_squared                               ? 
_reflns.pdbx_scaling_rejects                           ? 
_reflns.pdbx_d_res_high_opt                            ? 
_reflns.pdbx_d_res_low_opt                             ? 
_reflns.pdbx_d_res_opt_method                          ? 
_reflns.phase_calculation_details                      ? 
_reflns.pdbx_Rrim_I_all                                ? 
_reflns.pdbx_Rpim_I_all                                ? 
_reflns.pdbx_d_opt                                     ? 
_reflns.pdbx_number_measured_all                       ? 
_reflns.pdbx_diffrn_id                                 1 
_reflns.pdbx_ordinal                                   1 
_reflns.pdbx_CC_half                                   0.96 
_reflns.pdbx_CC_star                                   ? 
_reflns.pdbx_R_split                                   ? 
_reflns.pdbx_Rmerge_I_obs                              ? 
_reflns.pdbx_Rmerge_I_all                              ? 
_reflns.pdbx_Rsym_value                                ? 
_reflns.pdbx_CC_split_method                           ? 
_reflns.pdbx_aniso_diffraction_limit_axis_1_ortho[1]   ? 
_reflns.pdbx_aniso_diffraction_limit_axis_1_ortho[2]   ? 
_reflns.pdbx_aniso_diffraction_limit_axis_1_ortho[3]   ? 
_reflns.pdbx_aniso_diffraction_limit_axis_2_ortho[1]   ? 
_reflns.pdbx_aniso_diffraction_limit_axis_2_ortho[2]   ? 
_reflns.pdbx_aniso_diffraction_limit_axis_2_ortho[3]   ? 
_reflns.pdbx_aniso_diffraction_limit_axis_3_ortho[1]   ? 
_reflns.pdbx_aniso_diffraction_limit_axis_3_ortho[2]   ? 
_reflns.pdbx_aniso_diffraction_limit_axis_3_ortho[3]   ? 
_reflns.pdbx_aniso_diffraction_limit_1                 ? 
_reflns.pdbx_aniso_diffraction_limit_2                 ? 
_reflns.pdbx_aniso_diffraction_limit_3                 ? 
_reflns.pdbx_aniso_B_tensor_eigenvector_1_ortho[1]     ? 
_reflns.pdbx_aniso_B_tensor_eigenvector_1_ortho[2]     ? 
_reflns.pdbx_aniso_B_tensor_eigenvector_1_ortho[3]     ? 
_reflns.pdbx_aniso_B_tensor_eigenvector_2_ortho[1]     ? 
_reflns.pdbx_aniso_B_tensor_eigenvector_2_ortho[2]     ? 
_reflns.pdbx_aniso_B_tensor_eigenvector_2_ortho[3]     ? 
_reflns.pdbx_aniso_B_tensor_eigenvector_3_ortho[1]     ? 
_reflns.pdbx_aniso_B_tensor_eigenvector_3_ortho[2]     ? 
_reflns.pdbx_aniso_B_tensor_eigenvector_3_ortho[3]     ? 
_reflns.pdbx_aniso_B_tensor_eigenvalue_1               ? 
_reflns.pdbx_aniso_B_tensor_eigenvalue_2               ? 
_reflns.pdbx_aniso_B_tensor_eigenvalue_3               ? 
_reflns.pdbx_orthogonalization_convention              ? 
_reflns.pdbx_percent_possible_ellipsoidal              ? 
_reflns.pdbx_percent_possible_spherical                ? 
_reflns.pdbx_percent_possible_ellipsoidal_anomalous    ? 
_reflns.pdbx_percent_possible_spherical_anomalous      ? 
_reflns.pdbx_redundancy_anomalous                      ? 
_reflns.pdbx_CC_half_anomalous                         ? 
_reflns.pdbx_absDiff_over_sigma_anomalous              ? 
_reflns.pdbx_percent_possible_anomalous                ? 
_reflns.pdbx_observed_signal_threshold                 ? 
_reflns.pdbx_signal_type                               ? 
_reflns.pdbx_signal_details                            ? 
_reflns.pdbx_signal_software_id                        ? 
# 
_reflns_shell.d_res_high                                    1.35 
_reflns_shell.d_res_low                                     1.37 
_reflns_shell.meanI_over_sigI_all                           ? 
_reflns_shell.meanI_over_sigI_obs                           ? 
_reflns_shell.number_measured_all                           ? 
_reflns_shell.number_measured_obs                           ? 
_reflns_shell.number_possible                               ? 
_reflns_shell.number_unique_all                             ? 
_reflns_shell.number_unique_obs                             ? 
_reflns_shell.percent_possible_obs                          ? 
_reflns_shell.Rmerge_F_all                                  ? 
_reflns_shell.Rmerge_F_obs                                  ? 
_reflns_shell.meanI_over_sigI_gt                            ? 
_reflns_shell.meanI_over_uI_all                             ? 
_reflns_shell.meanI_over_uI_gt                              ? 
_reflns_shell.number_measured_gt                            ? 
_reflns_shell.number_unique_gt                              ? 
_reflns_shell.percent_possible_gt                           ? 
_reflns_shell.Rmerge_F_gt                                   ? 
_reflns_shell.Rmerge_I_gt                                   ? 
_reflns_shell.pdbx_redundancy                               ? 
_reflns_shell.pdbx_chi_squared                              ? 
_reflns_shell.pdbx_netI_over_sigmaI_all                     ? 
_reflns_shell.pdbx_netI_over_sigmaI_obs                     ? 
_reflns_shell.pdbx_Rrim_I_all                               ? 
_reflns_shell.pdbx_Rpim_I_all                               ? 
_reflns_shell.pdbx_rejects                                  ? 
_reflns_shell.pdbx_ordinal                                  1 
_reflns_shell.pdbx_diffrn_id                                1 
_reflns_shell.pdbx_CC_half                                  0.96 
_reflns_shell.pdbx_CC_star                                  ? 
_reflns_shell.pdbx_R_split                                  ? 
_reflns_shell.percent_possible_all                          ? 
_reflns_shell.Rmerge_I_all                                  ? 
_reflns_shell.Rmerge_I_obs                                  ? 
_reflns_shell.pdbx_Rsym_value                               ? 
_reflns_shell.pdbx_percent_possible_ellipsoidal             ? 
_reflns_shell.pdbx_percent_possible_spherical               ? 
_reflns_shell.pdbx_percent_possible_ellipsoidal_anomalous   ? 
_reflns_shell.pdbx_percent_possible_spherical_anomalous     ? 
_reflns_shell.pdbx_redundancy_anomalous                     ? 
_reflns_shell.pdbx_CC_half_anomalous                        ? 
_reflns_shell.pdbx_absDiff_over_sigma_anomalous             ? 
_reflns_shell.pdbx_percent_possible_anomalous               ? 
# 
_refine.aniso_B[1][1]                            -0.188 
_refine.aniso_B[1][2]                            -0.000 
_refine.aniso_B[1][3]                            -0.506 
_refine.aniso_B[2][2]                            -0.232 
_refine.aniso_B[2][3]                            -0.000 
_refine.aniso_B[3][3]                            0.463 
_refine.B_iso_max                                ? 
_refine.B_iso_mean                               21.784 
_refine.B_iso_min                                ? 
_refine.correlation_coeff_Fo_to_Fc               0.960 
_refine.correlation_coeff_Fo_to_Fc_free          0.965 
_refine.details                                  'Hydrogens have been added in their riding positions' 
_refine.diff_density_max                         ? 
_refine.diff_density_max_esd                     ? 
_refine.diff_density_min                         ? 
_refine.diff_density_min_esd                     ? 
_refine.diff_density_rms                         ? 
_refine.diff_density_rms_esd                     ? 
_refine.entry_id                                 8HXS 
_refine.pdbx_refine_id                           'X-RAY DIFFRACTION' 
_refine.ls_abs_structure_details                 ? 
_refine.ls_abs_structure_Flack                   ? 
_refine.ls_abs_structure_Flack_esd               ? 
_refine.ls_abs_structure_Rogers                  ? 
_refine.ls_abs_structure_Rogers_esd              ? 
_refine.ls_d_res_high                            1.350 
_refine.ls_d_res_low                             35.324 
_refine.ls_extinction_coef                       ? 
_refine.ls_extinction_coef_esd                   ? 
_refine.ls_extinction_expression                 ? 
_refine.ls_extinction_method                     ? 
_refine.ls_goodness_of_fit_all                   ? 
_refine.ls_goodness_of_fit_all_esd               ? 
_refine.ls_goodness_of_fit_obs                   ? 
_refine.ls_goodness_of_fit_obs_esd               ? 
_refine.ls_hydrogen_treatment                    ? 
_refine.ls_matrix_type                           ? 
_refine.ls_number_constraints                    ? 
_refine.ls_number_parameters                     ? 
_refine.ls_number_reflns_all                     ? 
_refine.ls_number_reflns_obs                     20802 
_refine.ls_number_reflns_R_free                  1113 
_refine.ls_number_reflns_R_work                  19689 
_refine.ls_number_restraints                     ? 
_refine.ls_percent_reflns_obs                    99.218 
_refine.ls_percent_reflns_R_free                 5.350 
_refine.ls_R_factor_all                          0.213 
_refine.ls_R_factor_obs                          ? 
_refine.ls_R_factor_R_free                       0.2161 
_refine.ls_R_factor_R_free_error                 ? 
_refine.ls_R_factor_R_free_error_details         ? 
_refine.ls_R_factor_R_work                       0.2124 
_refine.ls_R_Fsqd_factor_obs                     ? 
_refine.ls_R_I_factor_obs                        ? 
_refine.ls_redundancy_reflns_all                 ? 
_refine.ls_redundancy_reflns_obs                 ? 
_refine.ls_restrained_S_all                      ? 
_refine.ls_restrained_S_obs                      ? 
_refine.ls_shift_over_esd_max                    ? 
_refine.ls_shift_over_esd_mean                   ? 
_refine.ls_structure_factor_coef                 ? 
_refine.ls_weighting_details                     ? 
_refine.ls_weighting_scheme                      ? 
_refine.ls_wR_factor_all                         ? 
_refine.ls_wR_factor_obs                         ? 
_refine.ls_wR_factor_R_free                      ? 
_refine.ls_wR_factor_R_work                      ? 
_refine.occupancy_max                            ? 
_refine.occupancy_min                            ? 
_refine.solvent_model_details                    'MASK BULK SOLVENT' 
_refine.solvent_model_param_bsol                 ? 
_refine.solvent_model_param_ksol                 ? 
_refine.pdbx_R_complete                          ? 
_refine.ls_R_factor_gt                           ? 
_refine.ls_goodness_of_fit_gt                    ? 
_refine.ls_goodness_of_fit_ref                   ? 
_refine.ls_shift_over_su_max                     ? 
_refine.ls_shift_over_su_max_lt                  ? 
_refine.ls_shift_over_su_mean                    ? 
_refine.ls_shift_over_su_mean_lt                 ? 
_refine.pdbx_ls_sigma_I                          ? 
_refine.pdbx_ls_sigma_F                          ? 
_refine.pdbx_ls_sigma_Fsqd                       ? 
_refine.pdbx_data_cutoff_high_absF               ? 
_refine.pdbx_data_cutoff_high_rms_absF           ? 
_refine.pdbx_data_cutoff_low_absF                ? 
_refine.pdbx_isotropic_thermal_model             ? 
_refine.pdbx_ls_cross_valid_method               THROUGHOUT 
_refine.pdbx_method_to_determine_struct          'MOLECULAR REPLACEMENT' 
_refine.pdbx_starting_model                      ? 
_refine.pdbx_stereochemistry_target_values       ? 
_refine.pdbx_R_Free_selection_details            ? 
_refine.pdbx_stereochem_target_val_spec_case     ? 
_refine.pdbx_overall_ESU_R                       0.063 
_refine.pdbx_overall_ESU_R_Free                  0.064 
_refine.pdbx_solvent_vdw_probe_radii             1.200 
_refine.pdbx_solvent_ion_probe_radii             0.800 
_refine.pdbx_solvent_shrinkage_radii             0.800 
_refine.pdbx_real_space_R                        ? 
_refine.pdbx_density_correlation                 ? 
_refine.pdbx_pd_number_of_powder_patterns        ? 
_refine.pdbx_pd_number_of_points                 ? 
_refine.pdbx_pd_meas_number_of_points            ? 
_refine.pdbx_pd_proc_ls_prof_R_factor            ? 
_refine.pdbx_pd_proc_ls_prof_wR_factor           ? 
_refine.pdbx_pd_Marquardt_correlation_coeff      ? 
_refine.pdbx_pd_Fsqrd_R_factor                   ? 
_refine.pdbx_pd_ls_matrix_band_width             ? 
_refine.pdbx_overall_phase_error                 ? 
_refine.pdbx_overall_SU_R_free_Cruickshank_DPI   ? 
_refine.pdbx_overall_SU_R_free_Blow_DPI          ? 
_refine.pdbx_overall_SU_R_Blow_DPI               ? 
_refine.pdbx_TLS_residual_ADP_flag               ? 
_refine.pdbx_diffrn_id                           1 
_refine.overall_SU_B                             0.006 
_refine.overall_SU_ML                            0.000 
_refine.overall_SU_R_Cruickshank_DPI             ? 
_refine.overall_SU_R_free                        ? 
_refine.overall_FOM_free_R_set                   ? 
_refine.overall_FOM_work_R_set                   ? 
_refine.pdbx_average_fsc_overall                 ? 
_refine.pdbx_average_fsc_work                    ? 
_refine.pdbx_average_fsc_free                    ? 
# 
_refine_hist.pdbx_refine_id                   'X-RAY DIFFRACTION' 
_refine_hist.cycle_id                         LAST 
_refine_hist.pdbx_number_atoms_protein        786 
_refine_hist.pdbx_number_atoms_nucleic_acid   0 
_refine_hist.pdbx_number_atoms_ligand         0 
_refine_hist.number_atoms_solvent             125 
_refine_hist.number_atoms_total               911 
_refine_hist.d_res_high                       1.350 
_refine_hist.d_res_low                        35.324 
# 
loop_
_refine_ls_shell.pdbx_refine_id 
_refine_ls_shell.d_res_high 
_refine_ls_shell.d_res_low 
_refine_ls_shell.number_reflns_all 
_refine_ls_shell.number_reflns_obs 
_refine_ls_shell.number_reflns_R_free 
_refine_ls_shell.number_reflns_R_work 
_refine_ls_shell.percent_reflns_obs 
_refine_ls_shell.percent_reflns_R_free 
_refine_ls_shell.R_factor_all 
_refine_ls_shell.R_factor_obs 
_refine_ls_shell.R_factor_R_free_error 
_refine_ls_shell.R_factor_R_work 
_refine_ls_shell.redundancy_reflns_all 
_refine_ls_shell.redundancy_reflns_obs 
_refine_ls_shell.wR_factor_all 
_refine_ls_shell.wR_factor_obs 
_refine_ls_shell.wR_factor_R_free 
_refine_ls_shell.wR_factor_R_work 
_refine_ls_shell.pdbx_R_complete 
_refine_ls_shell.pdbx_total_number_of_bins_used 
_refine_ls_shell.pdbx_phase_error 
_refine_ls_shell.pdbx_fsc_work 
_refine_ls_shell.pdbx_fsc_free 
_refine_ls_shell.R_factor_R_free 
'X-RAY DIFFRACTION' 1.350 1.385  . . 83 1416 96.0282  . . . . 0.433 . . . . . . . . . . . 0.400 
'X-RAY DIFFRACTION' 1.385 1.423  . . 93 1389 99.5299  . . . . 0.384 . . . . . . . . . . . 0.412 
'X-RAY DIFFRACTION' 1.423 1.464  . . 79 1356 99.3080  . . . . 0.332 . . . . . . . . . . . 0.380 
'X-RAY DIFFRACTION' 1.464 1.509  . . 78 1329 99.3644  . . . . 0.268 . . . . . . . . . . . 0.284 
'X-RAY DIFFRACTION' 1.509 1.559  . . 65 1302 99.7082  . . . . 0.257 . . . . . . . . . . . 0.341 
'X-RAY DIFFRACTION' 1.559 1.613  . . 62 1267 99.4016  . . . . 0.237 . . . . . . . . . . . 0.257 
'X-RAY DIFFRACTION' 1.613 1.674  . . 84 1214 99.6163  . . . . 0.227 . . . . . . . . . . . 0.260 
'X-RAY DIFFRACTION' 1.674 1.742  . . 68 1146 99.5082  . . . . 0.222 . . . . . . . . . . . 0.250 
'X-RAY DIFFRACTION' 1.742 1.819  . . 46 1131 99.4928  . . . . 0.234 . . . . . . . . . . . 0.288 
'X-RAY DIFFRACTION' 1.819 1.908  . . 43 1096 99.3025  . . . . 0.219 . . . . . . . . . . . 0.237 
'X-RAY DIFFRACTION' 1.908 2.011  . . 50 1027 99.5379  . . . . 0.216 . . . . . . . . . . . 0.248 
'X-RAY DIFFRACTION' 2.011 2.132  . . 50 952  99.3062  . . . . 0.218 . . . . . . . . . . . 0.253 
'X-RAY DIFFRACTION' 2.132 2.279  . . 79 885  99.6898  . . . . 0.200 . . . . . . . . . . . 0.217 
'X-RAY DIFFRACTION' 2.279 2.461  . . 40 860  99.5575  . . . . 0.208 . . . . . . . . . . . 0.222 
'X-RAY DIFFRACTION' 2.461 2.694  . . 33 791  99.6372  . . . . 0.205 . . . . . . . . . . . 0.241 
'X-RAY DIFFRACTION' 2.694 3.010  . . 36 722  99.6058  . . . . 0.195 . . . . . . . . . . . 0.172 
'X-RAY DIFFRACTION' 3.010 3.472  . . 43 620  99.5496  . . . . 0.172 . . . . . . . . . . . 0.181 
'X-RAY DIFFRACTION' 3.472 4.243  . . 46 514  100.0000 . . . . 0.153 . . . . . . . . . . . 0.145 
'X-RAY DIFFRACTION' 4.243 5.959  . . 21 435  99.7812  . . . . 0.184 . . . . . . . . . . . 0.157 
'X-RAY DIFFRACTION' 5.959 35.324 . . 14 237  96.5385  . . . . 0.259 . . . . . . . . . . . 0.241 
# 
_struct.entry_id                     8HXS 
_struct.title                        'Small_spotted catshark CD8alpha' 
_struct.pdbx_model_details           ? 
_struct.pdbx_formula_weight          ? 
_struct.pdbx_formula_weight_method   ? 
_struct.pdbx_model_type_details      ? 
_struct.pdbx_CASP_flag               N 
# 
_struct_keywords.entry_id        8HXS 
_struct_keywords.text            'Cartilaginous fishes, CD8alpha, CYTOKINE' 
_struct_keywords.pdbx_keywords   CYTOKINE 
# 
loop_
_struct_asym.id 
_struct_asym.pdbx_blank_PDB_chainid_flag 
_struct_asym.pdbx_modified 
_struct_asym.entity_id 
_struct_asym.details 
A N N 1 ? 
B N N 2 ? 
# 
_struct_ref.id                         1 
_struct_ref.db_name                    UNP 
_struct_ref.db_code                    A0A8A5LLJ8_SCYCA 
_struct_ref.pdbx_db_accession          A0A8A5LLJ8 
_struct_ref.pdbx_db_isoform            ? 
_struct_ref.entity_id                  1 
_struct_ref.pdbx_seq_one_letter_code   
;QSTRVEEGSKVAISCSLMADEGVHWFRQGKKPNPEFLVYISGIGSQNPAAKDKYSADKSSQKVTLTVKDFRKEDSGKYYC
LMVKNRALTFGKPQDYYVEE
;
_struct_ref.pdbx_align_begin           22 
# 
_struct_ref_seq.align_id                      1 
_struct_ref_seq.ref_id                        1 
_struct_ref_seq.pdbx_PDB_id_code              8HXS 
_struct_ref_seq.pdbx_strand_id                A 
_struct_ref_seq.seq_align_beg                 1 
_struct_ref_seq.pdbx_seq_align_beg_ins_code   ? 
_struct_ref_seq.seq_align_end                 100 
_struct_ref_seq.pdbx_seq_align_end_ins_code   ? 
_struct_ref_seq.pdbx_db_accession             A0A8A5LLJ8 
_struct_ref_seq.db_align_beg                  22 
_struct_ref_seq.pdbx_db_align_beg_ins_code    ? 
_struct_ref_seq.db_align_end                  121 
_struct_ref_seq.pdbx_db_align_end_ins_code    ? 
_struct_ref_seq.pdbx_auth_seq_align_beg       5 
_struct_ref_seq.pdbx_auth_seq_align_end       104 
# 
_pdbx_struct_assembly.id                   1 
_pdbx_struct_assembly.details              author_and_software_defined_assembly 
_pdbx_struct_assembly.method_details       PISA 
_pdbx_struct_assembly.oligomeric_details   dimeric 
_pdbx_struct_assembly.oligomeric_count     2 
# 
loop_
_pdbx_struct_assembly_prop.biol_id 
_pdbx_struct_assembly_prop.type 
_pdbx_struct_assembly_prop.value 
_pdbx_struct_assembly_prop.details 
1 'ABSA (A^2)' 1710  ? 
1 MORE         -14   ? 
1 'SSA (A^2)'  10470 ? 
# 
_pdbx_struct_assembly_gen.assembly_id       1 
_pdbx_struct_assembly_gen.oper_expression   1,2 
_pdbx_struct_assembly_gen.asym_id_list      A,B 
# 
_pdbx_struct_assembly_auth_evidence.id                     1 
_pdbx_struct_assembly_auth_evidence.assembly_id            1 
_pdbx_struct_assembly_auth_evidence.experimental_support   'gel filtration' 
_pdbx_struct_assembly_auth_evidence.details                ? 
# 
loop_
_pdbx_struct_oper_list.id 
_pdbx_struct_oper_list.type 
_pdbx_struct_oper_list.name 
_pdbx_struct_oper_list.symmetry_operation 
_pdbx_struct_oper_list.matrix[1][1] 
_pdbx_struct_oper_list.matrix[1][2] 
_pdbx_struct_oper_list.matrix[1][3] 
_pdbx_struct_oper_list.vector[1] 
_pdbx_struct_oper_list.matrix[2][1] 
_pdbx_struct_oper_list.matrix[2][2] 
_pdbx_struct_oper_list.matrix[2][3] 
_pdbx_struct_oper_list.vector[2] 
_pdbx_struct_oper_list.matrix[3][1] 
_pdbx_struct_oper_list.matrix[3][2] 
_pdbx_struct_oper_list.matrix[3][3] 
_pdbx_struct_oper_list.vector[3] 
1 'identity operation'         1_555 x,y,z       1.0000000000  0.0000000000 0.0000000000  0.0000000000 0.0000000000 1.0000000000  0.0000000000  0.0000000000  0.0000000000  0.0000000000  1.0000000000  0.0000000000  
2 'crystal symmetry operation' 2_656 -x+1,y,-z+1 -0.1222448827 0.7541967564 -0.6451693121 1.5085847875 0.7541967564 -0.3519687482 -0.5543512000 13.6052485264 -0.6451693121 -0.5543512000 -0.5257863690 17.9568403338 
# 
_struct_conf.conf_type_id            HELX_P 
_struct_conf.id                      HELX_P1 
_struct_conf.pdbx_PDB_helix_id       AA1 
_struct_conf.beg_label_comp_id       ARG 
_struct_conf.beg_label_asym_id       A 
_struct_conf.beg_label_seq_id        71 
_struct_conf.pdbx_beg_PDB_ins_code   ? 
_struct_conf.end_label_comp_id       SER 
_struct_conf.end_label_asym_id       A 
_struct_conf.end_label_seq_id        75 
_struct_conf.pdbx_end_PDB_ins_code   ? 
_struct_conf.beg_auth_comp_id        ARG 
_struct_conf.beg_auth_asym_id        A 
_struct_conf.beg_auth_seq_id         75 
_struct_conf.end_auth_comp_id        SER 
_struct_conf.end_auth_asym_id        A 
_struct_conf.end_auth_seq_id         79 
_struct_conf.pdbx_PDB_helix_class    5 
_struct_conf.details                 ? 
_struct_conf.pdbx_PDB_helix_length   5 
# 
_struct_conf_type.id          HELX_P 
_struct_conf_type.criteria    ? 
_struct_conf_type.reference   ? 
# 
_struct_conn.id                            disulf1 
_struct_conn.conn_type_id                  disulf 
_struct_conn.pdbx_leaving_atom_flag        ? 
_struct_conn.pdbx_PDB_id                   ? 
_struct_conn.ptnr1_label_asym_id           A 
_struct_conn.ptnr1_label_comp_id           CYS 
_struct_conn.ptnr1_label_seq_id            15 
_struct_conn.ptnr1_label_atom_id           SG 
_struct_conn.pdbx_ptnr1_label_alt_id       ? 
_struct_conn.pdbx_ptnr1_PDB_ins_code       ? 
_struct_conn.pdbx_ptnr1_standard_comp_id   ? 
_struct_conn.ptnr1_symmetry                1_555 
_struct_conn.ptnr2_label_asym_id           A 
_struct_conn.ptnr2_label_comp_id           CYS 
_struct_conn.ptnr2_label_seq_id            80 
_struct_conn.ptnr2_label_atom_id           SG 
_struct_conn.pdbx_ptnr2_label_alt_id       ? 
_struct_conn.pdbx_ptnr2_PDB_ins_code       ? 
_struct_conn.ptnr1_auth_asym_id            A 
_struct_conn.ptnr1_auth_comp_id            CYS 
_struct_conn.ptnr1_auth_seq_id             19 
_struct_conn.ptnr2_auth_asym_id            A 
_struct_conn.ptnr2_auth_comp_id            CYS 
_struct_conn.ptnr2_auth_seq_id             84 
_struct_conn.ptnr2_symmetry                1_555 
_struct_conn.pdbx_ptnr3_label_atom_id      ? 
_struct_conn.pdbx_ptnr3_label_seq_id       ? 
_struct_conn.pdbx_ptnr3_label_comp_id      ? 
_struct_conn.pdbx_ptnr3_label_asym_id      ? 
_struct_conn.pdbx_ptnr3_label_alt_id       ? 
_struct_conn.pdbx_ptnr3_PDB_ins_code       ? 
_struct_conn.details                       ? 
_struct_conn.pdbx_dist_value               2.112 
_struct_conn.pdbx_value_order              ? 
_struct_conn.pdbx_role                     ? 
# 
_struct_conn_type.id          disulf 
_struct_conn_type.criteria    ? 
_struct_conn_type.reference   ? 
# 
_pdbx_modification_feature.ordinal                            1 
_pdbx_modification_feature.label_comp_id                      CYS 
_pdbx_modification_feature.label_asym_id                      A 
_pdbx_modification_feature.label_seq_id                       15 
_pdbx_modification_feature.label_alt_id                       ? 
_pdbx_modification_feature.modified_residue_label_comp_id     CYS 
_pdbx_modification_feature.modified_residue_label_asym_id     A 
_pdbx_modification_feature.modified_residue_label_seq_id      80 
_pdbx_modification_feature.modified_residue_label_alt_id      ? 
_pdbx_modification_feature.auth_comp_id                       CYS 
_pdbx_modification_feature.auth_asym_id                       A 
_pdbx_modification_feature.auth_seq_id                        19 
_pdbx_modification_feature.PDB_ins_code                       ? 
_pdbx_modification_feature.symmetry                           1_555 
_pdbx_modification_feature.modified_residue_auth_comp_id      CYS 
_pdbx_modification_feature.modified_residue_auth_asym_id      A 
_pdbx_modification_feature.modified_residue_auth_seq_id       84 
_pdbx_modification_feature.modified_residue_PDB_ins_code      ? 
_pdbx_modification_feature.modified_residue_symmetry          1_555 
_pdbx_modification_feature.comp_id_linking_atom               SG 
_pdbx_modification_feature.modified_residue_id_linking_atom   SG 
_pdbx_modification_feature.modified_residue_id                . 
_pdbx_modification_feature.ref_pcm_id                         . 
_pdbx_modification_feature.ref_comp_id                        . 
_pdbx_modification_feature.type                               None 
_pdbx_modification_feature.category                           'Disulfide bridge' 
# 
_struct_mon_prot_cis.pdbx_id                1 
_struct_mon_prot_cis.label_comp_id          ASN 
_struct_mon_prot_cis.label_seq_id           47 
_struct_mon_prot_cis.label_asym_id          A 
_struct_mon_prot_cis.label_alt_id           . 
_struct_mon_prot_cis.pdbx_PDB_ins_code      ? 
_struct_mon_prot_cis.auth_comp_id           ASN 
_struct_mon_prot_cis.auth_seq_id            51 
_struct_mon_prot_cis.auth_asym_id           A 
_struct_mon_prot_cis.pdbx_label_comp_id_2   PRO 
_struct_mon_prot_cis.pdbx_label_seq_id_2    48 
_struct_mon_prot_cis.pdbx_label_asym_id_2   A 
_struct_mon_prot_cis.pdbx_PDB_ins_code_2    ? 
_struct_mon_prot_cis.pdbx_auth_comp_id_2    PRO 
_struct_mon_prot_cis.pdbx_auth_seq_id_2     52 
_struct_mon_prot_cis.pdbx_auth_asym_id_2    A 
_struct_mon_prot_cis.pdbx_PDB_model_num     1 
_struct_mon_prot_cis.pdbx_omega_angle       -6.16 
# 
loop_
_struct_sheet.id 
_struct_sheet.type 
_struct_sheet.number_strands 
_struct_sheet.details 
AA1 ? 6 ? 
AA2 ? 4 ? 
AA3 ? 3 ? 
# 
loop_
_struct_sheet_order.sheet_id 
_struct_sheet_order.range_id_1 
_struct_sheet_order.range_id_2 
_struct_sheet_order.offset 
_struct_sheet_order.sense 
AA1 1 2 ? parallel      
AA1 2 3 ? anti-parallel 
AA1 3 4 ? anti-parallel 
AA1 4 5 ? anti-parallel 
AA1 5 6 ? anti-parallel 
AA2 1 2 ? parallel      
AA2 2 3 ? anti-parallel 
AA2 3 4 ? anti-parallel 
AA3 1 2 ? anti-parallel 
AA3 2 3 ? anti-parallel 
# 
loop_
_struct_sheet_range.sheet_id 
_struct_sheet_range.id 
_struct_sheet_range.beg_label_comp_id 
_struct_sheet_range.beg_label_asym_id 
_struct_sheet_range.beg_label_seq_id 
_struct_sheet_range.pdbx_beg_PDB_ins_code 
_struct_sheet_range.end_label_comp_id 
_struct_sheet_range.end_label_asym_id 
_struct_sheet_range.end_label_seq_id 
_struct_sheet_range.pdbx_end_PDB_ins_code 
_struct_sheet_range.beg_auth_comp_id 
_struct_sheet_range.beg_auth_asym_id 
_struct_sheet_range.beg_auth_seq_id 
_struct_sheet_range.end_auth_comp_id 
_struct_sheet_range.end_auth_asym_id 
_struct_sheet_range.end_auth_seq_id 
AA1 1 THR A 3  ? ARG A 4  ? THR A 7  ARG A 8   
AA1 2 GLN A 94 ? TYR A 97 ? GLN A 98 TYR A 101 
AA1 3 GLY A 76 ? VAL A 83 ? GLY A 80 VAL A 87  
AA1 4 VAL A 23 ? GLN A 28 ? VAL A 27 GLN A 32  
AA1 5 GLU A 35 ? ILE A 40 ? GLU A 39 ILE A 44  
AA1 6 GLN A 46 ? ASN A 47 ? GLN A 50 ASN A 51  
AA2 1 THR A 3  ? ARG A 4  ? THR A 7  ARG A 8   
AA2 2 GLN A 94 ? TYR A 97 ? GLN A 98 TYR A 101 
AA2 3 GLY A 76 ? VAL A 83 ? GLY A 80 VAL A 87  
AA2 4 LEU A 88 ? PHE A 90 ? LEU A 92 PHE A 94  
AA3 1 VAL A 11 ? SER A 14 ? VAL A 15 SER A 18  
AA3 2 LYS A 62 ? VAL A 67 ? LYS A 66 VAL A 71  
AA3 3 TYR A 54 ? SER A 59 ? TYR A 58 SER A 63  
# 
loop_
_pdbx_struct_sheet_hbond.sheet_id 
_pdbx_struct_sheet_hbond.range_id_1 
_pdbx_struct_sheet_hbond.range_id_2 
_pdbx_struct_sheet_hbond.range_1_label_atom_id 
_pdbx_struct_sheet_hbond.range_1_label_comp_id 
_pdbx_struct_sheet_hbond.range_1_label_asym_id 
_pdbx_struct_sheet_hbond.range_1_label_seq_id 
_pdbx_struct_sheet_hbond.range_1_PDB_ins_code 
_pdbx_struct_sheet_hbond.range_1_auth_atom_id 
_pdbx_struct_sheet_hbond.range_1_auth_comp_id 
_pdbx_struct_sheet_hbond.range_1_auth_asym_id 
_pdbx_struct_sheet_hbond.range_1_auth_seq_id 
_pdbx_struct_sheet_hbond.range_2_label_atom_id 
_pdbx_struct_sheet_hbond.range_2_label_comp_id 
_pdbx_struct_sheet_hbond.range_2_label_asym_id 
_pdbx_struct_sheet_hbond.range_2_label_seq_id 
_pdbx_struct_sheet_hbond.range_2_PDB_ins_code 
_pdbx_struct_sheet_hbond.range_2_auth_atom_id 
_pdbx_struct_sheet_hbond.range_2_auth_comp_id 
_pdbx_struct_sheet_hbond.range_2_auth_asym_id 
_pdbx_struct_sheet_hbond.range_2_auth_seq_id 
AA1 1 2 N THR A 3  ? N THR A 7  O ASP A 95 ? O ASP A 99 
AA1 2 3 O GLN A 94 ? O GLN A 98 N TYR A 78 ? N TYR A 82 
AA1 3 4 O TYR A 79 ? O TYR A 83 N PHE A 26 ? N PHE A 30 
AA1 4 5 N ARG A 27 ? N ARG A 31 O GLU A 35 ? O GLU A 39 
AA1 5 6 N TYR A 39 ? N TYR A 43 O ASN A 47 ? O ASN A 51 
AA2 1 2 N THR A 3  ? N THR A 7  O ASP A 95 ? O ASP A 99 
AA2 2 3 O GLN A 94 ? O GLN A 98 N TYR A 78 ? N TYR A 82 
AA2 3 4 N MET A 82 ? N MET A 86 O THR A 89 ? O THR A 93 
AA3 1 2 N ILE A 13 ? N ILE A 17 O LEU A 65 ? O LEU A 69 
AA3 2 3 O THR A 66 ? O THR A 70 N SER A 55 ? N SER A 59 
# 
_pdbx_entry_details.entry_id                   8HXS 
_pdbx_entry_details.compound_details           ? 
_pdbx_entry_details.source_details             ? 
_pdbx_entry_details.nonpolymer_details         ? 
_pdbx_entry_details.sequence_details           ? 
_pdbx_entry_details.has_ligand_of_interest     ? 
_pdbx_entry_details.has_protein_modification   Y 
# 
_pdbx_validate_torsion.id              1 
_pdbx_validate_torsion.PDB_model_num   1 
_pdbx_validate_torsion.auth_comp_id    LEU 
_pdbx_validate_torsion.auth_asym_id    A 
_pdbx_validate_torsion.auth_seq_id     41 
_pdbx_validate_torsion.PDB_ins_code    ? 
_pdbx_validate_torsion.label_alt_id    ? 
_pdbx_validate_torsion.phi             -104.89 
_pdbx_validate_torsion.psi             -68.98 
# 
loop_
_pdbx_struct_special_symmetry.id 
_pdbx_struct_special_symmetry.PDB_model_num 
_pdbx_struct_special_symmetry.auth_asym_id 
_pdbx_struct_special_symmetry.auth_comp_id 
_pdbx_struct_special_symmetry.auth_seq_id 
_pdbx_struct_special_symmetry.PDB_ins_code 
_pdbx_struct_special_symmetry.label_asym_id 
_pdbx_struct_special_symmetry.label_comp_id 
_pdbx_struct_special_symmetry.label_seq_id 
1 1 A HOH 242 ? B HOH . 
2 1 A HOH 325 ? B HOH . 
# 
loop_
_chem_comp_atom.comp_id 
_chem_comp_atom.atom_id 
_chem_comp_atom.type_symbol 
_chem_comp_atom.pdbx_aromatic_flag 
_chem_comp_atom.pdbx_stereo_config 
_chem_comp_atom.pdbx_ordinal 
ALA N    N N N 1   
ALA CA   C N S 2   
ALA C    C N N 3   
ALA O    O N N 4   
ALA CB   C N N 5   
ALA OXT  O N N 6   
ALA H    H N N 7   
ALA H2   H N N 8   
ALA HA   H N N 9   
ALA HB1  H N N 10  
ALA HB2  H N N 11  
ALA HB3  H N N 12  
ALA HXT  H N N 13  
ARG N    N N N 14  
ARG CA   C N S 15  
ARG C    C N N 16  
ARG O    O N N 17  
ARG CB   C N N 18  
ARG CG   C N N 19  
ARG CD   C N N 20  
ARG NE   N N N 21  
ARG CZ   C N N 22  
ARG NH1  N N N 23  
ARG NH2  N N N 24  
ARG OXT  O N N 25  
ARG H    H N N 26  
ARG H2   H N N 27  
ARG HA   H N N 28  
ARG HB2  H N N 29  
ARG HB3  H N N 30  
ARG HG2  H N N 31  
ARG HG3  H N N 32  
ARG HD2  H N N 33  
ARG HD3  H N N 34  
ARG HE   H N N 35  
ARG HH11 H N N 36  
ARG HH12 H N N 37  
ARG HH21 H N N 38  
ARG HH22 H N N 39  
ARG HXT  H N N 40  
ASN N    N N N 41  
ASN CA   C N S 42  
ASN C    C N N 43  
ASN O    O N N 44  
ASN CB   C N N 45  
ASN CG   C N N 46  
ASN OD1  O N N 47  
ASN ND2  N N N 48  
ASN OXT  O N N 49  
ASN H    H N N 50  
ASN H2   H N N 51  
ASN HA   H N N 52  
ASN HB2  H N N 53  
ASN HB3  H N N 54  
ASN HD21 H N N 55  
ASN HD22 H N N 56  
ASN HXT  H N N 57  
ASP N    N N N 58  
ASP CA   C N S 59  
ASP C    C N N 60  
ASP O    O N N 61  
ASP CB   C N N 62  
ASP CG   C N N 63  
ASP OD1  O N N 64  
ASP OD2  O N N 65  
ASP OXT  O N N 66  
ASP H    H N N 67  
ASP H2   H N N 68  
ASP HA   H N N 69  
ASP HB2  H N N 70  
ASP HB3  H N N 71  
ASP HD2  H N N 72  
ASP HXT  H N N 73  
CYS N    N N N 74  
CYS CA   C N R 75  
CYS C    C N N 76  
CYS O    O N N 77  
CYS CB   C N N 78  
CYS SG   S N N 79  
CYS OXT  O N N 80  
CYS H    H N N 81  
CYS H2   H N N 82  
CYS HA   H N N 83  
CYS HB2  H N N 84  
CYS HB3  H N N 85  
CYS HG   H N N 86  
CYS HXT  H N N 87  
GLN N    N N N 88  
GLN CA   C N S 89  
GLN C    C N N 90  
GLN O    O N N 91  
GLN CB   C N N 92  
GLN CG   C N N 93  
GLN CD   C N N 94  
GLN OE1  O N N 95  
GLN NE2  N N N 96  
GLN OXT  O N N 97  
GLN H    H N N 98  
GLN H2   H N N 99  
GLN HA   H N N 100 
GLN HB2  H N N 101 
GLN HB3  H N N 102 
GLN HG2  H N N 103 
GLN HG3  H N N 104 
GLN HE21 H N N 105 
GLN HE22 H N N 106 
GLN HXT  H N N 107 
GLU N    N N N 108 
GLU CA   C N S 109 
GLU C    C N N 110 
GLU O    O N N 111 
GLU CB   C N N 112 
GLU CG   C N N 113 
GLU CD   C N N 114 
GLU OE1  O N N 115 
GLU OE2  O N N 116 
GLU OXT  O N N 117 
GLU H    H N N 118 
GLU H2   H N N 119 
GLU HA   H N N 120 
GLU HB2  H N N 121 
GLU HB3  H N N 122 
GLU HG2  H N N 123 
GLU HG3  H N N 124 
GLU HE2  H N N 125 
GLU HXT  H N N 126 
GLY N    N N N 127 
GLY CA   C N N 128 
GLY C    C N N 129 
GLY O    O N N 130 
GLY OXT  O N N 131 
GLY H    H N N 132 
GLY H2   H N N 133 
GLY HA2  H N N 134 
GLY HA3  H N N 135 
GLY HXT  H N N 136 
HIS N    N N N 137 
HIS CA   C N S 138 
HIS C    C N N 139 
HIS O    O N N 140 
HIS CB   C N N 141 
HIS CG   C Y N 142 
HIS ND1  N Y N 143 
HIS CD2  C Y N 144 
HIS CE1  C Y N 145 
HIS NE2  N Y N 146 
HIS OXT  O N N 147 
HIS H    H N N 148 
HIS H2   H N N 149 
HIS HA   H N N 150 
HIS HB2  H N N 151 
HIS HB3  H N N 152 
HIS HD1  H N N 153 
HIS HD2  H N N 154 
HIS HE1  H N N 155 
HIS HE2  H N N 156 
HIS HXT  H N N 157 
HOH O    O N N 158 
HOH H1   H N N 159 
HOH H2   H N N 160 
ILE N    N N N 161 
ILE CA   C N S 162 
ILE C    C N N 163 
ILE O    O N N 164 
ILE CB   C N S 165 
ILE CG1  C N N 166 
ILE CG2  C N N 167 
ILE CD1  C N N 168 
ILE OXT  O N N 169 
ILE H    H N N 170 
ILE H2   H N N 171 
ILE HA   H N N 172 
ILE HB   H N N 173 
ILE HG12 H N N 174 
ILE HG13 H N N 175 
ILE HG21 H N N 176 
ILE HG22 H N N 177 
ILE HG23 H N N 178 
ILE HD11 H N N 179 
ILE HD12 H N N 180 
ILE HD13 H N N 181 
ILE HXT  H N N 182 
LEU N    N N N 183 
LEU CA   C N S 184 
LEU C    C N N 185 
LEU O    O N N 186 
LEU CB   C N N 187 
LEU CG   C N N 188 
LEU CD1  C N N 189 
LEU CD2  C N N 190 
LEU OXT  O N N 191 
LEU H    H N N 192 
LEU H2   H N N 193 
LEU HA   H N N 194 
LEU HB2  H N N 195 
LEU HB3  H N N 196 
LEU HG   H N N 197 
LEU HD11 H N N 198 
LEU HD12 H N N 199 
LEU HD13 H N N 200 
LEU HD21 H N N 201 
LEU HD22 H N N 202 
LEU HD23 H N N 203 
LEU HXT  H N N 204 
LYS N    N N N 205 
LYS CA   C N S 206 
LYS C    C N N 207 
LYS O    O N N 208 
LYS CB   C N N 209 
LYS CG   C N N 210 
LYS CD   C N N 211 
LYS CE   C N N 212 
LYS NZ   N N N 213 
LYS OXT  O N N 214 
LYS H    H N N 215 
LYS H2   H N N 216 
LYS HA   H N N 217 
LYS HB2  H N N 218 
LYS HB3  H N N 219 
LYS HG2  H N N 220 
LYS HG3  H N N 221 
LYS HD2  H N N 222 
LYS HD3  H N N 223 
LYS HE2  H N N 224 
LYS HE3  H N N 225 
LYS HZ1  H N N 226 
LYS HZ2  H N N 227 
LYS HZ3  H N N 228 
LYS HXT  H N N 229 
MET N    N N N 230 
MET CA   C N S 231 
MET C    C N N 232 
MET O    O N N 233 
MET CB   C N N 234 
MET CG   C N N 235 
MET SD   S N N 236 
MET CE   C N N 237 
MET OXT  O N N 238 
MET H    H N N 239 
MET H2   H N N 240 
MET HA   H N N 241 
MET HB2  H N N 242 
MET HB3  H N N 243 
MET HG2  H N N 244 
MET HG3  H N N 245 
MET HE1  H N N 246 
MET HE2  H N N 247 
MET HE3  H N N 248 
MET HXT  H N N 249 
PHE N    N N N 250 
PHE CA   C N S 251 
PHE C    C N N 252 
PHE O    O N N 253 
PHE CB   C N N 254 
PHE CG   C Y N 255 
PHE CD1  C Y N 256 
PHE CD2  C Y N 257 
PHE CE1  C Y N 258 
PHE CE2  C Y N 259 
PHE CZ   C Y N 260 
PHE OXT  O N N 261 
PHE H    H N N 262 
PHE H2   H N N 263 
PHE HA   H N N 264 
PHE HB2  H N N 265 
PHE HB3  H N N 266 
PHE HD1  H N N 267 
PHE HD2  H N N 268 
PHE HE1  H N N 269 
PHE HE2  H N N 270 
PHE HZ   H N N 271 
PHE HXT  H N N 272 
PRO N    N N N 273 
PRO CA   C N S 274 
PRO C    C N N 275 
PRO O    O N N 276 
PRO CB   C N N 277 
PRO CG   C N N 278 
PRO CD   C N N 279 
PRO OXT  O N N 280 
PRO H    H N N 281 
PRO HA   H N N 282 
PRO HB2  H N N 283 
PRO HB3  H N N 284 
PRO HG2  H N N 285 
PRO HG3  H N N 286 
PRO HD2  H N N 287 
PRO HD3  H N N 288 
PRO HXT  H N N 289 
SER N    N N N 290 
SER CA   C N S 291 
SER C    C N N 292 
SER O    O N N 293 
SER CB   C N N 294 
SER OG   O N N 295 
SER OXT  O N N 296 
SER H    H N N 297 
SER H2   H N N 298 
SER HA   H N N 299 
SER HB2  H N N 300 
SER HB3  H N N 301 
SER HG   H N N 302 
SER HXT  H N N 303 
THR N    N N N 304 
THR CA   C N S 305 
THR C    C N N 306 
THR O    O N N 307 
THR CB   C N R 308 
THR OG1  O N N 309 
THR CG2  C N N 310 
THR OXT  O N N 311 
THR H    H N N 312 
THR H2   H N N 313 
THR HA   H N N 314 
THR HB   H N N 315 
THR HG1  H N N 316 
THR HG21 H N N 317 
THR HG22 H N N 318 
THR HG23 H N N 319 
THR HXT  H N N 320 
TRP N    N N N 321 
TRP CA   C N S 322 
TRP C    C N N 323 
TRP O    O N N 324 
TRP CB   C N N 325 
TRP CG   C Y N 326 
TRP CD1  C Y N 327 
TRP CD2  C Y N 328 
TRP NE1  N Y N 329 
TRP CE2  C Y N 330 
TRP CE3  C Y N 331 
TRP CZ2  C Y N 332 
TRP CZ3  C Y N 333 
TRP CH2  C Y N 334 
TRP OXT  O N N 335 
TRP H    H N N 336 
TRP H2   H N N 337 
TRP HA   H N N 338 
TRP HB2  H N N 339 
TRP HB3  H N N 340 
TRP HD1  H N N 341 
TRP HE1  H N N 342 
TRP HE3  H N N 343 
TRP HZ2  H N N 344 
TRP HZ3  H N N 345 
TRP HH2  H N N 346 
TRP HXT  H N N 347 
TYR N    N N N 348 
TYR CA   C N S 349 
TYR C    C N N 350 
TYR O    O N N 351 
TYR CB   C N N 352 
TYR CG   C Y N 353 
TYR CD1  C Y N 354 
TYR CD2  C Y N 355 
TYR CE1  C Y N 356 
TYR CE2  C Y N 357 
TYR CZ   C Y N 358 
TYR OH   O N N 359 
TYR OXT  O N N 360 
TYR H    H N N 361 
TYR H2   H N N 362 
TYR HA   H N N 363 
TYR HB2  H N N 364 
TYR HB3  H N N 365 
TYR HD1  H N N 366 
TYR HD2  H N N 367 
TYR HE1  H N N 368 
TYR HE2  H N N 369 
TYR HH   H N N 370 
TYR HXT  H N N 371 
VAL N    N N N 372 
VAL CA   C N S 373 
VAL C    C N N 374 
VAL O    O N N 375 
VAL CB   C N N 376 
VAL CG1  C N N 377 
VAL CG2  C N N 378 
VAL OXT  O N N 379 
VAL H    H N N 380 
VAL H2   H N N 381 
VAL HA   H N N 382 
VAL HB   H N N 383 
VAL HG11 H N N 384 
VAL HG12 H N N 385 
VAL HG13 H N N 386 
VAL HG21 H N N 387 
VAL HG22 H N N 388 
VAL HG23 H N N 389 
VAL HXT  H N N 390 
# 
loop_
_chem_comp_bond.comp_id 
_chem_comp_bond.atom_id_1 
_chem_comp_bond.atom_id_2 
_chem_comp_bond.value_order 
_chem_comp_bond.pdbx_aromatic_flag 
_chem_comp_bond.pdbx_stereo_config 
_chem_comp_bond.pdbx_ordinal 
ALA N   CA   sing N N 1   
ALA N   H    sing N N 2   
ALA N   H2   sing N N 3   
ALA CA  C    sing N N 4   
ALA CA  CB   sing N N 5   
ALA CA  HA   sing N N 6   
ALA C   O    doub N N 7   
ALA C   OXT  sing N N 8   
ALA CB  HB1  sing N N 9   
ALA CB  HB2  sing N N 10  
ALA CB  HB3  sing N N 11  
ALA OXT HXT  sing N N 12  
ARG N   CA   sing N N 13  
ARG N   H    sing N N 14  
ARG N   H2   sing N N 15  
ARG CA  C    sing N N 16  
ARG CA  CB   sing N N 17  
ARG CA  HA   sing N N 18  
ARG C   O    doub N N 19  
ARG C   OXT  sing N N 20  
ARG CB  CG   sing N N 21  
ARG CB  HB2  sing N N 22  
ARG CB  HB3  sing N N 23  
ARG CG  CD   sing N N 24  
ARG CG  HG2  sing N N 25  
ARG CG  HG3  sing N N 26  
ARG CD  NE   sing N N 27  
ARG CD  HD2  sing N N 28  
ARG CD  HD3  sing N N 29  
ARG NE  CZ   sing N N 30  
ARG NE  HE   sing N N 31  
ARG CZ  NH1  sing N N 32  
ARG CZ  NH2  doub N N 33  
ARG NH1 HH11 sing N N 34  
ARG NH1 HH12 sing N N 35  
ARG NH2 HH21 sing N N 36  
ARG NH2 HH22 sing N N 37  
ARG OXT HXT  sing N N 38  
ASN N   CA   sing N N 39  
ASN N   H    sing N N 40  
ASN N   H2   sing N N 41  
ASN CA  C    sing N N 42  
ASN CA  CB   sing N N 43  
ASN CA  HA   sing N N 44  
ASN C   O    doub N N 45  
ASN C   OXT  sing N N 46  
ASN CB  CG   sing N N 47  
ASN CB  HB2  sing N N 48  
ASN CB  HB3  sing N N 49  
ASN CG  OD1  doub N N 50  
ASN CG  ND2  sing N N 51  
ASN ND2 HD21 sing N N 52  
ASN ND2 HD22 sing N N 53  
ASN OXT HXT  sing N N 54  
ASP N   CA   sing N N 55  
ASP N   H    sing N N 56  
ASP N   H2   sing N N 57  
ASP CA  C    sing N N 58  
ASP CA  CB   sing N N 59  
ASP CA  HA   sing N N 60  
ASP C   O    doub N N 61  
ASP C   OXT  sing N N 62  
ASP CB  CG   sing N N 63  
ASP CB  HB2  sing N N 64  
ASP CB  HB3  sing N N 65  
ASP CG  OD1  doub N N 66  
ASP CG  OD2  sing N N 67  
ASP OD2 HD2  sing N N 68  
ASP OXT HXT  sing N N 69  
CYS N   CA   sing N N 70  
CYS N   H    sing N N 71  
CYS N   H2   sing N N 72  
CYS CA  C    sing N N 73  
CYS CA  CB   sing N N 74  
CYS CA  HA   sing N N 75  
CYS C   O    doub N N 76  
CYS C   OXT  sing N N 77  
CYS CB  SG   sing N N 78  
CYS CB  HB2  sing N N 79  
CYS CB  HB3  sing N N 80  
CYS SG  HG   sing N N 81  
CYS OXT HXT  sing N N 82  
GLN N   CA   sing N N 83  
GLN N   H    sing N N 84  
GLN N   H2   sing N N 85  
GLN CA  C    sing N N 86  
GLN CA  CB   sing N N 87  
GLN CA  HA   sing N N 88  
GLN C   O    doub N N 89  
GLN C   OXT  sing N N 90  
GLN CB  CG   sing N N 91  
GLN CB  HB2  sing N N 92  
GLN CB  HB3  sing N N 93  
GLN CG  CD   sing N N 94  
GLN CG  HG2  sing N N 95  
GLN CG  HG3  sing N N 96  
GLN CD  OE1  doub N N 97  
GLN CD  NE2  sing N N 98  
GLN NE2 HE21 sing N N 99  
GLN NE2 HE22 sing N N 100 
GLN OXT HXT  sing N N 101 
GLU N   CA   sing N N 102 
GLU N   H    sing N N 103 
GLU N   H2   sing N N 104 
GLU CA  C    sing N N 105 
GLU CA  CB   sing N N 106 
GLU CA  HA   sing N N 107 
GLU C   O    doub N N 108 
GLU C   OXT  sing N N 109 
GLU CB  CG   sing N N 110 
GLU CB  HB2  sing N N 111 
GLU CB  HB3  sing N N 112 
GLU CG  CD   sing N N 113 
GLU CG  HG2  sing N N 114 
GLU CG  HG3  sing N N 115 
GLU CD  OE1  doub N N 116 
GLU CD  OE2  sing N N 117 
GLU OE2 HE2  sing N N 118 
GLU OXT HXT  sing N N 119 
GLY N   CA   sing N N 120 
GLY N   H    sing N N 121 
GLY N   H2   sing N N 122 
GLY CA  C    sing N N 123 
GLY CA  HA2  sing N N 124 
GLY CA  HA3  sing N N 125 
GLY C   O    doub N N 126 
GLY C   OXT  sing N N 127 
GLY OXT HXT  sing N N 128 
HIS N   CA   sing N N 129 
HIS N   H    sing N N 130 
HIS N   H2   sing N N 131 
HIS CA  C    sing N N 132 
HIS CA  CB   sing N N 133 
HIS CA  HA   sing N N 134 
HIS C   O    doub N N 135 
HIS C   OXT  sing N N 136 
HIS CB  CG   sing N N 137 
HIS CB  HB2  sing N N 138 
HIS CB  HB3  sing N N 139 
HIS CG  ND1  sing Y N 140 
HIS CG  CD2  doub Y N 141 
HIS ND1 CE1  doub Y N 142 
HIS ND1 HD1  sing N N 143 
HIS CD2 NE2  sing Y N 144 
HIS CD2 HD2  sing N N 145 
HIS CE1 NE2  sing Y N 146 
HIS CE1 HE1  sing N N 147 
HIS NE2 HE2  sing N N 148 
HIS OXT HXT  sing N N 149 
HOH O   H1   sing N N 150 
HOH O   H2   sing N N 151 
ILE N   CA   sing N N 152 
ILE N   H    sing N N 153 
ILE N   H2   sing N N 154 
ILE CA  C    sing N N 155 
ILE CA  CB   sing N N 156 
ILE CA  HA   sing N N 157 
ILE C   O    doub N N 158 
ILE C   OXT  sing N N 159 
ILE CB  CG1  sing N N 160 
ILE CB  CG2  sing N N 161 
ILE CB  HB   sing N N 162 
ILE CG1 CD1  sing N N 163 
ILE CG1 HG12 sing N N 164 
ILE CG1 HG13 sing N N 165 
ILE CG2 HG21 sing N N 166 
ILE CG2 HG22 sing N N 167 
ILE CG2 HG23 sing N N 168 
ILE CD1 HD11 sing N N 169 
ILE CD1 HD12 sing N N 170 
ILE CD1 HD13 sing N N 171 
ILE OXT HXT  sing N N 172 
LEU N   CA   sing N N 173 
LEU N   H    sing N N 174 
LEU N   H2   sing N N 175 
LEU CA  C    sing N N 176 
LEU CA  CB   sing N N 177 
LEU CA  HA   sing N N 178 
LEU C   O    doub N N 179 
LEU C   OXT  sing N N 180 
LEU CB  CG   sing N N 181 
LEU CB  HB2  sing N N 182 
LEU CB  HB3  sing N N 183 
LEU CG  CD1  sing N N 184 
LEU CG  CD2  sing N N 185 
LEU CG  HG   sing N N 186 
LEU CD1 HD11 sing N N 187 
LEU CD1 HD12 sing N N 188 
LEU CD1 HD13 sing N N 189 
LEU CD2 HD21 sing N N 190 
LEU CD2 HD22 sing N N 191 
LEU CD2 HD23 sing N N 192 
LEU OXT HXT  sing N N 193 
LYS N   CA   sing N N 194 
LYS N   H    sing N N 195 
LYS N   H2   sing N N 196 
LYS CA  C    sing N N 197 
LYS CA  CB   sing N N 198 
LYS CA  HA   sing N N 199 
LYS C   O    doub N N 200 
LYS C   OXT  sing N N 201 
LYS CB  CG   sing N N 202 
LYS CB  HB2  sing N N 203 
LYS CB  HB3  sing N N 204 
LYS CG  CD   sing N N 205 
LYS CG  HG2  sing N N 206 
LYS CG  HG3  sing N N 207 
LYS CD  CE   sing N N 208 
LYS CD  HD2  sing N N 209 
LYS CD  HD3  sing N N 210 
LYS CE  NZ   sing N N 211 
LYS CE  HE2  sing N N 212 
LYS CE  HE3  sing N N 213 
LYS NZ  HZ1  sing N N 214 
LYS NZ  HZ2  sing N N 215 
LYS NZ  HZ3  sing N N 216 
LYS OXT HXT  sing N N 217 
MET N   CA   sing N N 218 
MET N   H    sing N N 219 
MET N   H2   sing N N 220 
MET CA  C    sing N N 221 
MET CA  CB   sing N N 222 
MET CA  HA   sing N N 223 
MET C   O    doub N N 224 
MET C   OXT  sing N N 225 
MET CB  CG   sing N N 226 
MET CB  HB2  sing N N 227 
MET CB  HB3  sing N N 228 
MET CG  SD   sing N N 229 
MET CG  HG2  sing N N 230 
MET CG  HG3  sing N N 231 
MET SD  CE   sing N N 232 
MET CE  HE1  sing N N 233 
MET CE  HE2  sing N N 234 
MET CE  HE3  sing N N 235 
MET OXT HXT  sing N N 236 
PHE N   CA   sing N N 237 
PHE N   H    sing N N 238 
PHE N   H2   sing N N 239 
PHE CA  C    sing N N 240 
PHE CA  CB   sing N N 241 
PHE CA  HA   sing N N 242 
PHE C   O    doub N N 243 
PHE C   OXT  sing N N 244 
PHE CB  CG   sing N N 245 
PHE CB  HB2  sing N N 246 
PHE CB  HB3  sing N N 247 
PHE CG  CD1  doub Y N 248 
PHE CG  CD2  sing Y N 249 
PHE CD1 CE1  sing Y N 250 
PHE CD1 HD1  sing N N 251 
PHE CD2 CE2  doub Y N 252 
PHE CD2 HD2  sing N N 253 
PHE CE1 CZ   doub Y N 254 
PHE CE1 HE1  sing N N 255 
PHE CE2 CZ   sing Y N 256 
PHE CE2 HE2  sing N N 257 
PHE CZ  HZ   sing N N 258 
PHE OXT HXT  sing N N 259 
PRO N   CA   sing N N 260 
PRO N   CD   sing N N 261 
PRO N   H    sing N N 262 
PRO CA  C    sing N N 263 
PRO CA  CB   sing N N 264 
PRO CA  HA   sing N N 265 
PRO C   O    doub N N 266 
PRO C   OXT  sing N N 267 
PRO CB  CG   sing N N 268 
PRO CB  HB2  sing N N 269 
PRO CB  HB3  sing N N 270 
PRO CG  CD   sing N N 271 
PRO CG  HG2  sing N N 272 
PRO CG  HG3  sing N N 273 
PRO CD  HD2  sing N N 274 
PRO CD  HD3  sing N N 275 
PRO OXT HXT  sing N N 276 
SER N   CA   sing N N 277 
SER N   H    sing N N 278 
SER N   H2   sing N N 279 
SER CA  C    sing N N 280 
SER CA  CB   sing N N 281 
SER CA  HA   sing N N 282 
SER C   O    doub N N 283 
SER C   OXT  sing N N 284 
SER CB  OG   sing N N 285 
SER CB  HB2  sing N N 286 
SER CB  HB3  sing N N 287 
SER OG  HG   sing N N 288 
SER OXT HXT  sing N N 289 
THR N   CA   sing N N 290 
THR N   H    sing N N 291 
THR N   H2   sing N N 292 
THR CA  C    sing N N 293 
THR CA  CB   sing N N 294 
THR CA  HA   sing N N 295 
THR C   O    doub N N 296 
THR C   OXT  sing N N 297 
THR CB  OG1  sing N N 298 
THR CB  CG2  sing N N 299 
THR CB  HB   sing N N 300 
THR OG1 HG1  sing N N 301 
THR CG2 HG21 sing N N 302 
THR CG2 HG22 sing N N 303 
THR CG2 HG23 sing N N 304 
THR OXT HXT  sing N N 305 
TRP N   CA   sing N N 306 
TRP N   H    sing N N 307 
TRP N   H2   sing N N 308 
TRP CA  C    sing N N 309 
TRP CA  CB   sing N N 310 
TRP CA  HA   sing N N 311 
TRP C   O    doub N N 312 
TRP C   OXT  sing N N 313 
TRP CB  CG   sing N N 314 
TRP CB  HB2  sing N N 315 
TRP CB  HB3  sing N N 316 
TRP CG  CD1  doub Y N 317 
TRP CG  CD2  sing Y N 318 
TRP CD1 NE1  sing Y N 319 
TRP CD1 HD1  sing N N 320 
TRP CD2 CE2  doub Y N 321 
TRP CD2 CE3  sing Y N 322 
TRP NE1 CE2  sing Y N 323 
TRP NE1 HE1  sing N N 324 
TRP CE2 CZ2  sing Y N 325 
TRP CE3 CZ3  doub Y N 326 
TRP CE3 HE3  sing N N 327 
TRP CZ2 CH2  doub Y N 328 
TRP CZ2 HZ2  sing N N 329 
TRP CZ3 CH2  sing Y N 330 
TRP CZ3 HZ3  sing N N 331 
TRP CH2 HH2  sing N N 332 
TRP OXT HXT  sing N N 333 
TYR N   CA   sing N N 334 
TYR N   H    sing N N 335 
TYR N   H2   sing N N 336 
TYR CA  C    sing N N 337 
TYR CA  CB   sing N N 338 
TYR CA  HA   sing N N 339 
TYR C   O    doub N N 340 
TYR C   OXT  sing N N 341 
TYR CB  CG   sing N N 342 
TYR CB  HB2  sing N N 343 
TYR CB  HB3  sing N N 344 
TYR CG  CD1  doub Y N 345 
TYR CG  CD2  sing Y N 346 
TYR CD1 CE1  sing Y N 347 
TYR CD1 HD1  sing N N 348 
TYR CD2 CE2  doub Y N 349 
TYR CD2 HD2  sing N N 350 
TYR CE1 CZ   doub Y N 351 
TYR CE1 HE1  sing N N 352 
TYR CE2 CZ   sing Y N 353 
TYR CE2 HE2  sing N N 354 
TYR CZ  OH   sing N N 355 
TYR OH  HH   sing N N 356 
TYR OXT HXT  sing N N 357 
VAL N   CA   sing N N 358 
VAL N   H    sing N N 359 
VAL N   H2   sing N N 360 
VAL CA  C    sing N N 361 
VAL CA  CB   sing N N 362 
VAL CA  HA   sing N N 363 
VAL C   O    doub N N 364 
VAL C   OXT  sing N N 365 
VAL CB  CG1  sing N N 366 
VAL CB  CG2  sing N N 367 
VAL CB  HB   sing N N 368 
VAL CG1 HG11 sing N N 369 
VAL CG1 HG12 sing N N 370 
VAL CG1 HG13 sing N N 371 
VAL CG2 HG21 sing N N 372 
VAL CG2 HG22 sing N N 373 
VAL CG2 HG23 sing N N 374 
VAL OXT HXT  sing N N 375 
# 
_pdbx_audit_support.funding_organization   'National Natural Science Foundation of China (NSFC)' 
_pdbx_audit_support.country                China 
_pdbx_audit_support.grant_number           32030112 
_pdbx_audit_support.ordinal                1 
# 
_pdbx_initial_refinement_model.id               1 
_pdbx_initial_refinement_model.entity_id_list   ? 
_pdbx_initial_refinement_model.type             'experimental model' 
_pdbx_initial_refinement_model.source_name      PDB 
_pdbx_initial_refinement_model.accession_code   5EB9 
_pdbx_initial_refinement_model.details          ? 
# 
_atom_sites.entry_id                    8HXS 
_atom_sites.Cartn_transf_matrix[1][1]   ? 
_atom_sites.Cartn_transf_matrix[1][2]   ? 
_atom_sites.Cartn_transf_matrix[1][3]   ? 
_atom_sites.Cartn_transf_matrix[2][1]   ? 
_atom_sites.Cartn_transf_matrix[2][2]   ? 
_atom_sites.Cartn_transf_matrix[2][3]   ? 
_atom_sites.Cartn_transf_matrix[3][1]   ? 
_atom_sites.Cartn_transf_matrix[3][2]   ? 
_atom_sites.Cartn_transf_matrix[3][3]   ? 
_atom_sites.Cartn_transf_vector[1]      ? 
_atom_sites.Cartn_transf_vector[2]      ? 
_atom_sites.Cartn_transf_vector[3]      ? 
_atom_sites.fract_transf_matrix[1][1]   -0.00420344 
_atom_sites.fract_transf_matrix[1][2]   0.01104086 
_atom_sites.fract_transf_matrix[1][3]   0.00718787 
_atom_sites.fract_transf_matrix[2][1]   -0.01637911 
_atom_sites.fract_transf_matrix[2][2]   -0.01407349 
_atom_sites.fract_transf_matrix[2][3]   0.01203901 
_atom_sites.fract_transf_matrix[3][1]   0.02044165 
_atom_sites.fract_transf_matrix[3][2]   -0.00489434 
_atom_sites.fract_transf_matrix[3][3]   0.02208951 
_atom_sites.fract_transf_vector[1]      0.363525 
_atom_sites.fract_transf_vector[2]      0.196201 
_atom_sites.fract_transf_vector[3]      0.319544 
_atom_sites.solution_primary            ? 
_atom_sites.solution_secondary          ? 
_atom_sites.solution_hydrogens          ? 
_atom_sites.special_details             ? 
# 
loop_
_atom_type.symbol 
_atom_type.pdbx_scat_Z 
_atom_type.pdbx_N_electrons 
_atom_type.scat_Cromer_Mann_a1 
_atom_type.scat_Cromer_Mann_b1 
_atom_type.scat_Cromer_Mann_a2 
_atom_type.scat_Cromer_Mann_b2 
_atom_type.scat_Cromer_Mann_a3 
_atom_type.scat_Cromer_Mann_b3 
_atom_type.scat_Cromer_Mann_a4 
_atom_type.scat_Cromer_Mann_b4 
C 6  6  2.310  20.844 1.020 10.208 1.589 0.569  0.865 51.651 
N 7  7  12.222 0.006  3.135 9.893  2.014 28.997 1.167 0.583  
O 8  8  3.049  13.277 2.287 5.701  1.546 0.324  0.867 32.909 
S 16 16 6.905  1.468  5.203 22.215 1.438 0.254  1.586 56.172 
# 
loop_
_atom_site.group_PDB 
_atom_site.id 
_atom_site.type_symbol 
_atom_site.label_atom_id 
_atom_site.label_alt_id 
_atom_site.label_comp_id 
_atom_site.label_asym_id 
_atom_site.label_entity_id 
_atom_site.label_seq_id 
_atom_site.pdbx_PDB_ins_code 
_atom_site.Cartn_x 
_atom_site.Cartn_y 
_atom_site.Cartn_z 
_atom_site.occupancy 
_atom_site.B_iso_or_equiv 
_atom_site.pdbx_formal_charge 
_atom_site.auth_seq_id 
_atom_site.auth_comp_id 
_atom_site.auth_asym_id 
_atom_site.auth_atom_id 
_atom_site.pdbx_PDB_model_num 
_atom_site.calc_flag 
ATOM   1   N N   . GLN A 1 1   ? 16.125  9.203   -3.877  1.000 37.110 0 5   GLN A N   1 ? 
ATOM   2   C CA  . GLN A 1 1   ? 15.541  8.364   -2.834  1.000 34.100 0 5   GLN A CA  1 ? 
ATOM   3   C C   . GLN A 1 1   ? 14.339  7.552   -3.353  1.000 31.560 0 5   GLN A C   1 ? 
ATOM   4   O O   . GLN A 1 1   ? 14.325  6.329   -3.269  1.000 37.860 0 5   GLN A O   1 ? 
ATOM   5   C CB  . GLN A 1 1   ? 15.118  9.220   -1.639  1.000 38.160 0 5   GLN A CB  1 ? 
ATOM   6   N N   . SER A 1 2   ? 13.342  8.231   -3.898  1.000 29.400 0 6   SER A N   1 ? 
ATOM   7   C CA  . SER A 1 2   ? 12.171  7.555   -4.433  1.000 20.810 0 6   SER A CA  1 ? 
ATOM   8   C C   . SER A 1 2   ? 12.515  6.821   -5.738  1.000 20.840 0 6   SER A C   1 ? 
ATOM   9   O O   . SER A 1 2   ? 13.459  7.179   -6.428  1.000 26.140 0 6   SER A O   1 ? 
ATOM   10  C CB  . SER A 1 2   ? 11.067  8.574   -4.682  1.000 20.430 0 6   SER A CB  1 ? 
ATOM   11  O OG  . SER A 1 2   ? 9.842   7.947   -5.007  1.000 27.020 0 6   SER A OG  1 ? 
ATOM   12  N N   . THR A 1 3   ? 11.749  5.787   -6.061  1.000 17.080 0 7   THR A N   1 ? 
ATOM   13  C CA  . THR A 1 3   ? 11.949  5.019   -7.275  1.000 16.850 0 7   THR A CA  1 ? 
ATOM   14  C C   . THR A 1 3   ? 11.024  5.479   -8.397  1.000 15.880 0 7   THR A C   1 ? 
ATOM   15  O O   . THR A 1 3   ? 9.816   5.520   -8.232  1.000 15.510 0 7   THR A O   1 ? 
ATOM   16  C CB  . THR A 1 3   ? 11.723  3.534   -6.989  1.000 16.270 0 7   THR A CB  1 ? 
ATOM   17  O OG1 . THR A 1 3   ? 12.745  3.078   -6.096  1.000 27.460 0 7   THR A OG1 1 ? 
ATOM   18  C CG2 . THR A 1 3   ? 11.770  2.724   -8.261  1.000 18.700 0 7   THR A CG2 1 ? 
ATOM   19  N N   . ARG A 1 4   ? 11.612  5.824   -9.536  1.000 17.340 0 8   ARG A N   1 ? 
ATOM   20  C CA  . ARG A 1 4   ? 10.823  6.236   -10.680 1.000 16.970 0 8   ARG A CA  1 ? 
ATOM   21  C C   . ARG A 1 4   ? 10.178  5.011   -11.296 1.000 18.690 0 8   ARG A C   1 ? 
ATOM   22  O O   . ARG A 1 4   ? 10.816  3.992   -11.494 1.000 19.780 0 8   ARG A O   1 ? 
ATOM   23  C CB  . ARG A 1 4   ? 11.672  6.956   -11.723 1.000 19.220 0 8   ARG A CB  1 ? 
ATOM   24  C CG  . ARG A 1 4   ? 10.833  7.559   -12.832 1.000 19.700 0 8   ARG A CG  1 ? 
ATOM   25  C CD  . ARG A 1 4   ? 11.681  8.194   -13.922 1.000 23.750 0 8   ARG A CD  1 ? 
ATOM   26  N NE  . ARG A 1 4   ? 12.445  7.208   -14.672 1.000 24.160 0 8   ARG A NE  1 ? 
ATOM   27  C CZ  . ARG A 1 4   ? 13.328  7.515   -15.612 1.000 32.580 0 8   ARG A CZ  1 ? 
ATOM   28  N NH1 . ARG A 1 4   ? 13.563  8.782   -15.907 1.000 33.500 0 8   ARG A NH1 1 ? 
ATOM   29  N NH2 . ARG A 1 4   ? 13.985  6.563   -16.248 1.000 35.760 0 8   ARG A NH2 1 ? 
ATOM   30  N N   . VAL A 1 5   ? 8.900   5.141   -11.584 1.000 15.100 0 9   VAL A N   1 ? 
ATOM   31  C CA  . VAL A 1 5   ? 8.103   4.082   -12.152 1.000 19.010 0 9   VAL A CA  1 ? 
ATOM   32  C C   . VAL A 1 5   ? 7.591   4.568   -13.504 1.000 18.510 0 9   VAL A C   1 ? 
ATOM   33  O O   . VAL A 1 5   ? 7.383   5.746   -13.682 1.000 20.130 0 9   VAL A O   1 ? 
ATOM   34  C CB  . VAL A 1 5   ? 6.970   3.776   -11.145 1.000 21.550 0 9   VAL A CB  1 ? 
ATOM   35  C CG1 . VAL A 1 5   ? 5.665   3.345   -11.785 1.000 33.790 0 9   VAL A CG1 1 ? 
ATOM   36  C CG2 . VAL A 1 5   ? 7.465   2.823   -10.068 1.000 26.980 0 9   VAL A CG2 1 ? 
ATOM   37  N N   . GLU A 1 6   ? 7.443   3.667   -14.471 1.000 17.020 0 10  GLU A N   1 ? 
ATOM   38  C CA  . GLU A 1 6   ? 6.929   4.054   -15.780 1.000 19.140 0 10  GLU A CA  1 ? 
ATOM   39  C C   . GLU A 1 6   ? 5.432   4.288   -15.674 1.000 19.620 0 10  GLU A C   1 ? 
ATOM   40  O O   . GLU A 1 6   ? 4.709   3.471   -15.136 1.000 20.550 0 10  GLU A O   1 ? 
ATOM   41  C CB  . GLU A 1 6   ? 7.217   2.985   -16.833 1.000 22.440 0 10  GLU A CB  1 ? 
ATOM   42  C CG  . GLU A 1 6   ? 8.649   2.479   -16.866 1.000 20.480 0 10  GLU A CG  1 ? 
ATOM   43  C CD  . GLU A 1 6   ? 9.659   3.560   -17.195 1.000 26.270 0 10  GLU A CD  1 ? 
ATOM   44  O OE1 . GLU A 1 6   ? 9.287   4.583   -17.787 1.000 24.110 0 10  GLU A OE1 1 ? 
ATOM   45  O OE2 . GLU A 1 6   ? 10.836  3.374   -16.841 1.000 33.630 0 10  GLU A OE2 1 ? 
ATOM   46  N N   . GLU A 1 7   ? 4.990   5.428   -16.179 1.000 20.270 0 11  GLU A N   1 ? 
ATOM   47  C CA  . GLU A 1 7   ? 3.589   5.804   -16.171 1.000 21.440 0 11  GLU A CA  1 ? 
ATOM   48  C C   . GLU A 1 7   ? 2.719   4.722   -16.796 1.000 19.990 0 11  GLU A C   1 ? 
ATOM   49  O O   . GLU A 1 7   ? 2.999   4.243   -17.878 1.000 20.850 0 11  GLU A O   1 ? 
ATOM   50  C CB  . GLU A 1 7   ? 3.396   7.117   -16.925 1.000 25.760 0 11  GLU A CB  1 ? 
ATOM   51  C CG  . GLU A 1 7   ? 2.044   7.738   -16.677 1.000 28.280 0 11  GLU A CG  1 ? 
ATOM   52  C CD  . GLU A 1 7   ? 1.806   9.002   -17.473 1.000 36.720 0 11  GLU A CD  1 ? 
ATOM   53  O OE1 . GLU A 1 7   ? 2.756   9.761   -17.708 1.000 38.860 0 11  GLU A OE1 1 ? 
ATOM   54  O OE2 . GLU A 1 7   ? 0.642   9.243   -17.832 1.000 42.470 0 11  GLU A OE2 1 ? 
ATOM   55  N N   . GLY A 1 8   ? 1.659   4.339   -16.101 1.000 20.260 0 12  GLY A N   1 ? 
ATOM   56  C CA  . GLY A 1 8   ? 0.768   3.311   -16.598 1.000 20.660 0 12  GLY A CA  1 ? 
ATOM   57  C C   . GLY A 1 8   ? 1.126   1.879   -16.228 1.000 18.390 0 12  GLY A C   1 ? 
ATOM   58  O O   . GLY A 1 8   ? 0.381   0.961   -16.532 1.000 22.430 0 12  GLY A O   1 ? 
ATOM   59  N N   . SER A 1 9   ? 2.269   1.679   -15.575 1.000 18.630 0 13  SER A N   1 ? 
ATOM   60  C CA  . SER A 1 9   ? 2.682   0.342   -15.186 1.000 17.010 0 13  SER A CA  1 ? 
ATOM   61  C C   . SER A 1 9   ? 1.971   -0.099  -13.906 1.000 17.290 0 13  SER A C   1 ? 
ATOM   62  O O   . SER A 1 9   ? 1.293   0.677   -13.224 1.000 17.950 0 13  SER A O   1 ? 
ATOM   63  C CB  . SER A 1 9   ? 4.192   0.274   -14.988 1.000 16.440 0 13  SER A CB  1 ? 
ATOM   64  O OG  . SER A 1 9   ? 4.601   1.061   -13.888 1.000 19.520 0 13  SER A OG  1 ? 
ATOM   65  N N   . LYS A 1 10  ? 2.163   -1.366  -13.584 1.000 18.480 0 14  LYS A N   1 ? 
ATOM   66  C CA  . LYS A 1 10  ? 1.589   -1.975  -12.396 1.000 20.450 0 14  LYS A CA  1 ? 
ATOM   67  C C   . LYS A 1 10  ? 2.707   -2.141  -11.377 1.000 19.490 0 14  LYS A C   1 ? 
ATOM   68  O O   . LYS A 1 10  ? 3.742   -2.744  -11.683 1.000 21.650 0 14  LYS A O   1 ? 
ATOM   69  C CB  . LYS A 1 10  ? 1.009   -3.338  -12.770 1.000 24.090 0 14  LYS A CB  1 ? 
ATOM   70  C CG  . LYS A 1 10  ? 0.258   -3.988  -11.653 1.000 23.810 0 14  LYS A CG  1 ? 
ATOM   71  C CD  . LYS A 1 10  ? -0.305  -5.337  -12.051 1.000 32.110 0 14  LYS A CD  1 ? 
ATOM   72  C CE  . LYS A 1 10  ? 0.796   -6.365  -12.192 1.000 34.170 0 14  LYS A CE  1 ? 
ATOM   73  N NZ  . LYS A 1 10  ? 1.196   -6.932  -10.865 1.000 39.110 0 14  LYS A NZ  1 ? 
ATOM   74  N N   . VAL A 1 11  ? 2.514   -1.589  -10.183 1.000 15.840 0 15  VAL A N   1 ? 
ATOM   75  C CA  . VAL A 1 11  ? 3.540   -1.592  -9.144  1.000 16.410 0 15  VAL A CA  1 ? 
ATOM   76  C C   . VAL A 1 11  ? 3.057   -2.461  -7.992  1.000 13.760 0 15  VAL A C   1 ? 
ATOM   77  O O   . VAL A 1 11  ? 2.011   -2.173  -7.393  1.000 14.430 0 15  VAL A O   1 ? 
ATOM   78  C CB  . VAL A 1 11  ? 3.856   -0.170  -8.659  1.000 15.850 0 15  VAL A CB  1 ? 
ATOM   79  C CG1 . VAL A 1 11  ? 4.975   -0.218  -7.623  1.000 16.910 0 15  VAL A CG1 1 ? 
ATOM   80  C CG2 . VAL A 1 11  ? 4.238   0.716   -9.839  1.000 17.120 0 15  VAL A CG2 1 ? 
ATOM   81  N N   . ALA A 1 12  ? 3.811   -3.512  -7.674  1.000 14.040 0 16  ALA A N   1 ? 
ATOM   82  C CA  . ALA A 1 12  ? 3.496   -4.393  -6.550  1.000 15.630 0 16  ALA A CA  1 ? 
ATOM   83  C C   . ALA A 1 12  ? 4.341   -3.967  -5.360  1.000 14.690 0 16  ALA A C   1 ? 
ATOM   84  O O   . ALA A 1 12  ? 5.568   -4.119  -5.374  1.000 19.150 0 16  ALA A O   1 ? 
ATOM   85  C CB  . ALA A 1 12  ? 3.755   -5.855  -6.903  1.000 17.410 0 16  ALA A CB  1 ? 
ATOM   86  N N   . ILE A 1 13  ? 3.680   -3.449  -4.332  1.000 12.780 0 17  ILE A N   1 ? 
ATOM   87  C CA  . ILE A 1 13  ? 4.329   -2.841  -3.181  1.000 13.410 0 17  ILE A CA  1 ? 
ATOM   88  C C   . ILE A 1 13  ? 4.302   -3.828  -2.028  1.000 13.190 0 17  ILE A C   1 ? 
ATOM   89  O O   . ILE A 1 13  ? 3.233   -4.237  -1.554  1.000 13.390 0 17  ILE A O   1 ? 
ATOM   90  C CB  . ILE A 1 13  ? 3.664   -1.514  -2.795  1.000 13.470 0 17  ILE A CB  1 ? 
ATOM   91  C CG1 . ILE A 1 13  ? 3.627   -0.569  -3.998  1.000 14.200 0 17  ILE A CG1 1 ? 
ATOM   92  C CG2 . ILE A 1 13  ? 4.407   -0.859  -1.610  1.000 17.010 0 17  ILE A CG2 1 ? 
ATOM   93  C CD1 . ILE A 1 13  ? 2.974   0.775   -3.698  1.000 15.520 0 17  ILE A CD1 1 ? 
ATOM   94  N N   . SER A 1 14  ? 5.488   -4.155  -1.542  1.000 21.500 0 18  SER A N   1 ? 
ATOM   95  C CA  A SER A 1 14  ? 5.648   -5.127  -0.473  0.510 22.020 0 18  SER A CA  1 ? 
ATOM   96  C CA  B SER A 1 14  ? 5.616   -5.131  -0.475  0.490 22.020 0 18  SER A CA  1 ? 
ATOM   97  C C   . SER A 1 14  ? 5.416   -4.488  0.896   1.000 21.380 0 18  SER A C   1 ? 
ATOM   98  O O   . SER A 1 14  ? 5.760   -3.320  1.125   1.000 22.650 0 18  SER A O   1 ? 
ATOM   99  C CB  A SER A 1 14  ? 7.060   -5.714  -0.520  0.510 23.610 0 18  SER A CB  1 ? 
ATOM   100 C CB  B SER A 1 14  ? 6.978   -5.819  -0.522  0.490 23.680 0 18  SER A CB  1 ? 
ATOM   101 O OG  A SER A 1 14  ? 8.040   -4.703  -0.355  0.510 24.600 0 18  SER A OG  1 ? 
ATOM   102 O OG  B SER A 1 14  ? 6.813   -7.153  -0.972  0.490 26.840 0 18  SER A OG  1 ? 
ATOM   103 N N   . CYS A 1 15  ? 4.813   -5.258  1.789   1.000 17.170 0 19  CYS A N   1 ? 
ATOM   104 C CA  . CYS A 1 15  ? 4.704   -4.888  3.193   1.000 14.640 0 19  CYS A CA  1 ? 
ATOM   105 C C   . CYS A 1 15  ? 5.604   -5.842  3.965   1.000 16.370 0 19  CYS A C   1 ? 
ATOM   106 O O   . CYS A 1 15  ? 5.424   -7.062  3.891   1.000 16.310 0 19  CYS A O   1 ? 
ATOM   107 C CB  . CYS A 1 15  ? 3.268   -5.031  3.671   1.000 10.190 0 19  CYS A CB  1 ? 
ATOM   108 S SG  . CYS A 1 15  ? 3.124   -4.558  5.392   1.000 16.470 0 19  CYS A SG  1 ? 
ATOM   109 N N   . SER A 1 16  ? 6.560   -5.290  4.706   1.000 13.900 0 20  SER A N   1 ? 
ATOM   110 C CA  . SER A 1 16  ? 7.530   -6.116  5.417   1.000 15.270 0 20  SER A CA  1 ? 
ATOM   111 C C   . SER A 1 16  ? 6.997   -6.724  6.705   1.000 16.170 0 20  SER A C   1 ? 
ATOM   112 O O   . SER A 1 16  ? 7.686   -7.553  7.311   1.000 18.490 0 20  SER A O   1 ? 
ATOM   113 C CB  . SER A 1 16  ? 8.802   -5.319  5.697   1.000 13.790 0 20  SER A CB  1 ? 
ATOM   114 O OG  . SER A 1 16  ? 8.523   -4.199  6.530   1.000 15.010 0 20  SER A OG  1 ? 
ATOM   115 N N   . LEU A 1 17  ? 5.799   -6.346  7.133   1.000 14.260 0 21  LEU A N   1 ? 
ATOM   116 C CA  . LEU A 1 17  ? 5.236   -6.883  8.360   1.000 16.200 0 21  LEU A CA  1 ? 
ATOM   117 C C   . LEU A 1 17  ? 4.913   -8.367  8.219   1.000 15.380 0 21  LEU A C   1 ? 
ATOM   118 O O   . LEU A 1 17  ? 4.568   -8.862  7.139   1.000 16.520 0 21  LEU A O   1 ? 
ATOM   119 C CB  . LEU A 1 17  ? 3.948   -6.142  8.703   1.000 16.760 0 21  LEU A CB  1 ? 
ATOM   120 C CG  . LEU A 1 17  ? 4.093   -4.645  8.980   1.000 18.360 0 21  LEU A CG  1 ? 
ATOM   121 C CD1 . LEU A 1 17  ? 2.727   -4.028  9.153   1.000 19.360 0 21  LEU A CD1 1 ? 
ATOM   122 C CD2 . LEU A 1 17  ? 4.965   -4.420  10.216  1.000 22.750 0 21  LEU A CD2 1 ? 
ATOM   123 N N   . MET A 1 18  ? 5.030   -9.089  9.329   1.000 16.290 0 22  MET A N   1 ? 
ATOM   124 C CA  . MET A 1 18  ? 4.435   -10.411 9.459   1.000 19.300 0 22  MET A CA  1 ? 
ATOM   125 C C   . MET A 1 18  ? 2.948   -10.166 9.699   1.000 19.600 0 22  MET A C   1 ? 
ATOM   126 O O   . MET A 1 18  ? 2.533   -9.812  10.806  1.000 17.680 0 22  MET A O   1 ? 
ATOM   127 C CB  . MET A 1 18  ? 5.087   -11.150 10.621  1.000 19.920 0 22  MET A CB  1 ? 
ATOM   128 C CG  . MET A 1 18  ? 4.686   -12.597 10.719  1.000 22.590 0 22  MET A CG  1 ? 
ATOM   129 S SD  . MET A 1 18  ? 5.213   -13.519 9.269   1.000 22.590 0 22  MET A SD  1 ? 
ATOM   130 C CE  . MET A 1 18  ? 4.632   -15.147 9.738   1.000 24.170 0 22  MET A CE  1 ? 
ATOM   131 N N   . ALA A 1 19  ? 2.143   -10.310 8.648   1.000 16.690 0 23  ALA A N   1 ? 
ATOM   132 C CA  . ALA A 1 19  ? 0.754   -9.853  8.656   1.000 16.830 0 23  ALA A CA  1 ? 
ATOM   133 C C   . ALA A 1 19  ? -0.137  -10.934 9.257   1.000 20.870 0 23  ALA A C   1 ? 
ATOM   134 O O   . ALA A 1 19  ? -0.867  -11.643 8.563   1.000 19.580 0 23  ALA A O   1 ? 
ATOM   135 C CB  . ALA A 1 19  ? 0.312   -9.504  7.239   1.000 17.370 0 23  ALA A CB  1 ? 
ATOM   136 N N   . ASP A 1 20  ? -0.093  -11.051 10.582  1.000 20.710 0 24  ASP A N   1 ? 
ATOM   137 C CA  . ASP A 1 20  ? -0.968  -12.003 11.264  1.000 22.310 0 24  ASP A CA  1 ? 
ATOM   138 C C   . ASP A 1 20  ? -2.332  -11.432 11.627  1.000 28.020 0 24  ASP A C   1 ? 
ATOM   139 O O   . ASP A 1 20  ? -3.213  -12.187 12.060  1.000 36.130 0 24  ASP A O   1 ? 
ATOM   140 C CB  . ASP A 1 20  ? -0.305  -12.590 12.517  1.000 23.240 0 24  ASP A CB  1 ? 
ATOM   141 C CG  . ASP A 1 20  ? 0.050   -11.543 13.557  1.000 27.930 0 24  ASP A CG  1 ? 
ATOM   142 O OD1 . ASP A 1 20  ? -0.054  -10.321 13.290  1.000 26.310 0 24  ASP A OD1 1 ? 
ATOM   143 O OD2 . ASP A 1 20  ? 0.458   -11.960 14.658  1.000 32.230 0 24  ASP A OD2 1 ? 
ATOM   144 N N   . GLU A 1 21  ? -2.517  -10.125 11.508  1.000 21.040 0 25  GLU A N   1 ? 
ATOM   145 C CA  . GLU A 1 21  ? -3.827  -9.518  11.623  1.000 22.760 0 25  GLU A CA  1 ? 
ATOM   146 C C   . GLU A 1 21  ? -3.975  -8.587  10.435  1.000 24.060 0 25  GLU A C   1 ? 
ATOM   147 O O   . GLU A 1 21  ? -3.187  -8.632  9.486   1.000 22.440 0 25  GLU A O   1 ? 
ATOM   148 C CB  . GLU A 1 21  ? -3.959  -8.787  12.960  1.000 27.770 0 25  GLU A CB  1 ? 
ATOM   149 C CG  . GLU A 1 21  ? -3.935  -9.719  14.149  1.000 33.360 0 25  GLU A CG  1 ? 
ATOM   150 C CD  . GLU A 1 21  ? -3.885  -8.969  15.459  1.000 35.530 0 25  GLU A CD  1 ? 
ATOM   151 O OE1 . GLU A 1 21  ? -4.471  -7.868  15.543  1.000 37.480 0 25  GLU A OE1 1 ? 
ATOM   152 O OE2 . GLU A 1 21  ? -3.245  -9.483  16.402  1.000 41.480 0 25  GLU A OE2 1 ? 
ATOM   153 N N   . GLY A 1 22  ? -4.968  -7.712  10.494  1.000 17.950 0 26  GLY A N   1 ? 
ATOM   154 C CA  . GLY A 1 22  ? -5.266  -6.894  9.337   1.000 18.850 0 26  GLY A CA  1 ? 
ATOM   155 C C   . GLY A 1 22  ? -4.276  -5.768  9.145   1.000 18.630 0 26  GLY A C   1 ? 
ATOM   156 O O   . GLY A 1 22  ? -3.645  -5.276  10.090  1.000 18.390 0 26  GLY A O   1 ? 
ATOM   157 N N   . VAL A 1 23  ? -4.166  -5.328  7.896   1.000 14.490 0 27  VAL A N   1 ? 
ATOM   158 C CA  . VAL A 1 23  ? -3.147  -4.370  7.479   1.000 11.930 0 27  VAL A CA  1 ? 
ATOM   159 C C   . VAL A 1 23  ? -3.828  -3.222  6.745   1.000 13.540 0 27  VAL A C   1 ? 
ATOM   160 O O   . VAL A 1 23  ? -4.608  -3.446  5.810   1.000 13.640 0 27  VAL A O   1 ? 
ATOM   161 C CB  . VAL A 1 23  ? -2.115  -5.046  6.560   1.000 12.390 0 27  VAL A CB  1 ? 
ATOM   162 C CG1 . VAL A 1 23  ? -1.141  -3.994  6.012   1.000 13.350 0 27  VAL A CG1 1 ? 
ATOM   163 C CG2 . VAL A 1 23  ? -1.350  -6.121  7.320   1.000 14.910 0 27  VAL A CG2 1 ? 
ATOM   164 N N   . HIS A 1 24  ? -3.533  -1.999  7.163   1.000 13.110 0 28  HIS A N   1 ? 
ATOM   165 C CA  . HIS A 1 24  ? -3.988  -0.794  6.487   1.000 12.140 0 28  HIS A CA  1 ? 
ATOM   166 C C   . HIS A 1 24  ? -2.874  -0.239  5.611   1.000 12.100 0 28  HIS A C   1 ? 
ATOM   167 O O   . HIS A 1 24  ? -1.698  -0.239  5.998   1.000 12.950 0 28  HIS A O   1 ? 
ATOM   168 C CB  . HIS A 1 24  ? -4.296  0.296   7.510   1.000 12.370 0 28  HIS A CB  1 ? 
ATOM   169 C CG  . HIS A 1 24  ? -5.460  -0.002  8.400   1.000 14.370 0 28  HIS A CG  1 ? 
ATOM   170 N ND1 . HIS A 1 24  ? -6.732  0.448   8.124   1.000 14.020 0 28  HIS A ND1 1 ? 
ATOM   171 C CD2 . HIS A 1 24  ? -5.543  -0.683  9.568   1.000 14.590 0 28  HIS A CD2 1 ? 
ATOM   172 C CE1 . HIS A 1 24  ? -7.555  0.039   9.071   1.000 14.260 0 28  HIS A CE1 1 ? 
ATOM   173 N NE2 . HIS A 1 24  ? -6.860  -0.649  9.961   1.000 14.290 0 28  HIS A NE2 1 ? 
ATOM   174 N N   . TRP A 1 25  ? -3.254  0.273   4.450   1.000 11.390 0 29  TRP A N   1 ? 
ATOM   175 C CA  . TRP A 1 25  ? -2.338  0.954   3.554   1.000 10.680 0 29  TRP A CA  1 ? 
ATOM   176 C C   . TRP A 1 25  ? -2.743  2.418   3.410   1.000 12.860 0 29  TRP A C   1 ? 
ATOM   177 O O   . TRP A 1 25  ? -3.924  2.733   3.226   1.000 12.230 0 29  TRP A O   1 ? 
ATOM   178 C CB  . TRP A 1 25  ? -2.400  0.303   2.178   1.000 12.570 0 29  TRP A CB  1 ? 
ATOM   179 C CG  . TRP A 1 25  ? -1.770  -1.040  2.072   1.000 13.550 0 29  TRP A CG  1 ? 
ATOM   180 C CD1 . TRP A 1 25  ? -2.382  -2.254  2.206   1.000 14.890 0 29  TRP A CD1 1 ? 
ATOM   181 C CD2 . TRP A 1 25  ? -0.400  -1.295  1.798   1.000 11.140 0 29  TRP A CD2 1 ? 
ATOM   182 N NE1 . TRP A 1 25  ? -1.461  -3.259  2.017   1.000 13.560 0 29  TRP A NE1 1 ? 
ATOM   183 C CE2 . TRP A 1 25  ? -0.235  -2.699  1.765   1.000 12.460 0 29  TRP A CE2 1 ? 
ATOM   184 C CE3 . TRP A 1 25  ? 0.708   -0.475  1.570   1.000 13.510 0 29  TRP A CE3 1 ? 
ATOM   185 C CZ2 . TRP A 1 25  ? 1.000   -3.300  1.495   1.000 14.330 0 29  TRP A CZ2 1 ? 
ATOM   186 C CZ3 . TRP A 1 25  ? 1.938   -1.074  1.301   1.000 15.410 0 29  TRP A CZ3 1 ? 
ATOM   187 C CH2 . TRP A 1 25  ? 2.068   -2.476  1.272   1.000 15.730 0 29  TRP A CH2 1 ? 
ATOM   188 N N   . PHE A 1 26  ? -1.758  3.307   3.455   1.000 11.510 0 30  PHE A N   1 ? 
ATOM   189 C CA  . PHE A 1 26  ? -2.007  4.709   3.136   1.000 11.030 0 30  PHE A CA  1 ? 
ATOM   190 C C   . PHE A 1 26  ? -0.772  5.278   2.470   1.000 11.730 0 30  PHE A C   1 ? 
ATOM   191 O O   . PHE A 1 26  ? 0.285   4.645   2.417   1.000 12.900 0 30  PHE A O   1 ? 
ATOM   192 C CB  . PHE A 1 26  ? -2.428  5.527   4.371   1.000 13.270 0 30  PHE A CB  1 ? 
ATOM   193 C CG  . PHE A 1 26  ? -1.328  5.751   5.367   1.000 14.690 0 30  PHE A CG  1 ? 
ATOM   194 C CD1 . PHE A 1 26  ? -1.072  4.804   6.343   1.000 15.830 0 30  PHE A CD1 1 ? 
ATOM   195 C CD2 . PHE A 1 26  ? -0.582  6.912   5.349   1.000 15.580 0 30  PHE A CD2 1 ? 
ATOM   196 C CE1 . PHE A 1 26  ? -0.075  5.010   7.284   1.000 20.540 0 30  PHE A CE1 1 ? 
ATOM   197 C CE2 . PHE A 1 26  ? 0.422   7.118   6.294   1.000 19.910 0 30  PHE A CE2 1 ? 
ATOM   198 C CZ  . PHE A 1 26  ? 0.662   6.157   7.257   1.000 18.390 0 30  PHE A CZ  1 ? 
ATOM   199 N N   . ARG A 1 27  ? -0.910  6.473   1.916   1.000 13.930 0 31  ARG A N   1 ? 
ATOM   200 C CA  . ARG A 1 27  ? 0.239   7.074   1.271   1.000 12.650 0 31  ARG A CA  1 ? 
ATOM   201 C C   . ARG A 1 27  ? 0.305   8.552   1.599   1.000 15.520 0 31  ARG A C   1 ? 
ATOM   202 O O   . ARG A 1 27  ? -0.718  9.205   1.835   1.000 16.700 0 31  ARG A O   1 ? 
ATOM   203 C CB  . ARG A 1 27  ? 0.214   6.882   -0.242  1.000 14.920 0 31  ARG A CB  1 ? 
ATOM   204 C CG  . ARG A 1 27  ? -0.923  7.572   -0.899  1.000 18.040 0 31  ARG A CG  1 ? 
ATOM   205 C CD  . ARG A 1 27  ? -0.895  7.317   -2.387  1.000 21.040 0 31  ARG A CD  1 ? 
ATOM   206 N NE  . ARG A 1 27  ? -2.032  7.975   -2.998  1.000 23.070 0 31  ARG A NE  1 ? 
ATOM   207 C CZ  . ARG A 1 27  ? -2.568  7.630   -4.151  1.000 21.110 0 31  ARG A CZ  1 ? 
ATOM   208 N NH1 . ARG A 1 27  ? -2.068  6.614   -4.839  1.000 19.630 0 31  ARG A NH1 1 ? 
ATOM   209 N NH2 . ARG A 1 27  ? -3.608  8.307   -4.605  1.000 23.600 0 31  ARG A NH2 1 ? 
ATOM   210 N N   . GLN A 1 28  ? 1.522   9.069   1.546   1.000 15.760 0 32  GLN A N   1 ? 
ATOM   211 C CA  . GLN A 1 28  ? 1.758   10.482  1.706   1.000 15.020 0 32  GLN A CA  1 ? 
ATOM   212 C C   . GLN A 1 28  ? 2.327   10.940  0.373   1.000 15.640 0 32  GLN A C   1 ? 
ATOM   213 O O   . GLN A 1 28  ? 3.427   10.576  0.000   1.000 14.510 0 32  GLN A O   1 ? 
ATOM   214 C CB  . GLN A 1 28  ? 2.729   10.790  2.833   1.000 15.250 0 32  GLN A CB  1 ? 
ATOM   215 C CG  . GLN A 1 28  ? 3.090   12.269  2.912   1.000 15.520 0 32  GLN A CG  1 ? 
ATOM   216 C CD  . GLN A 1 28  ? 1.910   13.129  3.315   1.000 17.150 0 32  GLN A CD  1 ? 
ATOM   217 O OE1 . GLN A 1 28  ? 1.431   13.946  2.546   1.000 21.230 0 32  GLN A OE1 1 ? 
ATOM   218 N NE2 . GLN A 1 28  ? 1.436   12.935  4.517   1.000 15.000 0 32  GLN A NE2 1 ? 
ATOM   219 N N   . GLY A 1 29  ? 1.541   11.720  -0.349  1.000 18.220 0 33  GLY A N   1 ? 
ATOM   220 C CA  . GLY A 1 29  ? 1.959   12.250  -1.629  1.000 18.320 0 33  GLY A CA  1 ? 
ATOM   221 C C   . GLY A 1 29  ? 2.424   13.685  -1.481  1.000 22.860 0 33  GLY A C   1 ? 
ATOM   222 O O   . GLY A 1 29  ? 2.688   14.144  -0.388  1.000 21.190 0 33  GLY A O   1 ? 
ATOM   223 N N   . LYS A 1 30  ? 2.504   14.392  -2.599  1.000 23.840 0 34  LYS A N   1 ? 
ATOM   224 C CA  . LYS A 1 30  ? 2.938   15.781  -2.611  1.000 28.230 0 34  LYS A CA  1 ? 
ATOM   225 C C   . LYS A 1 30  ? 1.936   16.670  -1.903  1.000 26.740 0 34  LYS A C   1 ? 
ATOM   226 O O   . LYS A 1 30  ? 2.314   17.603  -1.219  1.000 32.670 0 34  LYS A O   1 ? 
ATOM   227 C CB  . LYS A 1 30  ? 3.182   16.250  -4.045  1.000 30.730 0 34  LYS A CB  1 ? 
ATOM   228 C CG  . LYS A 1 30  ? 4.331   15.518  -4.714  1.000 33.450 0 34  LYS A CG  1 ? 
ATOM   229 C CD  . LYS A 1 30  ? 5.094   16.421  -5.669  1.000 36.520 0 34  LYS A CD  1 ? 
ATOM   230 C CE  . LYS A 1 30  ? 6.601   16.231  -5.539  1.000 34.790 0 34  LYS A CE  1 ? 
ATOM   231 N NZ  . LYS A 1 30  ? 7.324   17.533  -5.504  1.000 41.700 0 34  LYS A NZ  1 ? 
ATOM   232 N N   . LYS A 1 31  ? 0.660   16.345  -2.049  1.000 27.800 0 35  LYS A N   1 ? 
ATOM   233 C CA  . LYS A 1 31  ? -0.413  17.076  -1.388  1.000 30.330 0 35  LYS A CA  1 ? 
ATOM   234 C C   . LYS A 1 31  ? -0.266  16.948  0.123   1.000 29.700 0 35  LYS A C   1 ? 
ATOM   235 O O   . LYS A 1 31  ? 0.136   15.924  0.640   1.000 26.490 0 35  LYS A O   1 ? 
ATOM   236 C CB  . LYS A 1 31  ? -1.776  16.564  -1.845  1.000 32.150 0 35  LYS A CB  1 ? 
ATOM   237 C CG  . LYS A 1 31  ? -2.130  15.182  -1.342  1.000 30.410 0 35  LYS A CG  1 ? 
ATOM   238 C CD  . LYS A 1 31  ? -3.369  14.636  -2.024  1.000 35.990 0 35  LYS A CD  1 ? 
ATOM   239 C CE  . LYS A 1 31  ? -4.104  15.715  -2.802  1.000 38.330 0 35  LYS A CE  1 ? 
ATOM   240 N NZ  . LYS A 1 31  ? -5.466  15.268  -3.212  1.000 44.330 0 35  LYS A NZ  1 ? 
ATOM   241 N N   . PRO A 1 32  ? -0.645  17.987  0.850   1.000 29.220 0 36  PRO A N   1 ? 
ATOM   242 C CA  . PRO A 1 32  ? -0.445  17.925  2.300   1.000 24.230 0 36  PRO A CA  1 ? 
ATOM   243 C C   . PRO A 1 32  ? -1.099  16.776  3.068   1.000 19.970 0 36  PRO A C   1 ? 
ATOM   244 O O   . PRO A 1 32  ? -0.487  16.244  3.969   1.000 21.270 0 36  PRO A O   1 ? 
ATOM   245 C CB  . PRO A 1 32  ? -1.011  19.264  2.786   1.000 27.730 0 36  PRO A CB  1 ? 
ATOM   246 C CG  . PRO A 1 32  ? -1.947  19.689  1.715   1.000 30.920 0 36  PRO A CG  1 ? 
ATOM   247 C CD  . PRO A 1 32  ? -1.358  19.201  0.432   1.000 29.480 0 36  PRO A CD  1 ? 
ATOM   248 N N   . ASN A 1 33  ? -2.294  16.369  2.697   1.000 22.090 0 37  ASN A N   1 ? 
ATOM   249 C CA  . ASN A 1 33  ? -2.981  15.376  3.518   1.000 19.390 0 37  ASN A CA  1 ? 
ATOM   250 C C   . ASN A 1 33  ? -2.688  13.967  3.012   1.000 20.130 0 37  ASN A C   1 ? 
ATOM   251 O O   . ASN A 1 33  ? -2.752  13.721  1.800   1.000 19.940 0 37  ASN A O   1 ? 
ATOM   252 C CB  . ASN A 1 33  ? -4.474  15.629  3.487   1.000 19.990 0 37  ASN A CB  1 ? 
ATOM   253 C CG  . ASN A 1 33  ? -4.848  16.901  4.213   1.000 25.340 0 37  ASN A CG  1 ? 
ATOM   254 O OD1 . ASN A 1 33  ? -4.348  17.164  5.309   1.000 30.550 0 37  ASN A OD1 1 ? 
ATOM   255 N ND2 . ASN A 1 33  ? -5.715  17.705  3.606   1.000 32.780 0 37  ASN A ND2 1 ? 
ATOM   256 N N   . PRO A 1 34  ? -2.365  13.026  3.896   1.000 14.400 0 38  PRO A N   1 ? 
ATOM   257 C CA  . PRO A 1 34  ? -2.208  11.633  3.470   1.000 16.580 0 38  PRO A CA  1 ? 
ATOM   258 C C   . PRO A 1 34  ? -3.547  11.059  3.038   1.000 15.460 0 38  PRO A C   1 ? 
ATOM   259 O O   . PRO A 1 34  ? -4.624  11.583  3.342   1.000 16.260 0 38  PRO A O   1 ? 
ATOM   260 C CB  . PRO A 1 34  ? -1.682  10.927  4.724   1.000 14.690 0 38  PRO A CB  1 ? 
ATOM   261 C CG  . PRO A 1 34  ? -2.206  11.782  5.873   1.000 14.030 0 38  PRO A CG  1 ? 
ATOM   262 C CD  . PRO A 1 34  ? -2.211  13.200  5.351   1.000 15.870 0 38  PRO A CD  1 ? 
ATOM   263 N N   . GLU A 1 35  ? -3.470  9.965   2.283   1.000 14.090 0 39  GLU A N   1 ? 
ATOM   264 C CA  . GLU A 1 35  ? -4.647  9.322   1.721   1.000 15.950 0 39  GLU A CA  1 ? 
ATOM   265 C C   . GLU A 1 35  ? -4.701  7.870   2.170   1.000 14.230 0 39  GLU A C   1 ? 
ATOM   266 O O   . GLU A 1 35  ? -3.785  7.096   1.880   1.000 13.870 0 39  GLU A O   1 ? 
ATOM   267 C CB  . GLU A 1 35  ? -4.588  9.402   0.199   1.000 19.740 0 39  GLU A CB  1 ? 
ATOM   268 C CG  . GLU A 1 35  ? -5.808  8.897   -0.521  1.000 23.980 0 39  GLU A CG  1 ? 
ATOM   269 C CD  . GLU A 1 35  ? -5.771  9.251   -1.994  1.000 27.700 0 39  GLU A CD  1 ? 
ATOM   270 O OE1 . GLU A 1 35  ? -4.829  9.965   -2.410  1.000 31.490 0 39  GLU A OE1 1 ? 
ATOM   271 O OE2 . GLU A 1 35  ? -6.681  8.810   -2.731  1.000 38.080 0 39  GLU A OE2 1 ? 
ATOM   272 N N   . PHE A 1 36  ? -5.781  7.504   2.863   1.000 14.870 0 40  PHE A N   1 ? 
ATOM   273 C CA  . PHE A 1 36  ? -6.073  6.099   3.093   1.000 13.860 0 40  PHE A CA  1 ? 
ATOM   274 C C   . PHE A 1 36  ? -6.397  5.420   1.766   1.000 13.660 0 40  PHE A C   1 ? 
ATOM   275 O O   . PHE A 1 36  ? -7.148  5.956   0.942   1.000 16.450 0 40  PHE A O   1 ? 
ATOM   276 C CB  . PHE A 1 36  ? -7.258  5.940   4.059   1.000 14.660 0 40  PHE A CB  1 ? 
ATOM   277 C CG  . PHE A 1 36  ? -7.728  4.524   4.175   1.000 14.160 0 40  PHE A CG  1 ? 
ATOM   278 C CD1 . PHE A 1 36  ? -6.985  3.606   4.889   1.000 13.940 0 40  PHE A CD1 1 ? 
ATOM   279 C CD2 . PHE A 1 36  ? -8.886  4.100   3.536   1.000 15.990 0 40  PHE A CD2 1 ? 
ATOM   280 C CE1 . PHE A 1 36  ? -7.402  2.278   4.983   1.000 13.950 0 40  PHE A CE1 1 ? 
ATOM   281 C CE2 . PHE A 1 36  ? -9.292  2.773   3.614   1.000 16.430 0 40  PHE A CE2 1 ? 
ATOM   282 C CZ  . PHE A 1 36  ? -8.562  1.873   4.338   1.000 15.330 0 40  PHE A CZ  1 ? 
ATOM   283 N N   . LEU A 1 37  ? -5.810  4.239   1.554   1.000 12.590 0 41  LEU A N   1 ? 
ATOM   284 C CA  . LEU A 1 37  ? -5.991  3.482   0.313   1.000 14.830 0 41  LEU A CA  1 ? 
ATOM   285 C C   . LEU A 1 37  ? -6.912  2.310   0.499   1.000 15.280 0 41  LEU A C   1 ? 
ATOM   286 O O   . LEU A 1 37  ? -8.034  2.297   -0.036  1.000 17.450 0 41  LEU A O   1 ? 
ATOM   287 C CB  . LEU A 1 37  ? -4.626  3.076   -0.256  1.000 15.810 0 41  LEU A CB  1 ? 
ATOM   288 C CG  . LEU A 1 37  ? -3.711  4.262   -0.546  1.000 13.950 0 41  LEU A CG  1 ? 
ATOM   289 C CD1 . LEU A 1 37  ? -2.364  3.745   -1.041  1.000 16.970 0 41  LEU A CD1 1 ? 
ATOM   290 C CD2 . LEU A 1 37  ? -4.353  5.208   -1.545  1.000 17.190 0 41  LEU A CD2 1 ? 
ATOM   291 N N   . VAL A 1 38  ? -6.463  1.308   1.245   1.000 12.680 0 42  VAL A N   1 ? 
ATOM   292 C CA  . VAL A 1 38  ? -7.239  0.088   1.428   1.000 13.090 0 42  VAL A CA  1 ? 
ATOM   293 C C   . VAL A 1 38  ? -6.798  -0.648  2.698   1.000 14.380 0 42  VAL A C   1 ? 
ATOM   294 O O   . VAL A 1 38  ? -5.704  -0.446  3.188   1.000 14.190 0 42  VAL A O   1 ? 
ATOM   295 C CB  . VAL A 1 38  ? -7.044  -0.821  0.173   1.000 15.680 0 42  VAL A CB  1 ? 
ATOM   296 C CG1 . VAL A 1 38  ? -5.635  -1.371  0.101   1.000 17.710 0 42  VAL A CG1 1 ? 
ATOM   297 C CG2 . VAL A 1 38  ? -8.072  -1.933  0.058   1.000 23.130 0 42  VAL A CG2 1 ? 
ATOM   298 N N   . TYR A 1 39  ? -7.683  -1.477  3.231   1.000 14.140 0 43  TYR A N   1 ? 
ATOM   299 C CA  . TYR A 1 39  ? -7.416  -2.314  4.383   1.000 14.350 0 43  TYR A CA  1 ? 
ATOM   300 C C   . TYR A 1 39  ? -7.638  -3.746  3.930   1.000 15.140 0 43  TYR A C   1 ? 
ATOM   301 O O   . TYR A 1 39  ? -8.510  -4.008  3.121   1.000 15.860 0 43  TYR A O   1 ? 
ATOM   302 C CB  . TYR A 1 39  ? -8.387  -1.973  5.522   1.000 17.690 0 43  TYR A CB  1 ? 
ATOM   303 C CG  . TYR A 1 39  ? -8.454  -2.980  6.647   1.000 17.550 0 43  TYR A CG  1 ? 
ATOM   304 C CD1 . TYR A 1 39  ? -7.544  -2.949  7.683   1.000 17.890 0 43  TYR A CD1 1 ? 
ATOM   305 C CD2 . TYR A 1 39  ? -9.433  -3.958  6.672   1.000 22.760 0 43  TYR A CD2 1 ? 
ATOM   306 C CE1 . TYR A 1 39  ? -7.604  -3.859  8.714   1.000 18.200 0 43  TYR A CE1 1 ? 
ATOM   307 C CE2 . TYR A 1 39  ? -9.498  -4.868  7.702   1.000 25.630 0 43  TYR A CE2 1 ? 
ATOM   308 C CZ  . TYR A 1 39  ? -8.586  -4.808  8.721   1.000 23.550 0 43  TYR A CZ  1 ? 
ATOM   309 O OH  . TYR A 1 39  ? -8.649  -5.715  9.745   1.000 32.310 0 43  TYR A OH  1 ? 
ATOM   310 N N   . ILE A 1 40  ? -6.819  -4.661  4.410   1.000 13.280 0 44  ILE A N   1 ? 
ATOM   311 C CA  . ILE A 1 40  ? -7.007  -6.064  4.085   1.000 15.440 0 44  ILE A CA  1 ? 
ATOM   312 C C   . ILE A 1 40  ? -7.074  -6.785  5.423   1.000 15.470 0 44  ILE A C   1 ? 
ATOM   313 O O   . ILE A 1 40  ? -6.176  -6.662  6.239   1.000 15.970 0 44  ILE A O   1 ? 
ATOM   314 C CB  . ILE A 1 40  ? -5.910  -6.607  3.163   1.000 12.790 0 44  ILE A CB  1 ? 
ATOM   315 C CG1 . ILE A 1 40  ? -6.107  -8.108  2.911   1.000 14.830 0 44  ILE A CG1 1 ? 
ATOM   316 C CG2 . ILE A 1 40  ? -4.535  -6.284  3.713   1.000 15.140 0 44  ILE A CG2 1 ? 
ATOM   317 C CD1 . ILE A 1 40  ? -5.414  -8.606  1.663   1.000 15.170 0 44  ILE A CD1 1 ? 
ATOM   318 N N   . SER A 1 41  ? -8.103  -7.609  5.615   1.000 14.690 0 45  SER A N   1 ? 
ATOM   319 C CA  . SER A 1 41  ? -8.337  -8.264  6.896   1.000 17.420 0 45  SER A CA  1 ? 
ATOM   320 C C   . SER A 1 41  ? -7.350  -9.398  7.144   1.000 19.040 0 45  SER A C   1 ? 
ATOM   321 O O   . SER A 1 41  ? -6.606  -9.826  6.254   1.000 15.980 0 45  SER A O   1 ? 
ATOM   322 C CB  . SER A 1 41  ? -9.792  -8.718  6.993   1.000 18.560 0 45  SER A CB  1 ? 
ATOM   323 O OG  . SER A 1 41  ? -10.002 -9.838  6.155   1.000 20.020 0 45  SER A OG  1 ? 
ATOM   324 N N   . GLY A 1 42  ? -7.351  -9.887  8.388   1.000 17.700 0 46  GLY A N   1 ? 
ATOM   325 C CA  . GLY A 1 42  ? -6.516  -11.028 8.718   1.000 18.110 0 46  GLY A CA  1 ? 
ATOM   326 C C   . GLY A 1 42  ? -6.741  -12.211 7.797   1.000 17.150 0 46  GLY A C   1 ? 
ATOM   327 O O   . GLY A 1 42  ? -5.793  -12.922 7.445   1.000 20.170 0 46  GLY A O   1 ? 
ATOM   328 N N   . ILE A 1 43  ? -7.994  -12.427 7.379   1.000 17.380 0 47  ILE A N   1 ? 
ATOM   329 C CA  . ILE A 1 43  ? -8.335  -13.525 6.475   1.000 17.680 0 47  ILE A CA  1 ? 
ATOM   330 C C   . ILE A 1 43  ? -8.186  -13.158 4.999   1.000 20.740 0 47  ILE A C   1 ? 
ATOM   331 O O   . ILE A 1 43  ? -8.399  -14.017 4.133   1.000 21.180 0 47  ILE A O   1 ? 
ATOM   332 C CB  . ILE A 1 43  ? -9.738  -14.095 6.781   1.000 23.930 0 47  ILE A CB  1 ? 
ATOM   333 C CG1 . ILE A 1 43  ? -10.801 -13.028 6.553   1.000 22.380 0 47  ILE A CG1 1 ? 
ATOM   334 C CG2 . ILE A 1 43  ? -9.804  -14.595 8.216   1.000 30.830 0 47  ILE A CG2 1 ? 
ATOM   335 C CD1 . ILE A 1 43  ? -12.202 -13.523 6.740   1.000 30.170 0 47  ILE A CD1 1 ? 
ATOM   336 N N   . GLY A 1 44  ? -7.835  -11.917 4.681   1.000 19.140 0 48  GLY A N   1 ? 
ATOM   337 C CA  . GLY A 1 44  ? -7.448  -11.560 3.328   1.000 17.060 0 48  GLY A CA  1 ? 
ATOM   338 C C   . GLY A 1 44  ? -8.466  -10.792 2.520   1.000 17.450 0 48  GLY A C   1 ? 
ATOM   339 O O   . GLY A 1 44  ? -8.293  -10.681 1.301   1.000 19.320 0 48  GLY A O   1 ? 
ATOM   340 N N   . SER A 1 45  ? -9.519  -10.269 3.142   1.000 18.230 0 49  SER A N   1 ? 
ATOM   341 C CA  . SER A 1 45  ? -10.575 -9.548  2.439   1.000 19.250 0 49  SER A CA  1 ? 
ATOM   342 C C   . SER A 1 45  ? -10.323 -8.048  2.502   1.000 19.290 0 49  SER A C   1 ? 
ATOM   343 O O   . SER A 1 45  ? -10.024 -7.503  3.573   1.000 17.670 0 49  SER A O   1 ? 
ATOM   344 C CB  . SER A 1 45  ? -11.939 -9.863  3.051   1.000 24.220 0 49  SER A CB  1 ? 
ATOM   345 O OG  . SER A 1 45  ? -12.179 -11.255 3.024   1.000 31.250 0 49  SER A OG  1 ? 
ATOM   346 N N   . GLN A 1 46  ? -10.459 -7.378  1.365   1.000 17.800 0 50  GLN A N   1 ? 
ATOM   347 C CA  . GLN A 1 46  ? -10.090 -5.975  1.277   1.000 18.990 0 50  GLN A CA  1 ? 
ATOM   348 C C   . GLN A 1 46  ? -11.313 -5.071  1.331   1.000 19.070 0 50  GLN A C   1 ? 
ATOM   349 O O   . GLN A 1 46  ? -12.406 -5.431  0.873   1.000 20.960 0 50  GLN A O   1 ? 
ATOM   350 C CB  . GLN A 1 46  ? -9.213  -5.700  0.050   1.000 21.610 0 50  GLN A CB  1 ? 
ATOM   351 C CG  . GLN A 1 46  ? -9.908  -5.304  -1.227  1.000 23.150 0 50  GLN A CG  1 ? 
ATOM   352 C CD  . GLN A 1 46  ? -8.917  -4.766  -2.261  1.000 18.170 0 50  GLN A CD  1 ? 
ATOM   353 O OE1 . GLN A 1 46  ? -7.911  -5.410  -2.577  1.000 17.830 0 50  GLN A OE1 1 ? 
ATOM   354 N NE2 . GLN A 1 46  ? -9.210  -3.593  -2.793  1.000 17.730 0 50  GLN A NE2 1 ? 
ATOM   355 N N   . ASN A 1 47  ? -11.121 -3.903  1.936   1.000 17.990 0 51  ASN A N   1 ? 
ATOM   356 C CA  . ASN A 1 47  ? -12.109 -2.845  2.017   1.000 20.150 0 51  ASN A CA  1 ? 
ATOM   357 C C   . ASN A 1 47  ? -11.435 -1.543  1.627   1.000 18.200 0 51  ASN A C   1 ? 
ATOM   358 O O   . ASN A 1 47  ? -10.367 -1.209  2.175   1.000 18.770 0 51  ASN A O   1 ? 
ATOM   359 C CB  . ASN A 1 47  ? -12.650 -2.734  3.447   1.000 24.890 0 51  ASN A CB  1 ? 
ATOM   360 C CG  . ASN A 1 47  ? -13.397 -1.436  3.676   1.000 30.230 0 51  ASN A CG  1 ? 
ATOM   361 O OD1 . ASN A 1 47  ? -14.431 -1.190  3.056   1.000 29.850 0 51  ASN A OD1 1 ? 
ATOM   362 N ND2 . ASN A 1 47  ? -12.872 -0.592  4.557   1.000 28.170 0 51  ASN A ND2 1 ? 
ATOM   363 N N   . PRO A 1 48  ? -11.978 -0.778  0.663   1.000 20.540 0 52  PRO A N   1 ? 
ATOM   364 C CA  . PRO A 1 48  ? -13.136 -1.146  -0.170  1.000 20.990 0 52  PRO A CA  1 ? 
ATOM   365 C C   . PRO A 1 48  ? -12.854 -2.346  -1.067  1.000 22.570 0 52  PRO A C   1 ? 
ATOM   366 O O   . PRO A 1 48  ? -11.697 -2.659  -1.361  1.000 20.100 0 52  PRO A O   1 ? 
ATOM   367 C CB  . PRO A 1 48  ? -13.352 0.095   -1.038  1.000 24.160 0 52  PRO A CB  1 ? 
ATOM   368 C CG  . PRO A 1 48  ? -12.615 1.208   -0.340  1.000 26.170 0 52  PRO A CG  1 ? 
ATOM   369 C CD  . PRO A 1 48  ? -11.445 0.546   0.308   1.000 24.830 0 52  PRO A CD  1 ? 
ATOM   370 N N   . ALA A 1 49  ? -13.925 -3.007  -1.506  1.000 23.610 0 53  ALA A N   1 ? 
ATOM   371 C CA  . ALA A 1 49  ? -13.781 -4.258  -2.235  1.000 20.770 0 53  ALA A CA  1 ? 
ATOM   372 C C   . ALA A 1 49  ? -13.136 -4.064  -3.599  1.000 19.490 0 53  ALA A C   1 ? 
ATOM   373 O O   . ALA A 1 49  ? -12.458 -4.972  -4.087  1.000 21.050 0 53  ALA A O   1 ? 
ATOM   374 C CB  . ALA A 1 49  ? -15.146 -4.932  -2.393  1.000 23.910 0 53  ALA A CB  1 ? 
ATOM   375 N N   . ALA A 1 50  ? -13.336 -2.909  -4.231  1.000 21.500 0 54  ALA A N   1 ? 
ATOM   376 C CA  . ALA A 1 50  ? -12.908 -2.739  -5.616  1.000 21.760 0 54  ALA A CA  1 ? 
ATOM   377 C C   . ALA A 1 50  ? -11.397 -2.898  -5.750  1.000 17.870 0 54  ALA A C   1 ? 
ATOM   378 O O   . ALA A 1 50  ? -10.621 -2.306  -4.988  1.000 19.580 0 54  ALA A O   1 ? 
ATOM   379 C CB  . ALA A 1 50  ? -13.332 -1.365  -6.133  1.000 24.910 0 54  ALA A CB  1 ? 
ATOM   380 N N   . LYS A 1 51  ? -10.985 -3.701  -6.726  1.000 17.820 0 55  LYS A N   1 ? 
ATOM   381 C CA  . LYS A 1 51  ? -9.581  -3.998  -6.969  1.000 15.720 0 55  LYS A CA  1 ? 
ATOM   382 C C   . LYS A 1 51  ? -9.074  -3.426  -8.285  1.000 16.680 0 55  LYS A C   1 ? 
ATOM   383 O O   . LYS A 1 51  ? -8.011  -3.844  -8.754  1.000 17.940 0 55  LYS A O   1 ? 
ATOM   384 C CB  . LYS A 1 51  ? -9.344  -5.511  -6.947  1.000 18.200 0 55  LYS A CB  1 ? 
ATOM   385 C CG  . LYS A 1 51  ? -9.455  -6.141  -5.559  1.000 18.710 0 55  LYS A CG  1 ? 
ATOM   386 C CD  . LYS A 1 51  ? -9.288  -7.651  -5.614  1.000 19.020 0 55  LYS A CD  1 ? 
ATOM   387 C CE  . LYS A 1 51  ? -9.283  -8.278  -4.224  1.000 20.650 0 55  LYS A CE  1 ? 
ATOM   388 N NZ  . LYS A 1 51  ? -7.971  -8.034  -3.540  1.000 19.500 0 55  LYS A NZ  1 ? 
ATOM   389 N N   . ASP A 1 52  ? -9.810  -2.495  -8.902  1.000 20.570 0 56  ASP A N   1 ? 
ATOM   390 C CA  . ASP A 1 52  ? -9.418  -2.005  -10.217 1.000 20.170 0 56  ASP A CA  1 ? 
ATOM   391 C C   . ASP A 1 52  ? -8.261  -1.018  -10.157 1.000 17.780 0 56  ASP A C   1 ? 
ATOM   392 O O   . ASP A 1 52  ? -7.535  -0.865  -11.148 1.000 20.050 0 56  ASP A O   1 ? 
ATOM   393 C CB  . ASP A 1 52  ? -10.618 -1.375  -10.930 1.000 19.270 0 56  ASP A CB  1 ? 
ATOM   394 C CG  . ASP A 1 52  ? -11.243 -0.268  -10.128 1.000 25.760 0 56  ASP A CG  1 ? 
ATOM   395 O OD1 . ASP A 1 52  ? -11.799 -0.555  -9.051  1.000 28.660 0 56  ASP A OD1 1 ? 
ATOM   396 O OD2 . ASP A 1 52  ? -11.170 0.902   -10.563 1.000 37.230 0 56  ASP A OD2 1 ? 
ATOM   397 N N   . LYS A 1 53  ? -8.055  -0.365  -9.018  1.000 18.070 0 57  LYS A N   1 ? 
ATOM   398 C CA  . LYS A 1 53  ? -6.933  0.551   -8.851  1.000 18.600 0 57  LYS A CA  1 ? 
ATOM   399 C C   . LYS A 1 53  ? -5.967  0.086   -7.775  1.000 16.950 0 57  LYS A C   1 ? 
ATOM   400 O O   . LYS A 1 53  ? -4.756  0.005   -8.025  1.000 15.910 0 57  LYS A O   1 ? 
ATOM   401 C CB  . LYS A 1 53  ? -7.444  1.955   -8.512  1.000 18.580 0 57  LYS A CB  1 ? 
ATOM   402 C CG  . LYS A 1 53  ? -6.329  2.946   -8.272  1.000 17.500 0 57  LYS A CG  1 ? 
ATOM   403 C CD  . LYS A 1 53  ? -5.567  3.233   -9.562  1.000 20.310 0 57  LYS A CD  1 ? 
ATOM   404 C CE  . LYS A 1 53  ? -4.504  4.297   -9.310  1.000 24.370 0 57  LYS A CE  1 ? 
ATOM   405 N NZ  . LYS A 1 53  ? -3.742  4.604   -10.545 1.000 25.610 0 57  LYS A NZ  1 ? 
ATOM   406 N N   . TYR A 1 54  ? -6.471  -0.218  -6.581  1.000 16.650 0 58  TYR A N   1 ? 
ATOM   407 C CA  . TYR A 1 54  ? -5.665  -0.690  -5.460  1.000 16.800 0 58  TYR A CA  1 ? 
ATOM   408 C C   . TYR A 1 54  ? -6.125  -2.095  -5.127  1.000 16.290 0 58  TYR A C   1 ? 
ATOM   409 O O   . TYR A 1 54  ? -7.289  -2.296  -4.750  1.000 19.090 0 58  TYR A O   1 ? 
ATOM   410 C CB  . TYR A 1 54  ? -5.843  0.217   -4.236  1.000 16.660 0 58  TYR A CB  1 ? 
ATOM   411 C CG  . TYR A 1 54  ? -5.549  1.668   -4.522  1.000 15.490 0 58  TYR A CG  1 ? 
ATOM   412 C CD1 . TYR A 1 54  ? -4.274  2.082   -4.896  1.000 15.430 0 58  TYR A CD1 1 ? 
ATOM   413 C CD2 . TYR A 1 54  ? -6.549  2.626   -4.445  1.000 19.260 0 58  TYR A CD2 1 ? 
ATOM   414 C CE1 . TYR A 1 54  ? -4.012  3.405   -5.173  1.000 20.220 0 58  TYR A CE1 1 ? 
ATOM   415 C CE2 . TYR A 1 54  ? -6.292  3.950   -4.714  1.000 22.050 0 58  TYR A CE2 1 ? 
ATOM   416 C CZ  . TYR A 1 54  ? -5.020  4.333   -5.082  1.000 21.560 0 58  TYR A CZ  1 ? 
ATOM   417 O OH  . TYR A 1 54  ? -4.761  5.653   -5.360  1.000 26.080 0 58  TYR A OH  1 ? 
ATOM   418 N N   . SER A 1 55  ? -5.235  -3.067  -5.283  1.000 12.890 0 59  SER A N   1 ? 
ATOM   419 C CA  . SER A 1 55  ? -5.558  -4.455  -4.988  1.000 14.700 0 59  SER A CA  1 ? 
ATOM   420 C C   . SER A 1 55  ? -4.583  -4.975  -3.941  1.000 12.610 0 59  SER A C   1 ? 
ATOM   421 O O   . SER A 1 55  ? -3.386  -5.144  -4.217  1.000 13.840 0 59  SER A O   1 ? 
ATOM   422 C CB  . SER A 1 55  ? -5.548  -5.319  -6.246  1.000 15.580 0 59  SER A CB  1 ? 
ATOM   423 O OG  . SER A 1 55  ? -5.864  -6.671  -5.941  1.000 17.130 0 59  SER A OG  1 ? 
ATOM   424 N N   . ALA A 1 56  ? -5.124  -5.209  -2.760  1.000 13.150 0 60  ALA A N   1 ? 
ATOM   425 C CA  . ALA A 1 56  ? -4.353  -5.758  -1.682  1.000 12.440 0 60  ALA A CA  1 ? 
ATOM   426 C C   . ALA A 1 56  ? -4.627  -7.234  -1.670  1.000 15.440 0 60  ALA A C   1 ? 
ATOM   427 O O   . ALA A 1 56  ? -5.747  -7.697  -1.730  1.000 17.970 0 60  ALA A O   1 ? 
ATOM   428 C CB  . ALA A 1 56  ? -4.729  -5.129  -0.345  1.000 13.970 0 60  ALA A CB  1 ? 
ATOM   429 N N   . ASP A 1 57  ? -3.543  -7.958  -1.721  1.000 12.670 0 61  ASP A N   1 ? 
ATOM   430 C CA  A ASP A 1 57  ? -3.549  -9.439  -1.683  0.510 15.050 0 61  ASP A CA  1 ? 
ATOM   431 C CA  B ASP A 1 57  ? -3.560  -9.444  -1.667  0.490 15.060 0 61  ASP A CA  1 ? 
ATOM   432 C C   . ASP A 1 57  ? -2.579  -10.095 -0.558  1.000 15.610 0 61  ASP A C   1 ? 
ATOM   433 O O   . ASP A 1 57  ? -1.448  -9.632  -0.100  1.000 15.920 0 61  ASP A O   1 ? 
ATOM   434 C CB  A ASP A 1 57  ? -3.229  -10.005 -3.074  0.510 19.620 0 61  ASP A CB  1 ? 
ATOM   435 C CB  B ASP A 1 57  ? -3.271  -10.039 -3.047  0.490 19.620 0 61  ASP A CB  1 ? 
ATOM   436 C CG  A ASP A 1 57  ? -4.169  -9.475  -4.160  0.510 22.980 0 61  ASP A CG  1 ? 
ATOM   437 C CG  B ASP A 1 57  ? -3.918  -11.412 -3.249  0.490 25.470 0 61  ASP A CG  1 ? 
ATOM   438 O OD1 A ASP A 1 57  ? -5.348  -9.891  -4.184  0.510 22.340 0 61  ASP A OD1 1 ? 
ATOM   439 O OD1 B ASP A 1 57  ? -4.719  -11.840 -2.397  0.490 26.170 0 61  ASP A OD1 1 ? 
ATOM   440 O OD2 A ASP A 1 57  ? -3.744  -8.602  -4.952  0.510 21.640 0 61  ASP A OD2 1 ? 
ATOM   441 O OD2 B ASP A 1 57  ? -3.613  -12.062 -4.269  0.490 29.450 0 61  ASP A OD2 1 ? 
ATOM   442 N N   . LYS A 1 58  ? -3.087  -11.161 0.031   1.000 14.930 0 62  LYS A N   1 ? 
ATOM   443 C CA  . LYS A 1 58  ? -2.357  -11.832 1.094   1.000 14.350 0 62  LYS A CA  1 ? 
ATOM   444 C C   . LYS A 1 58  ? -2.062  -13.302 0.833   1.000 16.690 0 62  LYS A C   1 ? 
ATOM   445 O O   . LYS A 1 58  ? -2.908  -14.028 0.352   1.000 18.760 0 62  LYS A O   1 ? 
ATOM   446 C CB  . LYS A 1 58  ? -3.186  -11.701 2.381   1.000 16.300 0 62  LYS A CB  1 ? 
ATOM   447 C CG  . LYS A 1 58  ? -2.580  -12.315 3.620   1.000 19.330 0 62  LYS A CG  1 ? 
ATOM   448 C CD  . LYS A 1 58  ? -3.437  -12.006 4.836   1.000 21.440 0 62  LYS A CD  1 ? 
ATOM   449 C CE  . LYS A 1 58  ? -2.708  -12.374 6.111   1.000 23.260 0 62  LYS A CE  1 ? 
ATOM   450 N NZ  . LYS A 1 58  ? -3.288  -11.717 7.306   1.000 22.590 0 62  LYS A NZ  1 ? 
ATOM   451 N N   . SER A 1 59  ? -0.838  -13.711 1.135   1.000 15.070 0 63  SER A N   1 ? 
ATOM   452 C CA  . SER A 1 59  ? -0.458  -15.112 1.027   1.000 16.770 0 63  SER A CA  1 ? 
ATOM   453 C C   . SER A 1 59  ? 0.544   -15.390 2.135   1.000 16.270 0 63  SER A C   1 ? 
ATOM   454 O O   . SER A 1 59  ? 1.528   -14.667 2.256   1.000 14.740 0 63  SER A O   1 ? 
ATOM   455 C CB  . SER A 1 59  ? 0.188   -15.360 -0.342  1.000 25.000 0 63  SER A CB  1 ? 
ATOM   456 O OG  . SER A 1 59  ? 0.462   -16.733 -0.540  1.000 30.850 0 63  SER A OG  1 ? 
ATOM   457 N N   . SER A 1 60  ? 0.301   -16.419 2.942   1.000 17.140 0 64  SER A N   1 ? 
ATOM   458 C CA  . SER A 1 60  ? 1.239   -16.836 3.993   1.000 17.200 0 64  SER A CA  1 ? 
ATOM   459 C C   . SER A 1 60  ? 1.688   -15.649 4.851   1.000 17.270 0 64  SER A C   1 ? 
ATOM   460 O O   . SER A 1 60  ? 2.882   -15.394 5.036   1.000 17.510 0 64  SER A O   1 ? 
ATOM   461 C CB  . SER A 1 60  ? 2.440   -17.554 3.384   1.000 17.230 0 64  SER A CB  1 ? 
ATOM   462 O OG  . SER A 1 60  ? 2.025   -18.703 2.668   1.000 19.250 0 64  SER A OG  1 ? 
ATOM   463 N N   . GLN A 1 61  ? 0.723   -14.895 5.358   1.000 15.380 0 65  GLN A N   1 ? 
ATOM   464 C CA  . GLN A 1 61  ? 0.987   -13.728 6.214   1.000 14.990 0 65  GLN A CA  1 ? 
ATOM   465 C C   . GLN A 1 61  ? 1.883   -12.642 5.611   1.000 16.750 0 65  GLN A C   1 ? 
ATOM   466 O O   . GLN A 1 61  ? 2.613   -11.967 6.312   1.000 14.790 0 65  GLN A O   1 ? 
ATOM   467 C CB  . GLN A 1 61  ? 1.463   -14.139 7.616   1.000 17.380 0 65  GLN A CB  1 ? 
ATOM   468 C CG  . GLN A 1 61  ? 0.484   -15.024 8.349   1.000 17.500 0 65  GLN A CG  1 ? 
ATOM   469 C CD  . GLN A 1 61  ? 1.072   -15.551 9.633   1.000 21.200 0 65  GLN A CD  1 ? 
ATOM   470 O OE1 . GLN A 1 61  ? 1.130   -14.852 10.618  1.000 23.980 0 65  GLN A OE1 1 ? 
ATOM   471 N NE2 . GLN A 1 61  ? 1.542   -16.781 9.603   1.000 25.240 0 65  GLN A NE2 1 ? 
ATOM   472 N N   . LYS A 1 62  ? 1.808   -12.495 4.298   1.000 14.450 0 66  LYS A N   1 ? 
ATOM   473 C CA  . LYS A 1 62  ? 2.538   -11.458 3.591   1.000 12.180 0 66  LYS A CA  1 ? 
ATOM   474 C C   . LYS A 1 62  ? 1.527   -10.741 2.721   1.000 13.060 0 66  LYS A C   1 ? 
ATOM   475 O O   . LYS A 1 62  ? 0.872   -11.347 1.897   1.000 13.570 0 66  LYS A O   1 ? 
ATOM   476 C CB  . LYS A 1 62  ? 3.667   -12.012 2.734   1.000 17.690 0 66  LYS A CB  1 ? 
ATOM   477 C CG  . LYS A 1 62  ? 4.505   -10.910 2.105   1.000 21.550 0 66  LYS A CG  1 ? 
ATOM   478 C CD  . LYS A 1 62  ? 5.306   -11.393 0.913   1.000 27.060 0 66  LYS A CD  1 ? 
ATOM   479 C CE  . LYS A 1 62  ? 6.245   -12.513 1.300   1.000 33.930 0 66  LYS A CE  1 ? 
ATOM   480 N NZ  . LYS A 1 62  ? 7.200   -12.851 0.207   1.000 36.530 0 66  LYS A NZ  1 ? 
ATOM   481 N N   . VAL A 1 63  ? 1.395   -9.446  2.936   1.000 12.930 0 67  VAL A N   1 ? 
ATOM   482 C CA  . VAL A 1 63  ? 0.458   -8.633  2.189   1.000 11.620 0 67  VAL A CA  1 ? 
ATOM   483 C C   . VAL A 1 63  ? 1.190   -7.782  1.152   1.000 13.240 0 67  VAL A C   1 ? 
ATOM   484 O O   . VAL A 1 63  ? 2.227   -7.221  1.438   1.000 13.030 0 67  VAL A O   1 ? 
ATOM   485 C CB  . VAL A 1 63  ? -0.351  -7.734  3.154   1.000 12.190 0 67  VAL A CB  1 ? 
ATOM   486 C CG1 . VAL A 1 63  ? -1.204  -6.727  2.403   1.000 17.560 0 67  VAL A CG1 1 ? 
ATOM   487 C CG2 . VAL A 1 63  ? -1.230  -8.589  4.056   1.000 14.040 0 67  VAL A CG2 1 ? 
ATOM   488 N N   . THR A 1 64  ? 0.644   -7.730  -0.060  1.000 13.110 0 68  THR A N   1 ? 
ATOM   489 C CA  . THR A 1 64  ? 1.205   -6.943  -1.143  1.000 11.940 0 68  THR A CA  1 ? 
ATOM   490 C C   . THR A 1 64  ? 0.108   -6.042  -1.681  1.000 11.860 0 68  THR A C   1 ? 
ATOM   491 O O   . THR A 1 64  ? -1.015  -6.503  -1.907  1.000 13.050 0 68  THR A O   1 ? 
ATOM   492 C CB  . THR A 1 64  ? 1.668   -7.886  -2.246  1.000 13.230 0 68  THR A CB  1 ? 
ATOM   493 O OG1 . THR A 1 64  ? 2.670   -8.759  -1.712  1.000 15.490 0 68  THR A OG1 1 ? 
ATOM   494 C CG2 . THR A 1 64  ? 2.254   -7.095  -3.423  1.000 14.390 0 68  THR A CG2 1 ? 
ATOM   495 N N   . LEU A 1 65  ? 0.403   -4.753  -1.829  1.000 11.820 0 69  LEU A N   1 ? 
ATOM   496 C CA  . LEU A 1 65  ? -0.520  -3.807  -2.444  1.000 11.430 0 69  LEU A CA  1 ? 
ATOM   497 C C   . LEU A 1 65  ? -0.097  -3.589  -3.891  1.000 13.160 0 69  LEU A C   1 ? 
ATOM   498 O O   . LEU A 1 65  ? 1.021   -3.134  -4.155  1.000 12.970 0 69  LEU A O   1 ? 
ATOM   499 C CB  . LEU A 1 65  ? -0.523  -2.477  -1.688  1.000 10.410 0 69  LEU A CB  1 ? 
ATOM   500 C CG  . LEU A 1 65  ? -1.313  -1.385  -2.423  1.000 11.500 0 69  LEU A CG  1 ? 
ATOM   501 C CD1 . LEU A 1 65  ? -2.797  -1.670  -2.392  1.000 16.030 0 69  LEU A CD1 1 ? 
ATOM   502 C CD2 . LEU A 1 65  ? -1.035  -0.030  -1.780  1.000 14.180 0 69  LEU A CD2 1 ? 
ATOM   503 N N   . THR A 1 66  ? -0.981  -3.896  -4.823  1.000 13.060 0 70  THR A N   1 ? 
ATOM   504 C CA  . THR A 1 66  ? -0.712  -3.651  -6.234  1.000 13.330 0 70  THR A CA  1 ? 
ATOM   505 C C   . THR A 1 66  ? -1.428  -2.367  -6.627  1.000 14.500 0 70  THR A C   1 ? 
ATOM   506 O O   . THR A 1 66  ? -2.645  -2.250  -6.445  1.000 15.350 0 70  THR A O   1 ? 
ATOM   507 C CB  . THR A 1 66  ? -1.150  -4.836  -7.098  1.000 14.640 0 70  THR A CB  1 ? 
ATOM   508 O OG1 . THR A 1 66  ? -0.351  -5.974  -6.780  1.000 16.520 0 70  THR A OG1 1 ? 
ATOM   509 C CG2 . THR A 1 66  ? -0.969  -4.505  -8.562  1.000 19.940 0 70  THR A CG2 1 ? 
ATOM   510 N N   . VAL A 1 67  ? -0.673  -1.381  -7.086  1.000 15.390 0 71  VAL A N   1 ? 
ATOM   511 C CA  . VAL A 1 67  ? -1.236  -0.142  -7.602  1.000 15.930 0 71  VAL A CA  1 ? 
ATOM   512 C C   . VAL A 1 67  ? -1.239  -0.273  -9.114  1.000 15.090 0 71  VAL A C   1 ? 
ATOM   513 O O   . VAL A 1 67  ? -0.176  -0.297  -9.753  1.000 16.510 0 71  VAL A O   1 ? 
ATOM   514 C CB  . VAL A 1 67  ? -0.437  1.084   -7.142  1.000 15.190 0 71  VAL A CB  1 ? 
ATOM   515 C CG1 . VAL A 1 67  ? -1.064  2.354   -7.691  1.000 18.870 0 71  VAL A CG1 1 ? 
ATOM   516 C CG2 . VAL A 1 67  ? -0.351  1.148   -5.601  1.000 16.140 0 71  VAL A CG2 1 ? 
ATOM   517 N N   . LYS A 1 68  ? -2.433  -0.389  -9.682  1.000 17.580 0 72  LYS A N   1 ? 
ATOM   518 C CA  . LYS A 1 68  ? -2.593  -0.553  -11.119 1.000 18.460 0 72  LYS A CA  1 ? 
ATOM   519 C C   . LYS A 1 68  ? -2.617  0.813   -11.797 1.000 16.760 0 72  LYS A C   1 ? 
ATOM   520 O O   . LYS A 1 68  ? -3.001  1.823   -11.200 1.000 22.220 0 72  LYS A O   1 ? 
ATOM   521 C CB  . LYS A 1 68  ? -3.866  -1.351  -11.424 1.000 18.150 0 72  LYS A CB  1 ? 
ATOM   522 C CG  . LYS A 1 68  ? -3.822  -2.745  -10.812 1.000 19.910 0 72  LYS A CG  1 ? 
ATOM   523 C CD  . LYS A 1 68  ? -5.131  -3.496  -10.968 1.000 21.630 0 72  LYS A CD  1 ? 
ATOM   524 C CE  . LYS A 1 68  ? -5.101  -4.775  -10.137 1.000 19.970 0 72  LYS A CE  1 ? 
ATOM   525 N NZ  . LYS A 1 68  ? -6.359  -5.588  -10.261 1.000 25.380 0 72  LYS A NZ  1 ? 
ATOM   526 N N   . ASP A 1 69  ? -2.141  0.843   -13.043 1.000 22.620 0 73  ASP A N   1 ? 
ATOM   527 C CA  . ASP A 1 69  ? -2.130  2.057   -13.860 1.000 23.770 0 73  ASP A CA  1 ? 
ATOM   528 C C   . ASP A 1 69  ? -1.533  3.242   -13.095 1.000 23.050 0 73  ASP A C   1 ? 
ATOM   529 O O   . ASP A 1 69  ? -2.189  4.252   -12.829 1.000 24.350 0 73  ASP A O   1 ? 
ATOM   530 C CB  . ASP A 1 69  ? -3.531  2.372   -14.398 1.000 24.890 0 73  ASP A CB  1 ? 
ATOM   531 C CG  . ASP A 1 69  ? -3.532  3.542   -15.365 1.000 28.920 0 73  ASP A CG  1 ? 
ATOM   532 O OD1 . ASP A 1 69  ? -2.507  3.737   -16.048 1.000 28.820 0 73  ASP A OD1 1 ? 
ATOM   533 O OD2 . ASP A 1 69  ? -4.541  4.272   -15.422 1.000 31.310 0 73  ASP A OD2 1 ? 
ATOM   534 N N   . PHE A 1 70  ? -0.261  3.104   -12.728 1.000 18.540 0 74  PHE A N   1 ? 
ATOM   535 C CA  . PHE A 1 70  ? 0.364   4.086   -11.853 1.000 20.350 0 74  PHE A CA  1 ? 
ATOM   536 C C   . PHE A 1 70  ? 0.527   5.410   -12.595 1.000 22.030 0 74  PHE A C   1 ? 
ATOM   537 O O   . PHE A 1 70  ? 1.150   5.464   -13.664 1.000 21.610 0 74  PHE A O   1 ? 
ATOM   538 C CB  . PHE A 1 70  ? 1.709   3.547   -11.364 1.000 19.410 0 74  PHE A CB  1 ? 
ATOM   539 C CG  . PHE A 1 70  ? 2.236   4.232   -10.129 1.000 16.770 0 74  PHE A CG  1 ? 
ATOM   540 C CD1 . PHE A 1 70  ? 2.755   5.509   -10.195 1.000 15.430 0 74  PHE A CD1 1 ? 
ATOM   541 C CD2 . PHE A 1 70  ? 2.240   3.579   -8.910  1.000 15.980 0 74  PHE A CD2 1 ? 
ATOM   542 C CE1 . PHE A 1 70  ? 3.243   6.138   -9.066  1.000 16.950 0 74  PHE A CE1 1 ? 
ATOM   543 C CE2 . PHE A 1 70  ? 2.737   4.193   -7.782  1.000 15.930 0 74  PHE A CE2 1 ? 
ATOM   544 C CZ  . PHE A 1 70  ? 3.242   5.469   -7.856  1.000 17.270 0 74  PHE A CZ  1 ? 
ATOM   545 N N   . ARG A 1 71  ? -0.040  6.473   -12.034 1.000 21.940 0 75  ARG A N   1 ? 
ATOM   546 C CA  . ARG A 1 71  ? -0.039  7.804   -12.640 1.000 20.980 0 75  ARG A CA  1 ? 
ATOM   547 C C   . ARG A 1 71  ? 0.650   8.804   -11.714 1.000 25.020 0 75  ARG A C   1 ? 
ATOM   548 O O   . ARG A 1 71  ? 1.064   8.475   -10.600 1.000 22.050 0 75  ARG A O   1 ? 
ATOM   549 C CB  . ARG A 1 71  ? -1.466  8.242   -12.995 1.000 28.660 0 75  ARG A CB  1 ? 
ATOM   550 C CG  . ARG A 1 71  ? -2.183  7.317   -13.983 1.000 29.570 0 75  ARG A CG  1 ? 
ATOM   551 C CD  . ARG A 1 71  ? -1.736  7.547   -15.436 1.000 27.960 0 75  ARG A CD  1 ? 
ATOM   552 N NE  . ARG A 1 71  ? -2.133  6.445   -16.310 1.000 31.170 0 75  ARG A NE  1 ? 
ATOM   553 C CZ  . ARG A 1 71  ? -1.821  6.355   -17.602 1.000 33.810 0 75  ARG A CZ  1 ? 
ATOM   554 N NH1 . ARG A 1 71  ? -1.098  7.304   -18.181 1.000 38.090 0 75  ARG A NH1 1 ? 
ATOM   555 N NH2 . ARG A 1 71  ? -2.229  5.310   -18.315 1.000 36.980 0 75  ARG A NH2 1 ? 
ATOM   556 N N   . LYS A 1 72  ? 0.778   10.050  -12.189 1.000 25.810 0 76  LYS A N   1 ? 
ATOM   557 C CA  . LYS A 1 72  ? 1.486   11.072  -11.420 1.000 25.880 0 76  LYS A CA  1 ? 
ATOM   558 C C   . LYS A 1 72  ? 0.821   11.324  -10.068 1.000 23.170 0 76  LYS A C   1 ? 
ATOM   559 O O   . LYS A 1 72  ? 1.504   11.589  -9.072  1.000 25.440 0 76  LYS A O   1 ? 
ATOM   560 C CB  . LYS A 1 72  ? 1.570   12.372  -12.222 1.000 28.620 0 76  LYS A CB  1 ? 
ATOM   561 C CG  . LYS A 1 72  ? 2.853   12.529  -13.016 1.000 35.640 0 76  LYS A CG  1 ? 
ATOM   562 C CD  . LYS A 1 72  ? 2.646   13.425  -14.232 1.000 39.520 0 76  LYS A CD  1 ? 
ATOM   563 C CE  . LYS A 1 72  ? 3.524   12.984  -15.401 1.000 40.340 0 76  LYS A CE  1 ? 
ATOM   564 N NZ  . LYS A 1 72  ? 3.603   14.000  -16.488 1.000 43.300 0 76  LYS A NZ  1 ? 
ATOM   565 N N   . GLU A 1 73  ? -0.507  11.233  -10.011 1.000 29.510 0 77  GLU A N   1 ? 
ATOM   566 C CA  . GLU A 1 73  ? -1.198  11.464  -8.748  1.000 27.910 0 77  GLU A CA  1 ? 
ATOM   567 C C   . GLU A 1 73  ? -0.993  10.339  -7.742  1.000 27.760 0 77  GLU A C   1 ? 
ATOM   568 O O   . GLU A 1 73  ? -1.327  10.522  -6.566  1.000 27.340 0 77  GLU A O   1 ? 
ATOM   569 C CB  . GLU A 1 73  ? -2.692  11.720  -8.974  1.000 33.030 0 77  GLU A CB  1 ? 
ATOM   570 C CG  . GLU A 1 73  ? -3.353  10.836  -10.030 1.000 33.720 0 77  GLU A CG  1 ? 
ATOM   571 C CD  . GLU A 1 73  ? -3.087  11.308  -11.457 1.000 38.260 0 77  GLU A CD  1 ? 
ATOM   572 O OE1 . GLU A 1 73  ? -3.606  10.683  -12.406 1.000 37.900 0 77  GLU A OE1 1 ? 
ATOM   573 O OE2 . GLU A 1 73  ? -2.343  12.295  -11.633 1.000 43.430 0 77  GLU A OE2 1 ? 
ATOM   574 N N   . ASP A 1 74  ? -0.458  9.192   -8.167  1.000 23.110 0 78  ASP A N   1 ? 
ATOM   575 C CA  . ASP A 1 74  ? -0.133  8.091   -7.266  1.000 20.870 0 78  ASP A CA  1 ? 
ATOM   576 C C   . ASP A 1 74  ? 1.259   8.203   -6.667  1.000 20.260 0 78  ASP A C   1 ? 
ATOM   577 O O   . ASP A 1 74  ? 1.610   7.396   -5.801  1.000 19.610 0 78  ASP A O   1 ? 
ATOM   578 C CB  . ASP A 1 74  ? -0.255  6.751   -7.994  1.000 17.550 0 78  ASP A CB  1 ? 
ATOM   579 C CG  . ASP A 1 74  ? -1.635  6.523   -8.566  1.000 22.630 0 78  ASP A CG  1 ? 
ATOM   580 O OD1 . ASP A 1 74  ? -2.625  6.714   -7.826  1.000 26.960 0 78  ASP A OD1 1 ? 
ATOM   581 O OD2 . ASP A 1 74  ? -1.745  6.145   -9.746  1.000 21.990 0 78  ASP A OD2 1 ? 
ATOM   582 N N   . SER A 1 75  ? 2.056   9.182   -7.085  1.000 19.140 0 79  SER A N   1 ? 
ATOM   583 C CA  . SER A 1 75  ? 3.403   9.329   -6.555  1.000 18.200 0 79  SER A CA  1 ? 
ATOM   584 C C   . SER A 1 75  ? 3.372   9.596   -5.051  1.000 18.030 0 79  SER A C   1 ? 
ATOM   585 O O   . SER A 1 75  ? 2.544   10.371  -4.553  1.000 20.500 0 79  SER A O   1 ? 
ATOM   586 C CB  . SER A 1 75  ? 4.084   10.498  -7.260  1.000 21.050 0 79  SER A CB  1 ? 
ATOM   587 O OG  . SER A 1 75  ? 4.191   10.224  -8.649  1.000 20.900 0 79  SER A OG  1 ? 
ATOM   588 N N   . GLY A 1 76  ? 4.276   8.965   -4.314  1.000 15.950 0 80  GLY A N   1 ? 
ATOM   589 C CA  . GLY A 1 76  ? 4.392   9.267   -2.901  1.000 18.570 0 80  GLY A CA  1 ? 
ATOM   590 C C   . GLY A 1 76  ? 5.003   8.124   -2.119  1.000 15.070 0 80  GLY A C   1 ? 
ATOM   591 O O   . GLY A 1 76  ? 5.529   7.163   -2.684  1.000 16.660 0 80  GLY A O   1 ? 
ATOM   592 N N   . LYS A 1 77  ? 4.928   8.273   -0.797  1.000 15.970 0 81  LYS A N   1 ? 
ATOM   593 C CA  . LYS A 1 77  ? 5.476   7.323   0.162   1.000 14.310 0 81  LYS A CA  1 ? 
ATOM   594 C C   . LYS A 1 77  ? 4.326   6.447   0.634   1.000 14.320 0 81  LYS A C   1 ? 
ATOM   595 O O   . LYS A 1 77  ? 3.329   6.961   1.153   1.000 15.030 0 81  LYS A O   1 ? 
ATOM   596 C CB  . LYS A 1 77  ? 6.087   8.067   1.355   1.000 15.600 0 81  LYS A CB  1 ? 
ATOM   597 C CG  . LYS A 1 77  ? 6.819   7.161   2.329   1.000 17.280 0 81  LYS A CG  1 ? 
ATOM   598 C CD  . LYS A 1 77  ? 7.470   7.922   3.488   1.000 20.730 0 81  LYS A CD  1 ? 
ATOM   599 C CE  . LYS A 1 77  ? 8.596   8.817   3.026   1.000 21.720 0 81  LYS A CE  1 ? 
ATOM   600 N NZ  . LYS A 1 77  ? 9.826   8.016   2.776   1.000 24.730 0 81  LYS A NZ  1 ? 
ATOM   601 N N   . TYR A 1 78  ? 4.456   5.133   0.423   1.000 12.010 0 82  TYR A N   1 ? 
ATOM   602 C CA  . TYR A 1 78  ? 3.423   4.153   0.736   1.000 11.540 0 82  TYR A CA  1 ? 
ATOM   603 C C   . TYR A 1 78  ? 3.742   3.480   2.057   1.000 14.720 0 82  TYR A C   1 ? 
ATOM   604 O O   . TYR A 1 78  ? 4.874   3.032   2.277   1.000 15.440 0 82  TYR A O   1 ? 
ATOM   605 C CB  . TYR A 1 78  ? 3.321   3.095   -0.373  1.000 12.620 0 82  TYR A CB  1 ? 
ATOM   606 C CG  . TYR A 1 78  ? 2.608   3.612   -1.591  1.000 11.720 0 82  TYR A CG  1 ? 
ATOM   607 C CD1 . TYR A 1 78  ? 3.253   4.486   -2.474  1.000 13.710 0 82  TYR A CD1 1 ? 
ATOM   608 C CD2 . TYR A 1 78  ? 1.290   3.290   -1.837  1.000 12.940 0 82  TYR A CD2 1 ? 
ATOM   609 C CE1 . TYR A 1 78  ? 2.586   5.000   -3.574  1.000 15.250 0 82  TYR A CE1 1 ? 
ATOM   610 C CE2 . TYR A 1 78  ? 0.626   3.784   -2.936  1.000 14.410 0 82  TYR A CE2 1 ? 
ATOM   611 C CZ  . TYR A 1 78  ? 1.278   4.645   -3.793  1.000 14.140 0 82  TYR A CZ  1 ? 
ATOM   612 O OH  . TYR A 1 78  ? 0.587   5.135   -4.880  1.000 18.550 0 82  TYR A OH  1 ? 
ATOM   613 N N   . TYR A 1 79  ? 2.750   3.422   2.941   1.000 12.660 0 83  TYR A N   1 ? 
ATOM   614 C CA  . TYR A 1 79  ? 2.915   2.833   4.255   1.000 10.940 0 83  TYR A CA  1 ? 
ATOM   615 C C   . TYR A 1 79  ? 1.919   1.699   4.443   1.000 10.910 0 83  TYR A C   1 ? 
ATOM   616 O O   . TYR A 1 79  ? 0.757   1.807   4.036   1.000 12.390 0 83  TYR A O   1 ? 
ATOM   617 C CB  . TYR A 1 79  ? 2.563   3.854   5.317   1.000 12.850 0 83  TYR A CB  1 ? 
ATOM   618 C CG  . TYR A 1 79  ? 3.514   4.996   5.518   1.000 12.930 0 83  TYR A CG  1 ? 
ATOM   619 C CD1 . TYR A 1 79  ? 3.378   6.160   4.777   1.000 13.520 0 83  TYR A CD1 1 ? 
ATOM   620 C CD2 . TYR A 1 79  ? 4.496   4.944   6.503   1.000 14.040 0 83  TYR A CD2 1 ? 
ATOM   621 C CE1 . TYR A 1 79  ? 4.217   7.253   4.989   1.000 14.880 0 83  TYR A CE1 1 ? 
ATOM   622 C CE2 . TYR A 1 79  ? 5.344   6.030   6.724   1.000 14.570 0 83  TYR A CE2 1 ? 
ATOM   623 C CZ  . TYR A 1 79  ? 5.187   7.172   5.969   1.000 16.920 0 83  TYR A CZ  1 ? 
ATOM   624 O OH  . TYR A 1 79  ? 6.030   8.248   6.186   1.000 19.500 0 83  TYR A OH  1 ? 
ATOM   625 N N   . CYS A 1 80  ? 2.371   0.644   5.111   1.000 13.300 0 84  CYS A N   1 ? 
ATOM   626 C CA  . CYS A 1 80  ? 1.492   -0.394  5.633   1.000 13.240 0 84  CYS A CA  1 ? 
ATOM   627 C C   . CYS A 1 80  ? 1.600   -0.405  7.157   1.000 12.670 0 84  CYS A C   1 ? 
ATOM   628 O O   . CYS A 1 80  ? 2.675   -0.171  7.714   1.000 12.830 0 84  CYS A O   1 ? 
ATOM   629 C CB  . CYS A 1 80  ? 1.805   -1.779  5.019   1.000 15.270 0 84  CYS A CB  1 ? 
ATOM   630 S SG  . CYS A 1 80  ? 3.414   -2.467  5.415   1.000 16.880 0 84  CYS A SG  1 ? 
ATOM   631 N N   . LEU A 1 81  ? 0.486   -0.659  7.821   1.000 13.120 0 85  LEU A N   1 ? 
ATOM   632 C CA  . LEU A 1 81  ? 0.496   -0.703  9.271   1.000 13.750 0 85  LEU A CA  1 ? 
ATOM   633 C C   . LEU A 1 81  ? -0.537  -1.646  9.842   1.000 15.860 0 85  LEU A C   1 ? 
ATOM   634 O O   . LEU A 1 81  ? -1.516  -1.983  9.199   1.000 13.230 0 85  LEU A O   1 ? 
ATOM   635 C CB  . LEU A 1 81  ? 0.324   0.691   9.887   1.000 17.920 0 85  LEU A CB  1 ? 
ATOM   636 C CG  . LEU A 1 81  ? -1.037  1.388   9.847   1.000 17.950 0 85  LEU A CG  1 ? 
ATOM   637 C CD1 . LEU A 1 81  ? -2.063  0.748   10.763  1.000 15.460 0 85  LEU A CD1 1 ? 
ATOM   638 C CD2 . LEU A 1 81  ? -0.861  2.848   10.226  1.000 21.070 0 85  LEU A CD2 1 ? 
ATOM   639 N N   . MET A 1 82  ? -0.258  -2.085  11.059  1.000 14.650 0 86  MET A N   1 ? 
ATOM   640 C CA  . MET A 1 82  ? -1.150  -2.946  11.812  1.000 14.950 0 86  MET A CA  1 ? 
ATOM   641 C C   . MET A 1 82  ? -1.386  -2.265  13.151  1.000 15.010 0 86  MET A C   1 ? 
ATOM   642 O O   . MET A 1 82  ? -0.497  -1.641  13.700  1.000 14.890 0 86  MET A O   1 ? 
ATOM   643 C CB  . MET A 1 82  ? -0.538  -4.331  12.066  1.000 17.240 0 86  MET A CB  1 ? 
ATOM   644 C CG  . MET A 1 82  ? -0.437  -5.237  10.851  1.000 17.370 0 86  MET A CG  1 ? 
ATOM   645 S SD  . MET A 1 82  ? -0.091  -6.957  11.310  1.000 27.030 0 86  MET A SD  1 ? 
ATOM   646 C CE  . MET A 1 82  ? 1.505   -6.804  12.099  1.000 28.340 0 86  MET A CE  1 ? 
ATOM   647 N N   . VAL A 1 83  ? -2.602  -2.389  13.650  1.000 15.770 0 87  VAL A N   1 ? 
ATOM   648 C CA  . VAL A 1 83  ? -2.975  -1.832  14.938  1.000 17.480 0 87  VAL A CA  1 ? 
ATOM   649 C C   . VAL A 1 83  ? -3.034  -2.998  15.916  1.000 23.340 0 87  VAL A C   1 ? 
ATOM   650 O O   . VAL A 1 83  ? -3.822  -3.909  15.735  1.000 25.170 0 87  VAL A O   1 ? 
ATOM   651 C CB  . VAL A 1 83  ? -4.351  -1.156  14.873  1.000 20.640 0 87  VAL A CB  1 ? 
ATOM   652 C CG1 . VAL A 1 83  ? -4.675  -0.501  16.206  1.000 22.960 0 87  VAL A CG1 1 ? 
ATOM   653 C CG2 . VAL A 1 83  ? -4.388  -0.130  13.757  1.000 22.680 0 87  VAL A CG2 1 ? 
ATOM   654 N N   . LYS A 1 84  ? -2.176  -2.980  16.927  1.000 20.040 0 88  LYS A N   1 ? 
ATOM   655 C CA  . LYS A 1 84  ? -2.140  -4.050  17.921  1.000 25.340 0 88  LYS A CA  1 ? 
ATOM   656 C C   . LYS A 1 84  ? -1.808  -3.503  19.301  1.000 24.390 0 88  LYS A C   1 ? 
ATOM   657 O O   . LYS A 1 84  ? -0.890  -2.721  19.446  1.000 22.630 0 88  LYS A O   1 ? 
ATOM   658 C CB  . LYS A 1 84  ? -1.087  -5.096  17.554  1.000 26.650 0 88  LYS A CB  1 ? 
ATOM   659 C CG  . LYS A 1 84  ? -1.388  -5.940  16.330  1.000 31.580 0 88  LYS A CG  1 ? 
ATOM   660 C CD  . LYS A 1 84  ? -0.115  -6.588  15.820  1.000 33.580 0 88  LYS A CD  1 ? 
ATOM   661 C CE  . LYS A 1 84  ? -0.225  -8.104  15.760  1.000 37.570 0 88  LYS A CE  1 ? 
ATOM   662 N NZ  . LYS A 1 84  ? 1.069   -8.674  15.317  1.000 32.440 0 88  LYS A NZ  1 ? 
ATOM   663 N N   . ASN A 1 85  ? -2.551  -3.948  20.309  1.000 25.490 0 89  ASN A N   1 ? 
ATOM   664 C CA  . ASN A 1 85  ? -2.327  -3.534  21.695  1.000 28.680 0 89  ASN A CA  1 ? 
ATOM   665 C C   . ASN A 1 85  ? -2.173  -2.035  21.885  1.000 20.800 0 89  ASN A C   1 ? 
ATOM   666 O O   . ASN A 1 85  ? -1.179  -1.579  22.429  1.000 21.400 0 89  ASN A O   1 ? 
ATOM   667 C CB  . ASN A 1 85  ? -1.108  -4.236  22.274  1.000 30.170 0 89  ASN A CB  1 ? 
ATOM   668 C CG  . ASN A 1 85  ? -1.196  -5.733  22.144  1.000 34.820 0 89  ASN A CG  1 ? 
ATOM   669 O OD1 . ASN A 1 85  ? -2.264  -6.304  22.292  1.000 38.470 0 89  ASN A OD1 1 ? 
ATOM   670 N ND2 . ASN A 1 85  ? -0.076  -6.370  21.850  1.000 38.340 0 89  ASN A ND2 1 ? 
ATOM   671 N N   . ARG A 1 86  ? -3.154  -1.290  21.397  1.000 22.220 0 90  ARG A N   1 ? 
ATOM   672 C CA  . ARG A 1 86  ? -3.191  0.168   21.503  1.000 20.500 0 90  ARG A CA  1 ? 
ATOM   673 C C   . ARG A 1 86  ? -1.927  0.847   20.969  1.000 20.750 0 90  ARG A C   1 ? 
ATOM   674 O O   . ARG A 1 86  ? -1.443  1.805   21.543  1.000 19.520 0 90  ARG A O   1 ? 
ATOM   675 C CB  . ARG A 1 86  ? -3.482  0.595   22.951  1.000 23.510 0 90  ARG A CB  1 ? 
ATOM   676 C CG  . ARG A 1 86  ? -4.867  0.196   23.444  1.000 29.900 0 90  ARG A CG  1 ? 
ATOM   677 C CD  . ARG A 1 86  ? -5.059  0.477   24.932  1.000 32.710 0 90  ARG A CD  1 ? 
ATOM   678 N NE  . ARG A 1 86  ? -4.246  -0.427  25.736  1.000 39.730 0 90  ARG A NE  1 ? 
ATOM   679 C CZ  . ARG A 1 86  ? -4.133  -0.388  27.060  1.000 40.960 0 90  ARG A CZ  1 ? 
ATOM   680 N NH1 . ARG A 1 86  ? -3.351  -1.264  27.678  1.000 45.270 0 90  ARG A NH1 1 ? 
ATOM   681 N NH2 . ARG A 1 86  ? -4.786  0.515   27.774  1.000 42.200 0 90  ARG A NH2 1 ? 
ATOM   682 N N   . ALA A 1 87  ? -1.429  0.358   19.840  1.000 19.760 0 91  ALA A N   1 ? 
ATOM   683 C CA  . ALA A 1 87  ? -0.216  0.878   19.248  1.000 17.190 0 91  ALA A CA  1 ? 
ATOM   684 C C   . ALA A 1 87  ? -0.192  0.511   17.777  1.000 14.790 0 91  ALA A C   1 ? 
ATOM   685 O O   . ALA A 1 87  ? -0.970  -0.308  17.324  1.000 18.030 0 91  ALA A O   1 ? 
ATOM   686 C CB  . ALA A 1 87  ? 0.993   0.305   19.954  1.000 18.970 0 91  ALA A CB  1 ? 
ATOM   687 N N   . LEU A 1 88  ? 0.717   1.132   17.041  1.000 13.400 0 92  LEU A N   1 ? 
ATOM   688 C CA  . LEU A 1 88  ? 0.849   0.877   15.622  1.000 12.780 0 92  LEU A CA  1 ? 
ATOM   689 C C   . LEU A 1 88  ? 2.212   0.306   15.302  1.000 14.730 0 92  LEU A C   1 ? 
ATOM   690 O O   . LEU A 1 88  ? 3.204   0.696   15.897  1.000 16.760 0 92  LEU A O   1 ? 
ATOM   691 C CB  . LEU A 1 88  ? 0.710   2.178   14.831  1.000 14.100 0 92  LEU A CB  1 ? 
ATOM   692 C CG  . LEU A 1 88  ? -0.476  3.100   15.096  1.000 13.170 0 92  LEU A CG  1 ? 
ATOM   693 C CD1 . LEU A 1 88  ? -0.348  4.369   14.276  1.000 15.720 0 92  LEU A CD1 1 ? 
ATOM   694 C CD2 . LEU A 1 88  ? -1.779  2.397   14.784  1.000 14.700 0 92  LEU A CD2 1 ? 
ATOM   695 N N   . THR A 1 89  ? 2.245   -0.638  14.367  1.000 13.550 0 93  THR A N   1 ? 
ATOM   696 C CA  . THR A 1 89  ? 3.502   -1.185  13.866  1.000 14.630 0 93  THR A CA  1 ? 
ATOM   697 C C   . THR A 1 89  ? 3.477   -0.908  12.361  1.000 13.590 0 93  THR A C   1 ? 
ATOM   698 O O   . THR A 1 89  ? 2.441   -1.009  11.736  1.000 16.810 0 93  THR A O   1 ? 
ATOM   699 C CB  . THR A 1 89  ? 3.712   -2.667  14.201  1.000 19.850 0 93  THR A CB  1 ? 
ATOM   700 O OG1 . THR A 1 89  ? 2.626   -3.430  13.698  1.000 23.190 0 93  THR A OG1 1 ? 
ATOM   701 C CG2 . THR A 1 89  ? 3.782   -2.854  15.689  1.000 23.450 0 93  THR A CG2 1 ? 
ATOM   702 N N   . PHE A 1 90  ? 4.625   -0.572  11.797  1.000 14.340 0 94  PHE A N   1 ? 
ATOM   703 C CA  . PHE A 1 90  ? 4.724   -0.157  10.406  1.000 14.990 0 94  PHE A CA  1 ? 
ATOM   704 C C   . PHE A 1 90  ? 5.709   -1.043  9.660   1.000 15.610 0 94  PHE A C   1 ? 
ATOM   705 O O   . PHE A 1 90  ? 6.759   -1.413  10.195  1.000 17.700 0 94  PHE A O   1 ? 
ATOM   706 C CB  . PHE A 1 90  ? 5.244   1.287   10.295  1.000 15.420 0 94  PHE A CB  1 ? 
ATOM   707 C CG  . PHE A 1 90  ? 4.355   2.320   10.929  1.000 14.390 0 94  PHE A CG  1 ? 
ATOM   708 C CD1 . PHE A 1 90  ? 4.514   2.658   12.259  1.000 13.970 0 94  PHE A CD1 1 ? 
ATOM   709 C CD2 . PHE A 1 90  ? 3.397   2.985   10.177  1.000 16.060 0 94  PHE A CD2 1 ? 
ATOM   710 C CE1 . PHE A 1 90  ? 3.710   3.633   12.841  1.000 17.400 0 94  PHE A CE1 1 ? 
ATOM   711 C CE2 . PHE A 1 90  ? 2.584   3.961   10.764  1.000 18.190 0 94  PHE A CE2 1 ? 
ATOM   712 C CZ  . PHE A 1 90  ? 2.754   4.271   12.092  1.000 16.550 0 94  PHE A CZ  1 ? 
ATOM   713 N N   . GLY A 1 91  ? 5.382   -1.363  8.414   1.000 13.130 0 95  GLY A N   1 ? 
ATOM   714 C CA  . GLY A 1 91  ? 6.367   -1.919  7.515   1.000 15.750 0 95  GLY A CA  1 ? 
ATOM   715 C C   . GLY A 1 91  ? 7.352   -0.849  7.085   1.000 14.780 0 95  GLY A C   1 ? 
ATOM   716 O O   . GLY A 1 91  ? 7.193   0.337   7.369   1.000 15.480 0 95  GLY A O   1 ? 
ATOM   717 N N   . LYS A 1 92  ? 8.387   -1.274  6.390   1.000 13.820 0 96  LYS A N   1 ? 
ATOM   718 C CA  . LYS A 1 92  ? 9.326   -0.324  5.801   1.000 14.640 0 96  LYS A CA  1 ? 
ATOM   719 C C   . LYS A 1 92  ? 8.593   0.490   4.744   1.000 15.910 0 96  LYS A C   1 ? 
ATOM   720 O O   . LYS A 1 92  ? 8.032   -0.096  3.815   1.000 16.660 0 96  LYS A O   1 ? 
ATOM   721 C CB  . LYS A 1 92  ? 10.427  -1.128  5.102   1.000 18.750 0 96  LYS A CB  1 ? 
ATOM   722 C CG  . LYS A 1 92  ? 11.421  -1.819  6.028   1.000 24.420 0 96  LYS A CG  1 ? 
ATOM   723 C CD  . LYS A 1 92  ? 12.521  -2.548  5.243   1.000 32.640 0 96  LYS A CD  1 ? 
ATOM   724 C CE  . LYS A 1 92  ? 12.255  -4.047  5.127   1.000 33.540 0 96  LYS A CE  1 ? 
ATOM   725 N NZ  . LYS A 1 92  ? 12.462  -4.590  3.751   1.000 37.890 0 96  LYS A NZ  1 ? 
ATOM   726 N N   . PRO A 1 93  ? 8.573   1.820   4.814   1.000 13.140 0 97  PRO A N   1 ? 
ATOM   727 C CA  . PRO A 1 93  ? 7.887   2.582   3.764   1.000 13.530 0 97  PRO A CA  1 ? 
ATOM   728 C C   . PRO A 1 93  ? 8.578   2.431   2.417   1.000 14.520 0 97  PRO A C   1 ? 
ATOM   729 O O   . PRO A 1 93  ? 9.788   2.206   2.335   1.000 16.200 0 97  PRO A O   1 ? 
ATOM   730 C CB  . PRO A 1 93  ? 7.972   4.035   4.256   1.000 17.890 0 97  PRO A CB  1 ? 
ATOM   731 C CG  . PRO A 1 93  ? 8.341   3.936   5.681   1.000 20.160 0 97  PRO A CG  1 ? 
ATOM   732 C CD  . PRO A 1 93  ? 9.129   2.703   5.854   1.000 15.940 0 97  PRO A CD  1 ? 
ATOM   733 N N   . GLN A 1 94  ? 7.793   2.596   1.355   1.000 14.850 0 98  GLN A N   1 ? 
ATOM   734 C CA  . GLN A 1 94  ? 8.264   2.460   -0.018  1.000 14.790 0 98  GLN A CA  1 ? 
ATOM   735 C C   . GLN A 1 94  ? 7.821   3.672   -0.822  1.000 15.940 0 98  GLN A C   1 ? 
ATOM   736 O O   . GLN A 1 94  ? 6.666   4.103   -0.726  1.000 18.300 0 98  GLN A O   1 ? 
ATOM   737 C CB  . GLN A 1 94  ? 7.696   1.200   -0.657  1.000 19.990 0 98  GLN A CB  1 ? 
ATOM   738 C CG  . GLN A 1 94  ? 8.099   -0.083  0.034   1.000 19.710 0 98  GLN A CG  1 ? 
ATOM   739 C CD  . GLN A 1 94  ? 8.595   -1.101  -0.962  1.000 25.460 0 98  GLN A CD  1 ? 
ATOM   740 O OE1 . GLN A 1 94  ? 7.885   -1.476  -1.899  1.000 26.790 0 98  GLN A OE1 1 ? 
ATOM   741 N NE2 . GLN A 1 94  ? 9.833   -1.536  -0.783  1.000 28.820 0 98  GLN A NE2 1 ? 
ATOM   742 N N   . ASP A 1 95  ? 8.732   4.216   -1.625  1.000 15.060 0 99  ASP A N   1 ? 
ATOM   743 C CA  . ASP A 1 95  ? 8.521   5.497   -2.285  1.000 15.910 0 99  ASP A CA  1 ? 
ATOM   744 C C   . ASP A 1 95  ? 8.602   5.313   -3.795  1.000 16.160 0 99  ASP A C   1 ? 
ATOM   745 O O   . ASP A 1 95  ? 9.613   4.816   -4.308  1.000 15.860 0 99  ASP A O   1 ? 
ATOM   746 C CB  . ASP A 1 95  ? 9.573   6.524   -1.830  1.000 18.030 0 99  ASP A CB  1 ? 
ATOM   747 C CG  . ASP A 1 95  ? 9.420   6.931   -0.370  1.000 24.550 0 99  ASP A CG  1 ? 
ATOM   748 O OD1 . ASP A 1 95  ? 9.987   6.253   0.508   1.000 31.070 0 99  ASP A OD1 1 ? 
ATOM   749 O OD2 . ASP A 1 95  ? 8.757   7.953   -0.115  1.000 29.600 0 99  ASP A OD2 1 ? 
ATOM   750 N N   . TYR A 1 96  ? 7.553   5.746   -4.499  1.000 14.850 0 100 TYR A N   1 ? 
ATOM   751 C CA  . TYR A 1 96  ? 7.425   5.583   -5.943  1.000 14.450 0 100 TYR A CA  1 ? 
ATOM   752 C C   . TYR A 1 96  ? 6.925   6.885   -6.555  1.000 17.250 0 100 TYR A C   1 ? 
ATOM   753 O O   . TYR A 1 96  ? 6.135   7.613   -5.946  1.000 17.140 0 100 TYR A O   1 ? 
ATOM   754 C CB  . TYR A 1 96  ? 6.466   4.428   -6.326  1.000 14.100 0 100 TYR A CB  1 ? 
ATOM   755 C CG  . TYR A 1 96  ? 6.975   3.105   -5.833  1.000 12.660 0 100 TYR A CG  1 ? 
ATOM   756 C CD1 . TYR A 1 96  ? 8.062   2.495   -6.446  1.000 15.330 0 100 TYR A CD1 1 ? 
ATOM   757 C CD2 . TYR A 1 96  ? 6.419   2.487   -4.718  1.000 13.950 0 100 TYR A CD2 1 ? 
ATOM   758 C CE1 . TYR A 1 96  ? 8.561   1.305   -5.979  1.000 15.560 0 100 TYR A CE1 1 ? 
ATOM   759 C CE2 . TYR A 1 96  ? 6.924   1.300   -4.238  1.000 14.200 0 100 TYR A CE2 1 ? 
ATOM   760 C CZ  . TYR A 1 96  ? 8.003   0.711   -4.879  1.000 16.150 0 100 TYR A CZ  1 ? 
ATOM   761 O OH  . TYR A 1 96  ? 8.523   -0.469  -4.416  1.000 19.440 0 100 TYR A OH  1 ? 
ATOM   762 N N   . TYR A 1 97  ? 7.392   7.187   -7.767  1.000 15.740 0 101 TYR A N   1 ? 
ATOM   763 C CA  . TYR A 1 97  ? 6.945   8.405   -8.428  1.000 17.350 0 101 TYR A CA  1 ? 
ATOM   764 C C   . TYR A 1 97  ? 7.012   8.253   -9.940  1.000 17.340 0 101 TYR A C   1 ? 
ATOM   765 O O   . TYR A 1 97  ? 7.804   7.471   -10.479 1.000 18.500 0 101 TYR A O   1 ? 
ATOM   766 C CB  . TYR A 1 97  ? 7.736   9.635   -7.960  1.000 19.200 0 101 TYR A CB  1 ? 
ATOM   767 C CG  . TYR A 1 97  ? 9.103   9.773   -8.599  1.000 19.900 0 101 TYR A CG  1 ? 
ATOM   768 C CD1 . TYR A 1 97  ? 10.186  9.049   -8.130  1.000 19.880 0 101 TYR A CD1 1 ? 
ATOM   769 C CD2 . TYR A 1 97  ? 9.302   10.630  -9.676  1.000 23.300 0 101 TYR A CD2 1 ? 
ATOM   770 C CE1 . TYR A 1 97  ? 11.443  9.174   -8.719  1.000 23.130 0 101 TYR A CE1 1 ? 
ATOM   771 C CE2 . TYR A 1 97  ? 10.549  10.758  -10.275 1.000 23.360 0 101 TYR A CE2 1 ? 
ATOM   772 C CZ  . TYR A 1 97  ? 11.608  10.029  -9.791  1.000 22.950 0 101 TYR A CZ  1 ? 
ATOM   773 O OH  . TYR A 1 97  ? 12.845  10.161  -10.380 1.000 28.680 0 101 TYR A OH  1 ? 
ATOM   774 N N   . VAL A 1 98  ? 6.131   8.990   -10.606 1.000 17.440 0 102 VAL A N   1 ? 
ATOM   775 C CA  . VAL A 1 98  ? 6.155   9.164   -12.052 1.000 18.600 0 102 VAL A CA  1 ? 
ATOM   776 C C   . VAL A 1 98  ? 6.781   10.521  -12.329 1.000 25.820 0 102 VAL A C   1 ? 
ATOM   777 O O   . VAL A 1 98  ? 6.418   11.520  -11.694 1.000 25.050 0 102 VAL A O   1 ? 
ATOM   778 C CB  . VAL A 1 98  ? 4.742   9.084   -12.653 1.000 20.180 0 102 VAL A CB  1 ? 
ATOM   779 C CG1 . VAL A 1 98  ? 4.743   9.559   -14.113 1.000 24.930 0 102 VAL A CG1 1 ? 
ATOM   780 C CG2 . VAL A 1 98  ? 4.193   7.675   -12.547 1.000 23.570 0 102 VAL A CG2 1 ? 
ATOM   781 N N   . GLU A 1 99  ? 7.728   10.550  -13.260 1.000 27.910 0 103 GLU A N   1 ? 
ATOM   782 C CA  . GLU A 1 99  ? 8.395   11.790  -13.626 1.000 32.730 0 103 GLU A CA  1 ? 
ATOM   783 C C   . GLU A 1 99  ? 7.389   12.821  -14.118 1.000 31.690 0 103 GLU A C   1 ? 
ATOM   784 O O   . GLU A 1 99  ? 6.520   12.512  -14.939 1.000 37.970 0 103 GLU A O   1 ? 
ATOM   785 C CB  . GLU A 1 99  ? 9.396   11.499  -14.736 1.000 32.930 0 103 GLU A CB  1 ? 
ATOM   786 C CG  . GLU A 1 99  ? 10.552  12.459  -14.785 1.000 35.120 0 103 GLU A CG  1 ? 
ATOM   787 C CD  . GLU A 1 99  ? 11.703  11.894  -15.573 1.000 36.310 0 103 GLU A CD  1 ? 
ATOM   788 O OE1 . GLU A 1 99  ? 11.625  11.900  -16.823 1.000 41.600 0 103 GLU A OE1 1 ? 
ATOM   789 O OE2 . GLU A 1 99  ? 12.677  11.430  -14.945 1.000 34.540 0 103 GLU A OE2 1 ? 
ATOM   790 N N   . GLU A 1 100 ? 7.518   14.050  -13.625 1.000 38.750 0 104 GLU A N   1 ? 
ATOM   791 C CA  . GLU A 1 100 ? 6.627   15.136  -14.028 1.000 39.840 0 104 GLU A CA  1 ? 
ATOM   792 C C   . GLU A 1 100 ? 7.372   16.195  -14.840 1.000 40.450 0 104 GLU A C   1 ? 
ATOM   793 O O   . GLU A 1 100 ? 8.600   16.175  -14.927 1.000 44.590 0 104 GLU A O   1 ? 
ATOM   794 C CB  . GLU A 1 100 ? 5.974   15.778  -12.804 1.000 40.290 0 104 GLU A CB  1 ? 
HETATM 795 O O   . HOH B 2 .   ? -5.263  9.164   -12.209 1.000 39.640 0 201 HOH A O   1 ? 
HETATM 796 O O   . HOH B 2 .   ? 8.028   9.725   -1.562  1.000 28.320 0 202 HOH A O   1 ? 
HETATM 797 O O   . HOH B 2 .   ? 14.867  9.657   -9.115  1.000 38.650 0 203 HOH A O   1 ? 
HETATM 798 O O   . HOH B 2 .   ? -5.295  -5.538  14.596  1.000 31.400 0 204 HOH A O   1 ? 
HETATM 799 O O   . HOH B 2 .   ? 0.995   -7.655  -8.508  1.000 26.480 0 205 HOH A O   1 ? 
HETATM 800 O O   . HOH B 2 .   ? 12.437  4.693   -14.621 1.000 39.010 0 206 HOH A O   1 ? 
HETATM 801 O O   . HOH B 2 .   ? 7.057   11.137  -16.996 1.000 41.950 0 207 HOH A O   1 ? 
HETATM 802 O O   . HOH B 2 .   ? -6.767  7.353   -4.813  1.000 38.840 0 208 HOH A O   1 ? 
HETATM 803 O O   . HOH B 2 .   ? 7.854   -3.860  -2.804  1.000 25.840 0 209 HOH A O   1 ? 
HETATM 804 O O   . HOH B 2 .   ? -14.035 -7.417  0.766   1.000 36.450 0 210 HOH A O   1 ? 
HETATM 805 O O   . HOH B 2 .   ? 0.769   -3.503  15.486  1.000 29.620 0 211 HOH A O   1 ? 
HETATM 806 O O   . HOH B 2 .   ? 4.685   12.551  -10.079 1.000 31.420 0 212 HOH A O   1 ? 
HETATM 807 O O   . HOH B 2 .   ? 2.719   -17.903 -0.066  1.000 29.710 0 213 HOH A O   1 ? 
HETATM 808 O O   . HOH B 2 .   ? -12.261 1.697   -7.868  1.000 35.260 0 214 HOH A O   1 ? 
HETATM 809 O O   . HOH B 2 .   ? -0.989  12.644  0.239   1.000 26.590 0 215 HOH A O   1 ? 
HETATM 810 O O   . HOH B 2 .   ? -5.958  -11.935 -0.091  1.000 20.470 0 216 HOH A O   1 ? 
HETATM 811 O O   . HOH B 2 .   ? 9.051   -4.716  9.051   1.000 28.520 0 217 HOH A O   1 ? 
HETATM 812 O O   . HOH B 2 .   ? 14.120  12.756  -13.195 1.000 33.180 0 218 HOH A O   1 ? 
HETATM 813 O O   . HOH B 2 .   ? 11.839  1.240   -15.652 1.000 37.110 0 219 HOH A O   1 ? 
HETATM 814 O O   . HOH B 2 .   ? -16.026 -3.123  2.176   1.000 36.960 0 220 HOH A O   1 ? 
HETATM 815 O O   . HOH B 2 .   ? -13.016 -6.752  -5.979  1.000 29.450 0 221 HOH A O   1 ? 
HETATM 816 O O   . HOH B 2 .   ? 4.960   -7.885  0.796   1.000 25.100 0 222 HOH A O   1 ? 
HETATM 817 O O   . HOH B 2 .   ? -8.598  -9.561  -1.096  1.000 32.460 0 223 HOH A O   1 ? 
HETATM 818 O O   . HOH B 2 .   ? 1.674   -11.051 -0.771  1.000 18.850 0 224 HOH A O   1 ? 
HETATM 819 O O   . HOH B 2 .   ? -0.176  10.371  -4.145  1.000 28.290 0 225 HOH A O   1 ? 
HETATM 820 O O   . HOH B 2 .   ? -6.498  -7.631  -8.521  1.000 20.820 0 226 HOH A O   1 ? 
HETATM 821 O O   . HOH B 2 .   ? 12.170  -1.650  0.539   1.000 27.120 0 227 HOH A O   1 ? 
HETATM 822 O O   . HOH B 2 .   ? 6.426   -2.666  -11.522 1.000 26.120 0 228 HOH A O   1 ? 
HETATM 823 O O   . HOH B 2 .   ? 2.129   -15.828 12.917  1.000 18.690 0 229 HOH A O   1 ? 
HETATM 824 O O   . HOH B 2 .   ? 7.320   -2.693  3.583   1.000 18.660 0 230 HOH A O   1 ? 
HETATM 825 O O   . HOH B 2 .   ? -4.581  -4.083  12.329  1.000 28.360 0 231 HOH A O   1 ? 
HETATM 826 O O   . HOH B 2 .   ? 1.303   -2.566  17.857  1.000 30.440 0 232 HOH A O   1 ? 
HETATM 827 O O   . HOH B 2 .   ? -9.662  3.864   -1.546  1.000 31.470 0 233 HOH A O   1 ? 
HETATM 828 O O   . HOH B 2 .   ? 8.938   -4.263  2.171   1.000 27.460 0 234 HOH A O   1 ? 
HETATM 829 O O   . HOH B 2 .   ? -1.299  -7.451  -4.658  1.000 15.700 0 235 HOH A O   1 ? 
HETATM 830 O O   . HOH B 2 .   ? 7.786   9.511   -4.135  1.000 29.350 0 236 HOH A O   1 ? 
HETATM 831 O O   . HOH B 2 .   ? 12.102  2.798   3.654   1.000 31.930 0 237 HOH A O   1 ? 
HETATM 832 O O   . HOH B 2 .   ? 5.452   -11.204 6.024   1.000 24.690 0 238 HOH A O   1 ? 
HETATM 833 O O   . HOH B 2 .   ? 5.479   9.750   -18.025 1.000 38.790 0 239 HOH A O   1 ? 
HETATM 834 O O   . HOH B 2 .   ? -3.085  10.773  -15.101 1.000 39.650 0 240 HOH A O   1 ? 
HETATM 835 O O   . HOH B 2 .   ? 1.939   17.114  4.916   1.000 30.280 0 241 HOH A O   1 ? 
HETATM 836 O O   . HOH B 2 .   ? 5.485   10.855  5.514   0.50  17.280 0 242 HOH A O   1 ? 
HETATM 837 O O   . HOH B 2 .   ? 3.121   -8.240  4.831   1.000 15.050 0 243 HOH A O   1 ? 
HETATM 838 O O   . HOH B 2 .   ? 11.950  1.854   -12.813 1.000 34.320 0 244 HOH A O   1 ? 
HETATM 839 O O   . HOH B 2 .   ? 2.072   13.039  -5.071  1.000 26.960 0 245 HOH A O   1 ? 
HETATM 840 O O   . HOH B 2 .   ? -3.691  -8.912  6.788   1.000 19.620 0 246 HOH A O   1 ? 
HETATM 841 O O   . HOH B 2 .   ? -6.259  12.848  5.173   1.000 21.820 0 247 HOH A O   1 ? 
HETATM 842 O O   . HOH B 2 .   ? 8.213   8.129   -14.850 1.000 25.300 0 248 HOH A O   1 ? 
HETATM 843 O O   . HOH B 2 .   ? 5.905   11.831  -0.329  1.000 29.640 0 249 HOH A O   1 ? 
HETATM 844 O O   . HOH B 2 .   ? -12.474 -7.423  -2.739  1.000 33.870 0 250 HOH A O   1 ? 
HETATM 845 O O   . HOH B 2 .   ? 5.262   0.840   5.398   1.000 25.280 0 251 HOH A O   1 ? 
HETATM 846 O O   . HOH B 2 .   ? -9.013  9.186   -1.199  1.000 41.170 0 252 HOH A O   1 ? 
HETATM 847 O O   . HOH B 2 .   ? -5.021  14.760  6.610   1.000 22.600 0 253 HOH A O   1 ? 
HETATM 848 O O   . HOH B 2 .   ? 13.434  2.952   -11.545 1.000 37.270 0 254 HOH A O   1 ? 
HETATM 849 O O   . HOH B 2 .   ? -16.417 -2.144  -0.475  1.000 32.500 0 255 HOH A O   1 ? 
HETATM 850 O O   . HOH B 2 .   ? 9.209   -9.585  6.049   1.000 34.880 0 256 HOH A O   1 ? 
HETATM 851 O O   . HOH B 2 .   ? 9.740   -7.571  9.271   1.000 33.490 0 257 HOH A O   1 ? 
HETATM 852 O O   . HOH B 2 .   ? -11.145 -7.033  10.068  1.000 38.980 0 258 HOH A O   1 ? 
HETATM 853 O O   . HOH B 2 .   ? -5.406  -2.258  19.955  1.000 35.170 0 259 HOH A O   1 ? 
HETATM 854 O O   . HOH B 2 .   ? -1.456  -1.229  -14.870 1.000 35.020 0 260 HOH A O   1 ? 
HETATM 855 O O   . HOH B 2 .   ? -10.614 -0.348  -2.919  1.000 29.830 0 261 HOH A O   1 ? 
HETATM 856 O O   . HOH B 2 .   ? 7.427   -2.908  12.532  1.000 36.760 0 262 HOH A O   1 ? 
HETATM 857 O O   . HOH B 2 .   ? -1.949  1.481   -18.103 1.000 34.450 0 263 HOH A O   1 ? 
HETATM 858 O O   . HOH B 2 .   ? 3.425   -3.030  -15.536 1.000 29.520 0 264 HOH A O   1 ? 
HETATM 859 O O   . HOH B 2 .   ? -6.848  1.515   -12.579 1.000 34.220 0 265 HOH A O   1 ? 
HETATM 860 O O   . HOH B 2 .   ? -9.337  -0.205  -6.450  1.000 17.100 0 266 HOH A O   1 ? 
HETATM 861 O O   . HOH B 2 .   ? -7.873  9.454   3.201   1.000 26.050 0 267 HOH A O   1 ? 
HETATM 862 O O   . HOH B 2 .   ? 3.995   -5.617  -11.885 1.000 30.500 0 268 HOH A O   1 ? 
HETATM 863 O O   . HOH B 2 .   ? -5.651  5.906   -12.284 1.000 35.420 0 269 HOH A O   1 ? 
HETATM 864 O O   . HOH B 2 .   ? 6.763   7.221   -17.603 1.000 26.100 0 270 HOH A O   1 ? 
HETATM 865 O O   . HOH B 2 .   ? -7.465  -2.169  12.352  1.000 25.150 0 271 HOH A O   1 ? 
HETATM 866 O O   . HOH B 2 .   ? -10.565 -13.517 2.188   1.000 32.830 0 272 HOH A O   1 ? 
HETATM 867 O O   . HOH B 2 .   ? 0.540   -14.847 14.940  1.000 27.690 0 273 HOH A O   1 ? 
HETATM 868 O O   . HOH B 2 .   ? -7.515  -2.393  -13.618 1.000 29.630 0 274 HOH A O   1 ? 
HETATM 869 O O   . HOH B 2 .   ? 4.811   -0.028  18.208  1.000 31.700 0 275 HOH A O   1 ? 
HETATM 870 O O   . HOH B 2 .   ? 14.500  5.759   -9.902  1.000 26.420 0 276 HOH A O   1 ? 
HETATM 871 O O   . HOH B 2 .   ? 6.804   -0.167  -12.432 1.000 28.060 0 277 HOH A O   1 ? 
HETATM 872 O O   . HOH B 2 .   ? 0.224   10.367  -15.036 1.000 33.230 0 278 HOH A O   1 ? 
HETATM 873 O O   . HOH B 2 .   ? 2.409   13.936  -7.565  1.000 33.390 0 279 HOH A O   1 ? 
HETATM 874 O O   . HOH B 2 .   ? -4.350  -6.199  19.748  1.000 36.130 0 280 HOH A O   1 ? 
HETATM 875 O O   . HOH B 2 .   ? 6.817   -0.003  13.672  1.000 22.790 0 281 HOH A O   1 ? 
HETATM 876 O O   . HOH B 2 .   ? -9.441  7.798   0.876   1.000 35.170 0 282 HOH A O   1 ? 
HETATM 877 O O   . HOH B 2 .   ? -9.014  -8.648  10.483  1.000 29.390 0 283 HOH A O   1 ? 
HETATM 878 O O   . HOH B 2 .   ? -7.205  -7.830  12.422  1.000 31.990 0 284 HOH A O   1 ? 
HETATM 879 O O   . HOH B 2 .   ? 6.145   0.508   16.132  1.000 30.340 0 285 HOH A O   1 ? 
HETATM 880 O O   . HOH B 2 .   ? 5.299   0.075   2.691   1.000 30.290 0 286 HOH A O   1 ? 
HETATM 881 O O   . HOH B 2 .   ? -12.146 -5.884  4.852   1.000 28.860 0 287 HOH A O   1 ? 
HETATM 882 O O   . HOH B 2 .   ? -2.125  -15.687 5.190   1.000 23.920 0 288 HOH A O   1 ? 
HETATM 883 O O   . HOH B 2 .   ? 8.482   0.975   -13.783 1.000 29.370 0 289 HOH A O   1 ? 
HETATM 884 O O   . HOH B 2 .   ? -15.572 -1.010  -3.739  1.000 28.620 0 290 HOH A O   1 ? 
HETATM 885 O O   . HOH B 2 .   ? -12.805 -5.449  -8.306  1.000 24.460 0 291 HOH A O   1 ? 
HETATM 886 O O   . HOH B 2 .   ? -2.036  10.983  -2.216  1.000 29.600 0 292 HOH A O   1 ? 
HETATM 887 O O   . HOH B 2 .   ? -11.329 -8.949  -1.033  1.000 27.780 0 293 HOH A O   1 ? 
HETATM 888 O O   . HOH B 2 .   ? 5.872   -7.627  11.842  1.000 25.010 0 294 HOH A O   1 ? 
HETATM 889 O O   . HOH B 2 .   ? 7.297   -8.834  2.304   1.000 30.770 0 295 HOH A O   1 ? 
HETATM 890 O O   . HOH B 2 .   ? 3.335   -10.281 13.695  1.000 35.240 0 296 HOH A O   1 ? 
HETATM 891 O O   . HOH B 2 .   ? -0.124  14.199  -4.165  1.000 36.240 0 297 HOH A O   1 ? 
HETATM 892 O O   . HOH B 2 .   ? 10.274  -5.140  -2.454  1.000 29.510 0 298 HOH A O   1 ? 
HETATM 893 O O   . HOH B 2 .   ? -9.915  -11.479 9.631   1.000 25.650 0 299 HOH A O   1 ? 
HETATM 894 O O   . HOH B 2 .   ? 4.566   -5.870  13.751  1.000 36.810 0 300 HOH A O   1 ? 
HETATM 895 O O   . HOH B 2 .   ? -7.044  2.317   26.587  1.000 33.590 0 301 HOH A O   1 ? 
HETATM 896 O O   . HOH B 2 .   ? -4.305  17.370  0.469   1.000 31.900 0 302 HOH A O   1 ? 
HETATM 897 O O   . HOH B 2 .   ? -5.949  13.394  0.978   1.000 33.370 0 303 HOH A O   1 ? 
HETATM 898 O O   . HOH B 2 .   ? -6.873  -4.443  12.283  1.000 35.060 0 304 HOH A O   1 ? 
HETATM 899 O O   . HOH B 2 .   ? 3.846   -12.226 14.723  1.000 36.800 0 305 HOH A O   1 ? 
HETATM 900 O O   . HOH B 2 .   ? 10.775  -6.864  -0.243  1.000 32.280 0 306 HOH A O   1 ? 
HETATM 901 O O   . HOH B 2 .   ? -7.700  11.756  1.581   1.000 34.140 0 307 HOH A O   1 ? 
HETATM 902 O O   . HOH B 2 .   ? 7.201   13.530  -8.801  1.000 40.850 0 308 HOH A O   1 ? 
HETATM 903 O O   . HOH B 2 .   ? 10.281  -2.109  9.706   1.000 36.690 0 309 HOH A O   1 ? 
HETATM 904 O O   . HOH B 2 .   ? 9.218   -6.975  2.234   1.000 30.560 0 310 HOH A O   1 ? 
HETATM 905 O O   . HOH B 2 .   ? -0.074  -11.754 -2.723  1.000 26.570 0 311 HOH A O   1 ? 
HETATM 906 O O   . HOH B 2 .   ? 16.635  4.702   -14.360 1.000 38.210 0 312 HOH A O   1 ? 
HETATM 907 O O   . HOH B 2 .   ? 17.166  3.758   -3.599  1.000 33.380 0 313 HOH A O   1 ? 
HETATM 908 O O   . HOH B 2 .   ? 7.689   -10.205 4.193   1.000 37.150 0 314 HOH A O   1 ? 
HETATM 909 O O   . HOH B 2 .   ? -9.042  19.462  4.691   1.000 35.890 0 315 HOH A O   1 ? 
HETATM 910 O O   . HOH B 2 .   ? -6.673  0.952   -15.318 1.000 40.030 0 316 HOH A O   1 ? 
HETATM 911 O O   . HOH B 2 .   ? 0.040   -9.779  -4.955  1.000 21.470 0 317 HOH A O   1 ? 
HETATM 912 O O   . HOH B 2 .   ? 3.840   -5.707  -14.673 1.000 36.320 0 318 HOH A O   1 ? 
HETATM 913 O O   . HOH B 2 .   ? -10.636 2.258   -6.090  1.000 32.640 0 319 HOH A O   1 ? 
HETATM 914 O O   . HOH B 2 .   ? 2.241   -9.493  -6.881  1.000 38.610 0 320 HOH A O   1 ? 
HETATM 915 O O   . HOH B 2 .   ? 6.909   12.808  1.579   1.000 39.760 0 321 HOH A O   1 ? 
HETATM 916 O O   . HOH B 2 .   ? 7.720   11.854  -5.024  1.000 38.190 0 322 HOH A O   1 ? 
HETATM 917 O O   . HOH B 2 .   ? 4.133   -2.239  19.514  1.000 40.530 0 323 HOH A O   1 ? 
HETATM 918 O O   . HOH B 2 .   ? -8.079  -1.958  14.806  1.000 32.110 0 324 HOH A O   1 ? 
HETATM 919 O O   . HOH B 2 .   ? 7.341   12.448  4.150   0.50  28.020 0 325 HOH A O   1 ? 
# 
